data_8PML
#
_entry.id   8PML
#
_cell.length_a   175.428
_cell.length_b   193.360
_cell.length_c   84.037
_cell.angle_alpha   90.000
_cell.angle_beta   90.000
_cell.angle_gamma   90.000
#
_symmetry.space_group_name_H-M   'P 21 21 2'
#
loop_
_entity.id
_entity.type
_entity.pdbx_description
1 polymer 'Protein NARROW LEAF 1'
2 non-polymer "ADENOSINE-5'-TRIPHOSPHATE"
3 non-polymer 'MAGNESIUM ION'
#
_entity_poly.entity_id   1
_entity_poly.type   'polypeptide(L)'
_entity_poly.pdbx_seq_one_letter_code
;NSAAYFLWPTSNLQHCAAEGRANYFGNLQKGLLPRHPGRLPKGQQANSLLDLMTIRAFHSKILRRFSLGTAVGFRIRKGD
LTDIPAILVFVARKVHKKWLNPAQCLPAILEGPGGVWCDVDVVEFSYYGAPAQTPKEQMFSELVDKLCGSDECIGSGSQV
ASHETFGTLGAIVKRRTGNKQVGFLTNHHVAVDLDYPNQKMFHPLPPNLGPGVYLGAVERATSFITDDVWYGIYAGTNPE
TFVRADGAFIPFADDFDISTVTTVVRGVGDIGDVKVIDLQCPLNSLIGRQVCKVGRSSGHTTGTVMAYALEYNDEKGICF
FTDILVVGENRQTFDLEGDSGSLIILTSQDGEKPRPIGIIWGGTANRGRLKLTSDHGPENWTSGVDLGRLLDRLELDIII
TNESLQDAVQQQR
;
_entity_poly.pdbx_strand_id   A,B,C,D,E,F
#
loop_
_chem_comp.id
_chem_comp.type
_chem_comp.name
_chem_comp.formula
ATP non-polymer ADENOSINE-5'-TRIPHOSPHATE 'C10 H16 N5 O13 P3'
MG non-polymer 'MAGNESIUM ION' 'Mg 2'
#
# COMPACT_ATOMS: atom_id res chain seq x y z
N SER A 2 17.09 26.14 35.08
CA SER A 2 16.65 25.25 36.14
C SER A 2 15.37 24.52 35.75
N ALA A 3 14.49 25.22 35.03
CA ALA A 3 13.23 24.65 34.57
C ALA A 3 13.46 23.46 33.64
N ALA A 4 12.78 22.34 33.92
CA ALA A 4 12.88 21.14 33.11
C ALA A 4 11.64 20.89 32.26
N TYR A 5 10.68 21.82 32.26
CA TYR A 5 9.38 21.62 31.63
C TYR A 5 9.12 22.64 30.52
N PHE A 6 8.14 22.33 29.69
CA PHE A 6 7.62 23.26 28.70
C PHE A 6 6.51 24.09 29.32
N LEU A 7 6.41 25.35 28.91
CA LEU A 7 5.35 26.25 29.36
C LEU A 7 4.47 26.63 28.19
N TRP A 8 3.16 26.39 28.31
CA TRP A 8 2.23 26.70 27.25
C TRP A 8 1.97 28.20 27.17
N PRO A 9 1.66 28.72 25.97
CA PRO A 9 1.54 30.17 25.81
C PRO A 9 0.47 30.85 26.65
N THR A 10 -0.45 30.11 27.27
CA THR A 10 -1.47 30.69 28.15
C THR A 10 -2.10 31.98 27.59
N SER A 11 -2.65 31.88 26.39
CA SER A 11 -3.51 32.94 25.89
C SER A 11 -4.87 32.26 25.83
N ASN A 12 -5.55 32.31 26.97
CA ASN A 12 -6.89 31.79 27.17
C ASN A 12 -7.87 32.92 27.38
N LEU A 13 -7.57 33.87 28.29
CA LEU A 13 -8.31 35.12 28.31
C LEU A 13 -9.80 34.87 28.52
N GLN A 14 -10.13 34.28 29.68
CA GLN A 14 -11.20 33.30 29.88
C GLN A 14 -12.45 33.90 29.28
N HIS A 15 -13.46 33.12 28.92
CA HIS A 15 -14.03 33.14 27.57
C HIS A 15 -14.52 34.52 27.18
N CYS A 16 -14.48 35.49 28.10
CA CYS A 16 -14.69 36.91 27.84
C CYS A 16 -13.98 37.42 26.59
N ALA A 17 -12.85 36.84 26.23
CA ALA A 17 -12.24 37.30 24.99
C ALA A 17 -12.94 36.69 23.79
N ALA A 18 -13.76 35.66 24.01
CA ALA A 18 -14.70 35.14 23.03
C ALA A 18 -16.15 35.32 23.47
N GLU A 19 -16.40 35.53 24.77
CA GLU A 19 -17.72 35.92 25.23
C GLU A 19 -18.06 37.31 24.69
N GLY A 20 -17.06 38.19 24.68
CA GLY A 20 -17.19 39.48 24.02
C GLY A 20 -17.37 39.33 22.52
N ARG A 21 -16.88 38.23 21.94
CA ARG A 21 -17.07 37.96 20.52
C ARG A 21 -18.55 37.78 20.20
N ALA A 22 -19.23 36.88 20.91
CA ALA A 22 -20.66 36.67 20.68
C ALA A 22 -21.44 37.95 20.95
N ASN A 23 -21.05 38.68 22.00
CA ASN A 23 -21.73 39.90 22.37
C ASN A 23 -21.42 41.03 21.39
N TYR A 24 -20.22 41.03 20.82
CA TYR A 24 -19.85 42.06 19.84
C TYR A 24 -20.70 41.95 18.59
N PHE A 25 -20.77 40.76 17.99
CA PHE A 25 -21.55 40.59 16.77
C PHE A 25 -23.05 40.66 17.05
N GLY A 26 -23.47 40.28 18.26
CA GLY A 26 -24.88 40.39 18.61
C GLY A 26 -25.35 41.83 18.75
N ASN A 27 -24.62 42.64 19.53
CA ASN A 27 -25.04 44.01 19.75
C ASN A 27 -24.91 44.90 18.51
N LEU A 28 -24.03 44.56 17.56
CA LEU A 28 -24.07 45.27 16.28
C LEU A 28 -25.30 44.85 15.48
N GLN A 29 -25.72 43.60 15.67
CA GLN A 29 -26.84 43.03 14.94
C GLN A 29 -28.18 43.71 15.25
N LYS A 30 -28.38 44.16 16.49
CA LYS A 30 -29.63 44.76 16.89
C LYS A 30 -29.83 46.20 16.40
N GLY A 31 -28.81 46.88 15.88
CA GLY A 31 -28.90 48.29 15.54
C GLY A 31 -29.24 48.76 14.12
N LEU A 32 -30.09 48.04 13.39
CA LEU A 32 -30.33 48.32 11.96
C LEU A 32 -31.28 49.50 11.77
N LEU A 33 -30.72 50.71 11.81
CA LEU A 33 -31.40 51.95 11.37
C LEU A 33 -31.45 52.07 9.84
N PRO A 34 -30.34 51.96 9.12
CA PRO A 34 -30.37 52.21 7.66
C PRO A 34 -31.08 51.05 6.96
N ARG A 35 -32.00 51.40 6.06
CA ARG A 35 -33.45 51.24 6.21
C ARG A 35 -34.06 50.09 5.42
N HIS A 36 -33.60 49.84 4.20
CA HIS A 36 -34.21 48.90 3.26
C HIS A 36 -33.16 48.65 2.19
N PRO A 37 -33.37 47.68 1.25
CA PRO A 37 -32.25 47.48 0.32
C PRO A 37 -32.08 48.66 -0.61
N GLY A 38 -31.00 49.37 -0.30
CA GLY A 38 -30.61 50.58 -0.98
C GLY A 38 -29.11 50.57 -1.12
N ARG A 39 -28.62 51.23 -2.17
CA ARG A 39 -27.18 51.27 -2.35
C ARG A 39 -26.52 52.10 -1.24
N LEU A 40 -25.19 52.13 -1.23
CA LEU A 40 -24.51 52.87 -0.18
C LEU A 40 -23.60 53.98 -0.71
N PRO A 41 -23.50 55.10 0.03
CA PRO A 41 -22.74 56.27 -0.43
C PRO A 41 -21.24 56.00 -0.60
N LYS A 42 -20.64 56.73 -1.56
CA LYS A 42 -19.24 56.53 -1.94
C LYS A 42 -18.26 56.95 -0.84
N GLY A 43 -18.66 57.86 0.06
CA GLY A 43 -17.76 58.32 1.10
C GLY A 43 -17.44 57.26 2.15
N GLN A 44 -18.34 56.30 2.35
CA GLN A 44 -18.18 55.26 3.35
C GLN A 44 -17.66 53.96 2.74
N GLN A 45 -17.04 54.03 1.57
CA GLN A 45 -16.44 52.85 0.96
C GLN A 45 -15.23 52.39 1.76
N ALA A 46 -15.04 51.07 1.81
CA ALA A 46 -13.90 50.51 2.52
C ALA A 46 -12.60 51.04 1.94
N ASN A 47 -11.68 51.37 2.82
CA ASN A 47 -10.37 51.90 2.42
C ASN A 47 -9.21 51.10 2.99
N SER A 48 -9.36 50.58 4.20
CA SER A 48 -8.29 49.89 4.90
C SER A 48 -8.50 48.39 4.89
N LEU A 49 -7.50 47.67 5.42
CA LEU A 49 -7.66 46.24 5.69
C LEU A 49 -8.64 46.02 6.83
N LEU A 50 -8.63 46.89 7.84
CA LEU A 50 -9.56 46.77 8.96
C LEU A 50 -11.00 46.83 8.47
N ASP A 51 -11.30 47.72 7.52
CA ASP A 51 -12.65 47.82 7.00
C ASP A 51 -13.09 46.52 6.35
N LEU A 52 -12.26 45.96 5.49
CA LEU A 52 -12.63 44.72 4.80
C LEU A 52 -12.81 43.58 5.80
N MET A 53 -11.97 43.53 6.84
CA MET A 53 -12.06 42.44 7.79
C MET A 53 -13.31 42.54 8.65
N THR A 54 -13.74 43.76 8.99
CA THR A 54 -14.96 43.92 9.77
C THR A 54 -16.19 43.64 8.94
N ILE A 55 -16.16 43.98 7.66
CA ILE A 55 -17.28 43.65 6.77
C ILE A 55 -17.38 42.15 6.58
N ARG A 56 -16.25 41.48 6.34
CA ARG A 56 -16.27 40.04 6.11
C ARG A 56 -16.72 39.30 7.37
N ALA A 57 -16.21 39.72 8.53
CA ALA A 57 -16.58 39.03 9.76
C ALA A 57 -18.06 39.16 10.04
N PHE A 58 -18.63 40.33 9.76
CA PHE A 58 -20.05 40.56 10.01
C PHE A 58 -20.91 39.59 9.21
N HIS A 59 -20.59 39.41 7.92
CA HIS A 59 -21.32 38.50 7.03
C HIS A 59 -20.62 37.15 6.89
N SER A 60 -19.86 36.74 7.90
CA SER A 60 -19.14 35.48 7.79
C SER A 60 -20.09 34.32 7.49
N LYS A 61 -21.20 34.24 8.21
CA LYS A 61 -22.01 33.03 8.14
C LYS A 61 -22.78 32.92 6.83
N ILE A 62 -23.21 34.03 6.22
CA ILE A 62 -23.82 33.85 4.91
C ILE A 62 -22.74 33.54 3.87
N LEU A 63 -21.51 34.02 4.11
CA LEU A 63 -20.40 33.72 3.20
C LEU A 63 -19.89 32.29 3.39
N ARG A 64 -19.76 31.85 4.66
CA ARG A 64 -19.25 30.51 4.96
C ARG A 64 -20.08 29.41 4.29
N ARG A 65 -21.41 29.51 4.32
CA ARG A 65 -22.24 28.42 3.83
C ARG A 65 -21.81 27.92 2.46
N PHE A 66 -21.83 28.79 1.46
CA PHE A 66 -21.35 28.41 0.13
C PHE A 66 -19.90 28.86 -0.13
N SER A 67 -18.93 28.33 0.61
CA SER A 67 -17.56 28.74 0.30
C SER A 67 -16.54 27.88 1.03
N LEU A 68 -15.37 27.73 0.39
CA LEU A 68 -14.21 27.11 1.00
C LEU A 68 -13.45 28.06 1.92
N GLY A 69 -13.73 29.35 1.83
CA GLY A 69 -13.02 30.34 2.63
C GLY A 69 -13.14 31.71 2.01
N THR A 70 -12.56 32.68 2.72
CA THR A 70 -12.58 34.08 2.30
C THR A 70 -11.26 34.74 2.65
N ALA A 71 -10.99 35.86 1.99
CA ALA A 71 -9.83 36.68 2.29
C ALA A 71 -10.11 38.09 1.80
N VAL A 72 -9.37 39.05 2.33
CA VAL A 72 -9.57 40.45 1.96
C VAL A 72 -8.47 40.87 1.00
N GLY A 73 -8.82 41.80 0.12
CA GLY A 73 -7.88 42.32 -0.87
C GLY A 73 -8.52 43.21 -1.90
N PHE A 74 -8.15 42.99 -3.16
CA PHE A 74 -8.73 43.68 -4.30
C PHE A 74 -9.50 42.70 -5.17
N ARG A 75 -10.53 43.20 -5.85
CA ARG A 75 -11.28 42.36 -6.78
C ARG A 75 -10.39 41.94 -7.94
N ILE A 76 -10.48 40.66 -8.32
CA ILE A 76 -9.79 40.13 -9.49
C ILE A 76 -10.79 39.97 -10.63
N ARG A 77 -10.57 40.67 -11.74
CA ARG A 77 -11.41 40.52 -12.92
C ARG A 77 -10.55 40.09 -14.10
N LYS A 78 -10.93 38.98 -14.73
CA LYS A 78 -10.20 38.40 -15.87
C LYS A 78 -8.73 38.14 -15.53
N GLY A 79 -8.47 37.69 -14.31
CA GLY A 79 -7.14 37.28 -13.91
C GLY A 79 -6.21 38.39 -13.46
N ASP A 80 -6.58 39.64 -13.63
CA ASP A 80 -5.73 40.77 -13.25
C ASP A 80 -6.30 41.45 -12.01
N LEU A 81 -5.41 41.80 -11.08
CA LEU A 81 -5.82 42.53 -9.89
C LEU A 81 -6.29 43.94 -10.24
N THR A 82 -7.38 44.37 -9.62
CA THR A 82 -7.82 45.74 -9.69
C THR A 82 -7.41 46.46 -8.41
N ASP A 83 -7.82 47.73 -8.27
CA ASP A 83 -7.62 48.48 -7.04
C ASP A 83 -8.93 48.66 -6.27
N ILE A 84 -9.85 47.72 -6.41
CA ILE A 84 -11.20 47.83 -5.87
C ILE A 84 -11.26 47.00 -4.57
N PRO A 85 -11.47 47.62 -3.42
CA PRO A 85 -11.56 46.86 -2.17
C PRO A 85 -12.68 45.83 -2.22
N ALA A 86 -12.32 44.58 -1.96
CA ALA A 86 -13.28 43.48 -2.08
C ALA A 86 -12.96 42.40 -1.05
N ILE A 87 -13.96 41.54 -0.84
CA ILE A 87 -13.83 40.31 -0.08
C ILE A 87 -13.74 39.17 -1.08
N LEU A 88 -12.63 38.43 -1.08
CA LEU A 88 -12.49 37.33 -2.03
C LEU A 88 -13.17 36.10 -1.45
N VAL A 89 -14.13 35.54 -2.18
CA VAL A 89 -14.85 34.34 -1.77
C VAL A 89 -14.32 33.18 -2.61
N PHE A 90 -13.83 32.14 -1.92
CA PHE A 90 -13.19 31.00 -2.57
C PHE A 90 -14.21 29.88 -2.75
N VAL A 91 -14.54 29.58 -4.01
CA VAL A 91 -15.47 28.51 -4.35
C VAL A 91 -14.72 27.30 -4.86
N ALA A 92 -15.32 26.13 -4.68
CA ALA A 92 -14.74 24.88 -5.17
C ALA A 92 -14.69 24.87 -6.70
N ARG A 93 -15.76 25.30 -7.34
CA ARG A 93 -15.87 25.39 -8.80
C ARG A 93 -16.65 26.65 -9.10
N LYS A 94 -16.13 27.48 -9.99
CA LYS A 94 -16.78 28.74 -10.35
C LYS A 94 -17.66 28.49 -11.57
N VAL A 95 -18.97 28.57 -11.38
CA VAL A 95 -19.93 28.30 -12.44
C VAL A 95 -20.66 29.59 -12.81
N HIS A 96 -21.36 29.53 -13.95
CA HIS A 96 -22.15 30.66 -14.45
C HIS A 96 -23.34 30.94 -13.55
N LYS A 97 -23.79 32.20 -13.55
CA LYS A 97 -24.97 32.56 -12.75
C LYS A 97 -26.19 31.74 -13.09
N LYS A 98 -26.35 31.33 -14.36
CA LYS A 98 -27.55 30.59 -14.77
C LYS A 98 -27.76 29.30 -13.99
N TRP A 99 -26.73 28.75 -13.37
CA TRP A 99 -26.84 27.48 -12.67
C TRP A 99 -26.89 27.65 -11.16
N LEU A 100 -27.05 28.87 -10.67
CA LEU A 100 -27.11 29.15 -9.24
C LEU A 100 -28.52 29.60 -8.87
N ASN A 101 -29.02 29.10 -7.76
CA ASN A 101 -30.23 29.66 -7.18
C ASN A 101 -29.86 30.90 -6.37
N PRO A 102 -30.82 31.81 -6.16
CA PRO A 102 -30.50 33.07 -5.45
C PRO A 102 -29.81 32.88 -4.11
N ALA A 103 -30.10 31.78 -3.41
CA ALA A 103 -29.42 31.52 -2.14
C ALA A 103 -27.92 31.30 -2.35
N GLN A 104 -27.56 30.64 -3.45
CA GLN A 104 -26.17 30.34 -3.72
C GLN A 104 -25.41 31.52 -4.32
N CYS A 105 -26.06 32.35 -5.12
CA CYS A 105 -25.35 33.39 -5.84
C CYS A 105 -24.83 34.44 -4.88
N LEU A 106 -23.51 34.65 -4.90
CA LEU A 106 -22.89 35.65 -4.06
C LEU A 106 -23.21 37.05 -4.59
N PRO A 107 -23.35 38.04 -3.71
CA PRO A 107 -23.67 39.40 -4.14
C PRO A 107 -22.45 40.08 -4.76
N ALA A 108 -22.70 41.23 -5.40
CA ALA A 108 -21.62 42.04 -5.93
C ALA A 108 -21.12 43.09 -4.94
N ILE A 109 -21.95 43.49 -3.99
CA ILE A 109 -21.59 44.45 -2.95
C ILE A 109 -22.08 43.92 -1.61
N LEU A 110 -21.44 44.38 -0.53
CA LEU A 110 -21.80 44.02 0.83
C LEU A 110 -21.53 45.22 1.73
N GLU A 111 -22.52 45.59 2.54
CA GLU A 111 -22.39 46.70 3.48
C GLU A 111 -22.29 46.16 4.90
N GLY A 112 -21.25 46.59 5.62
CA GLY A 112 -21.03 46.16 6.98
C GLY A 112 -21.57 47.12 8.01
N PRO A 113 -21.04 47.03 9.23
CA PRO A 113 -21.47 47.92 10.30
C PRO A 113 -21.12 49.37 9.99
N GLY A 114 -22.04 50.27 10.31
CA GLY A 114 -21.78 51.69 10.04
C GLY A 114 -21.86 52.08 8.59
N GLY A 115 -22.47 51.24 7.75
CA GLY A 115 -22.61 51.56 6.34
C GLY A 115 -21.35 51.44 5.52
N VAL A 116 -20.27 50.92 6.09
CA VAL A 116 -19.04 50.67 5.33
C VAL A 116 -19.26 49.46 4.42
N TRP A 117 -19.13 49.68 3.11
CA TRP A 117 -19.43 48.65 2.10
C TRP A 117 -18.17 48.25 1.33
N CYS A 118 -18.29 47.16 0.57
CA CYS A 118 -17.19 46.69 -0.28
C CYS A 118 -17.73 45.74 -1.36
N ASP A 119 -16.84 45.37 -2.28
CA ASP A 119 -17.14 44.42 -3.36
C ASP A 119 -16.94 42.98 -2.90
N VAL A 120 -17.51 42.05 -3.66
CA VAL A 120 -17.38 40.62 -3.40
C VAL A 120 -16.89 39.92 -4.67
N ASP A 121 -15.66 39.42 -4.65
CA ASP A 121 -15.06 38.72 -5.79
C ASP A 121 -15.06 37.20 -5.58
N VAL A 122 -15.42 36.45 -6.63
CA VAL A 122 -15.42 34.98 -6.60
C VAL A 122 -14.16 34.43 -7.26
N VAL A 123 -13.46 33.53 -6.57
CA VAL A 123 -12.24 32.91 -7.09
C VAL A 123 -12.32 31.39 -6.91
N GLU A 124 -12.02 30.66 -7.98
CA GLU A 124 -11.94 29.20 -7.91
C GLU A 124 -10.70 28.78 -7.12
N PHE A 125 -10.87 27.84 -6.20
CA PHE A 125 -9.88 27.59 -5.14
C PHE A 125 -9.79 26.10 -4.82
N SER A 126 -8.71 25.73 -4.15
CA SER A 126 -8.50 24.36 -3.69
C SER A 126 -7.45 24.36 -2.59
N TYR A 127 -7.23 23.19 -2.00
CA TYR A 127 -6.15 22.99 -1.03
C TYR A 127 -5.34 21.75 -1.39
N GLN A 138 12.79 20.10 -6.83
CA GLN A 138 13.87 20.86 -6.19
C GLN A 138 14.60 21.73 -7.22
N MET A 139 14.95 22.95 -6.82
CA MET A 139 15.73 23.84 -7.66
C MET A 139 17.22 23.55 -7.48
N PHE A 140 17.94 23.51 -8.60
CA PHE A 140 19.37 23.27 -8.61
C PHE A 140 20.04 24.53 -9.13
N SER A 141 20.83 25.19 -8.28
CA SER A 141 21.47 26.43 -8.66
C SER A 141 22.64 26.70 -7.73
N GLU A 142 23.47 27.67 -8.13
CA GLU A 142 24.59 28.07 -7.28
C GLU A 142 24.09 28.65 -5.96
N LEU A 143 23.00 29.43 -6.01
CA LEU A 143 22.44 30.02 -4.80
C LEU A 143 21.94 28.95 -3.84
N VAL A 144 21.20 27.96 -4.35
CA VAL A 144 20.66 26.91 -3.49
C VAL A 144 21.79 26.17 -2.77
N ASP A 145 22.85 25.82 -3.50
CA ASP A 145 23.98 25.14 -2.89
C ASP A 145 24.62 25.97 -1.78
N LYS A 146 24.77 27.28 -2.02
CA LYS A 146 25.34 28.13 -0.98
C LYS A 146 24.44 28.14 0.26
N LEU A 147 23.13 28.23 0.07
CA LEU A 147 22.23 28.26 1.20
C LEU A 147 22.28 26.95 1.97
N CYS A 148 22.47 25.83 1.27
CA CYS A 148 22.45 24.50 1.87
C CYS A 148 23.81 24.04 2.37
N GLY A 149 24.74 24.96 2.61
CA GLY A 149 26.01 24.61 3.23
C GLY A 149 27.25 24.81 2.38
N SER A 150 27.14 25.19 1.11
CA SER A 150 28.35 25.41 0.33
C SER A 150 28.92 26.80 0.52
N ASP A 151 28.14 27.74 1.04
CA ASP A 151 28.65 29.07 1.28
C ASP A 151 29.48 29.08 2.56
N GLU A 152 30.38 30.06 2.64
CA GLU A 152 31.22 30.25 3.81
C GLU A 152 30.55 31.07 4.90
N CYS A 153 29.22 31.22 4.85
CA CYS A 153 28.53 32.06 5.80
C CYS A 153 27.11 31.54 6.03
N ILE A 154 26.54 31.95 7.16
CA ILE A 154 25.17 31.62 7.56
C ILE A 154 24.36 32.89 7.60
N GLY A 155 23.23 32.89 6.91
CA GLY A 155 22.38 34.06 6.87
C GLY A 155 20.96 33.68 6.53
N SER A 156 20.23 34.65 5.98
CA SER A 156 18.88 34.35 5.54
C SER A 156 18.94 33.38 4.38
N GLY A 157 18.02 32.41 4.38
CA GLY A 157 17.98 31.39 3.37
C GLY A 157 18.79 30.16 3.72
N SER A 158 19.73 30.27 4.65
CA SER A 158 20.57 29.13 5.01
C SER A 158 19.74 27.99 5.56
N GLN A 159 20.06 26.78 5.12
CA GLN A 159 19.38 25.60 5.61
C GLN A 159 19.72 25.35 7.06
N VAL A 160 18.69 25.20 7.89
CA VAL A 160 18.85 24.85 9.30
C VAL A 160 18.16 23.51 9.51
N ALA A 161 18.66 22.75 10.47
CA ALA A 161 18.19 21.39 10.64
C ALA A 161 18.24 20.98 12.11
N SER A 162 17.21 20.25 12.53
CA SER A 162 17.23 19.49 13.76
C SER A 162 17.37 18.02 13.37
N HIS A 163 17.38 17.14 14.39
CA HIS A 163 17.56 15.70 14.15
C HIS A 163 16.59 15.19 13.08
N GLU A 164 15.33 15.64 13.13
CA GLU A 164 14.28 15.06 12.31
C GLU A 164 13.75 15.94 11.18
N THR A 165 13.92 17.27 11.26
CA THR A 165 13.30 18.19 10.32
C THR A 165 14.29 19.20 9.75
N PHE A 166 14.03 19.65 8.53
CA PHE A 166 14.80 20.70 7.86
C PHE A 166 13.93 21.94 7.72
N GLY A 167 14.55 23.12 7.83
CA GLY A 167 13.86 24.37 7.63
C GLY A 167 14.79 25.44 7.08
N THR A 168 14.24 26.65 6.91
CA THR A 168 14.99 27.80 6.42
C THR A 168 15.17 28.83 7.53
N LEU A 169 16.35 29.44 7.59
CA LEU A 169 16.61 30.55 8.50
C LEU A 169 15.99 31.81 7.94
N GLY A 170 15.02 32.37 8.66
CA GLY A 170 14.37 33.57 8.16
C GLY A 170 15.16 34.86 8.32
N ALA A 171 15.45 35.23 9.56
CA ALA A 171 16.14 36.48 9.83
C ALA A 171 17.06 36.32 11.03
N ILE A 172 18.07 37.19 11.10
CA ILE A 172 18.91 37.30 12.28
C ILE A 172 18.24 38.30 13.22
N VAL A 173 18.00 37.88 14.47
CA VAL A 173 17.20 38.67 15.41
C VAL A 173 17.91 38.79 16.75
N LYS A 174 17.38 39.67 17.59
CA LYS A 174 17.77 39.80 19.00
C LYS A 174 16.51 39.89 19.86
N ARG A 175 16.56 39.32 21.07
CA ARG A 175 15.40 39.38 21.96
C ARG A 175 15.26 40.79 22.52
N ARG A 176 14.00 41.23 22.67
CA ARG A 176 13.76 42.56 23.23
C ARG A 176 13.89 42.58 24.74
N THR A 177 13.49 41.51 25.41
CA THR A 177 13.45 41.47 26.86
C THR A 177 14.72 40.87 27.44
N GLY A 178 14.90 41.08 28.75
CA GLY A 178 15.97 40.44 29.49
C GLY A 178 17.35 40.55 28.86
N ASN A 179 17.99 39.40 28.71
CA ASN A 179 19.38 39.33 28.26
C ASN A 179 19.60 39.99 26.91
N LYS A 180 18.57 40.07 26.06
CA LYS A 180 18.69 40.59 24.71
C LYS A 180 19.69 39.74 23.91
N GLN A 181 19.49 38.43 24.00
CA GLN A 181 20.34 37.47 23.31
C GLN A 181 20.19 37.59 21.80
N VAL A 182 21.29 37.45 21.09
CA VAL A 182 21.27 37.42 19.63
C VAL A 182 21.01 35.99 19.16
N GLY A 183 20.21 35.88 18.10
CA GLY A 183 19.92 34.58 17.52
C GLY A 183 19.29 34.69 16.15
N PHE A 184 18.44 33.74 15.78
CA PHE A 184 17.78 33.77 14.48
C PHE A 184 16.34 33.29 14.61
N LEU A 185 15.55 33.61 13.60
CA LEU A 185 14.13 33.28 13.56
C LEU A 185 13.91 32.25 12.45
N THR A 186 13.24 31.16 12.80
CA THR A 186 12.81 30.16 11.83
C THR A 186 11.43 29.66 12.25
N ASN A 187 10.95 28.66 11.52
CA ASN A 187 9.62 28.11 11.69
C ASN A 187 9.60 26.95 12.69
N HIS A 188 8.67 27.00 13.67
CA HIS A 188 8.80 26.14 14.85
C HIS A 188 8.67 24.64 14.60
N HIS A 189 8.06 24.21 13.49
CA HIS A 189 7.92 22.77 13.25
C HIS A 189 9.25 22.10 12.99
N VAL A 190 10.27 22.86 12.57
CA VAL A 190 11.61 22.32 12.42
C VAL A 190 12.25 22.04 13.76
N ALA A 191 11.67 22.55 14.84
CA ALA A 191 12.19 22.41 16.19
C ALA A 191 11.29 21.68 17.18
N VAL A 192 10.47 20.69 16.78
CA VAL A 192 9.42 20.19 17.66
C VAL A 192 9.75 18.78 18.15
N ASP A 193 9.59 18.57 19.47
CA ASP A 193 9.99 17.33 20.15
C ASP A 193 8.82 16.46 20.58
N LEU A 194 8.49 15.49 19.75
CA LEU A 194 7.63 14.43 20.26
C LEU A 194 8.30 13.07 20.20
N ASP A 195 8.90 12.71 19.05
CA ASP A 195 9.65 11.47 19.02
C ASP A 195 11.07 11.65 19.58
N TYR A 196 11.86 12.52 18.95
CA TYR A 196 13.21 12.88 19.35
C TYR A 196 13.26 14.18 20.12
N PRO A 197 14.42 14.50 20.71
CA PRO A 197 14.70 15.89 21.09
C PRO A 197 15.23 16.68 19.90
N ASN A 198 14.49 17.71 19.51
CA ASN A 198 14.77 18.60 18.38
C ASN A 198 14.98 20.02 18.89
N GLN A 199 15.71 20.15 19.99
CA GLN A 199 15.99 21.48 20.49
C GLN A 199 17.28 22.03 19.90
N LYS A 200 18.22 21.16 19.59
CA LYS A 200 19.48 21.60 19.00
C LYS A 200 19.33 21.74 17.50
N MET A 201 19.66 22.92 17.00
CA MET A 201 19.63 23.30 15.59
C MET A 201 21.05 23.31 15.02
N PHE A 202 21.17 22.91 13.76
CA PHE A 202 22.47 22.79 13.11
C PHE A 202 22.40 23.29 11.68
N HIS A 203 23.54 23.76 11.17
CA HIS A 203 23.72 24.12 9.76
C HIS A 203 24.94 23.39 9.21
N PRO A 204 24.81 22.67 8.10
CA PRO A 204 23.54 22.49 7.39
C PRO A 204 22.80 21.22 7.77
N LEU A 205 23.46 20.30 8.47
CA LEU A 205 22.88 19.00 8.77
C LEU A 205 23.03 18.67 10.24
N PRO A 206 22.10 17.87 10.79
CA PRO A 206 22.24 17.40 12.16
C PRO A 206 23.26 16.27 12.23
N PRO A 207 23.89 16.06 13.39
CA PRO A 207 24.98 15.07 13.48
C PRO A 207 24.61 13.67 13.01
N ASN A 208 23.34 13.26 13.10
CA ASN A 208 22.99 11.92 12.66
C ASN A 208 23.00 11.76 11.14
N LEU A 209 22.91 12.85 10.40
CA LEU A 209 22.87 12.80 8.94
C LEU A 209 24.19 13.19 8.28
N GLY A 210 24.96 14.07 8.91
CA GLY A 210 26.21 14.51 8.34
C GLY A 210 26.84 15.66 9.10
N PRO A 211 27.82 16.32 8.48
CA PRO A 211 28.55 17.39 9.18
C PRO A 211 27.70 18.65 9.33
N GLY A 212 28.10 19.47 10.30
CA GLY A 212 27.42 20.73 10.53
C GLY A 212 27.96 21.40 11.78
N VAL A 213 27.40 22.58 12.06
CA VAL A 213 27.79 23.36 13.22
C VAL A 213 26.55 23.57 14.08
N TYR A 214 26.73 23.47 15.40
CA TYR A 214 25.63 23.65 16.35
C TYR A 214 25.31 25.14 16.46
N LEU A 215 24.11 25.52 16.02
CA LEU A 215 23.69 26.92 16.07
C LEU A 215 23.24 27.33 17.46
N GLY A 216 22.44 26.50 18.11
CA GLY A 216 21.87 26.84 19.40
C GLY A 216 20.63 26.03 19.66
N ALA A 217 20.02 26.29 20.81
CA ALA A 217 18.84 25.55 21.24
C ALA A 217 17.61 26.46 21.21
N VAL A 218 16.50 25.90 20.74
CA VAL A 218 15.23 26.64 20.69
C VAL A 218 14.86 27.17 22.07
N GLU A 219 14.39 28.42 22.09
CA GLU A 219 13.91 29.05 23.31
C GLU A 219 12.42 29.32 23.30
N ARG A 220 11.93 30.01 22.27
CA ARG A 220 10.52 30.35 22.14
C ARG A 220 9.97 29.81 20.82
N ALA A 221 8.65 29.58 20.80
CA ALA A 221 7.99 29.24 19.56
C ALA A 221 6.49 29.50 19.72
N THR A 222 5.91 30.18 18.74
CA THR A 222 4.47 30.34 18.65
C THR A 222 3.93 29.45 17.54
N SER A 223 2.82 28.78 17.79
CA SER A 223 2.14 28.04 16.73
C SER A 223 0.77 28.59 16.37
N PHE A 224 -0.11 28.75 17.35
CA PHE A 224 -1.43 29.32 17.12
C PHE A 224 -1.66 30.42 18.12
N ILE A 225 -2.13 31.56 17.63
CA ILE A 225 -2.49 32.71 18.46
C ILE A 225 -3.87 33.16 18.05
N THR A 226 -4.77 33.32 19.02
CA THR A 226 -6.14 33.73 18.70
C THR A 226 -6.17 35.04 17.92
N ASP A 227 -7.18 35.17 17.06
CA ASP A 227 -7.30 36.34 16.20
C ASP A 227 -7.37 37.63 17.02
N ASP A 228 -8.14 37.63 18.11
CA ASP A 228 -8.32 38.86 18.89
C ASP A 228 -6.99 39.36 19.45
N VAL A 229 -6.07 38.44 19.73
CA VAL A 229 -4.74 38.83 20.18
C VAL A 229 -3.87 39.24 19.00
N TRP A 230 -3.86 38.42 17.95
CA TRP A 230 -2.97 38.66 16.81
C TRP A 230 -3.34 39.96 16.08
N TYR A 231 -4.57 40.04 15.59
CA TYR A 231 -4.98 41.24 14.84
C TYR A 231 -5.42 42.38 15.75
N GLY A 232 -5.94 42.08 16.93
CA GLY A 232 -6.55 43.11 17.75
C GLY A 232 -8.05 43.28 17.57
N ILE A 233 -8.67 42.52 16.65
CA ILE A 233 -10.10 42.58 16.41
C ILE A 233 -10.64 41.17 16.31
N TYR A 234 -11.96 41.06 16.35
CA TYR A 234 -12.64 39.78 16.16
C TYR A 234 -12.81 39.56 14.66
N ALA A 235 -11.97 38.70 14.09
CA ALA A 235 -12.02 38.46 12.65
C ALA A 235 -13.11 37.49 12.23
N GLY A 236 -13.79 36.84 13.17
CA GLY A 236 -14.82 35.88 12.82
C GLY A 236 -15.73 35.57 13.98
N THR A 237 -16.86 34.95 13.65
CA THR A 237 -17.87 34.63 14.66
C THR A 237 -17.56 33.35 15.43
N ASN A 238 -16.70 32.48 14.89
CA ASN A 238 -16.39 31.21 15.56
C ASN A 238 -15.60 31.50 16.84
N PRO A 239 -16.03 30.98 18.00
CA PRO A 239 -15.28 31.25 19.24
C PRO A 239 -13.97 30.50 19.34
N GLU A 240 -13.78 29.42 18.58
CA GLU A 240 -12.47 28.77 18.43
C GLU A 240 -11.83 29.26 17.13
N THR A 241 -11.29 30.48 17.17
CA THR A 241 -10.63 31.06 16.00
C THR A 241 -9.16 31.26 16.33
N PHE A 242 -8.29 30.66 15.52
CA PHE A 242 -6.85 30.74 15.72
C PHE A 242 -6.17 31.25 14.46
N VAL A 243 -5.03 31.93 14.65
CA VAL A 243 -4.18 32.41 13.57
C VAL A 243 -2.96 31.50 13.45
N ARG A 244 -2.64 31.11 12.23
CA ARG A 244 -1.43 30.31 12.00
C ARG A 244 -0.24 31.25 12.14
N ALA A 245 0.49 31.15 13.25
CA ALA A 245 1.48 32.13 13.67
C ALA A 245 2.81 31.43 13.93
N ASP A 246 3.19 30.59 12.98
CA ASP A 246 4.36 29.74 13.08
C ASP A 246 5.64 30.56 13.11
N GLY A 247 6.38 30.49 14.23
CA GLY A 247 7.68 31.12 14.36
C GLY A 247 8.48 30.64 15.57
N ALA A 248 9.79 30.48 15.42
CA ALA A 248 10.65 30.02 16.51
C ALA A 248 11.93 30.84 16.58
N PHE A 249 12.32 31.18 17.81
CA PHE A 249 13.54 31.93 18.11
C PHE A 249 14.60 31.00 18.69
N ILE A 250 15.75 30.91 18.01
CA ILE A 250 16.86 30.09 18.46
C ILE A 250 18.05 30.99 18.80
N PRO A 251 18.35 31.22 20.08
CA PRO A 251 19.53 32.01 20.44
C PRO A 251 20.82 31.28 20.11
N PHE A 252 21.76 32.00 19.48
CA PHE A 252 23.01 31.39 19.05
C PHE A 252 23.76 30.77 20.23
N ALA A 253 24.33 29.59 19.98
CA ALA A 253 25.11 28.86 20.97
C ALA A 253 26.22 29.73 21.57
N ASP A 254 26.52 29.47 22.84
CA ASP A 254 27.61 30.18 23.50
C ASP A 254 28.95 29.91 22.81
N ASP A 255 29.11 28.73 22.21
CA ASP A 255 30.30 28.43 21.41
C ASP A 255 30.24 28.97 19.99
N PHE A 256 29.04 29.13 19.44
CA PHE A 256 28.89 29.43 18.01
C PHE A 256 29.63 30.70 17.61
N ASP A 257 30.34 30.62 16.48
CA ASP A 257 31.13 31.70 15.91
C ASP A 257 30.26 32.72 15.17
N ILE A 258 29.91 33.82 15.81
CA ILE A 258 29.10 34.87 15.19
C ILE A 258 29.81 35.53 14.01
N SER A 259 31.11 35.33 13.86
CA SER A 259 31.80 35.90 12.70
C SER A 259 31.24 35.34 11.40
N THR A 260 30.74 34.10 11.42
CA THR A 260 30.22 33.46 10.21
C THR A 260 28.83 33.94 9.79
N VAL A 261 28.09 34.64 10.66
CA VAL A 261 26.73 35.04 10.30
C VAL A 261 26.77 36.35 9.52
N THR A 262 25.79 36.52 8.64
CA THR A 262 25.64 37.71 7.81
C THR A 262 24.19 38.18 7.86
N THR A 263 24.01 39.49 8.07
CA THR A 263 22.69 40.11 8.09
C THR A 263 22.16 40.43 6.70
N VAL A 264 22.84 39.97 5.66
CA VAL A 264 22.46 40.22 4.29
C VAL A 264 21.58 39.08 3.79
N VAL A 265 20.59 39.41 2.97
CA VAL A 265 19.80 38.39 2.29
C VAL A 265 20.45 38.15 0.94
N ARG A 266 21.16 37.02 0.82
CA ARG A 266 21.89 36.69 -0.38
C ARG A 266 20.98 36.62 -1.60
N GLY A 267 21.34 37.35 -2.64
CA GLY A 267 20.54 37.43 -3.84
C GLY A 267 19.57 38.59 -3.88
N VAL A 268 19.42 39.29 -2.75
CA VAL A 268 18.62 40.50 -2.66
C VAL A 268 19.48 41.70 -2.29
N GLY A 269 20.28 41.57 -1.23
CA GLY A 269 21.17 42.61 -0.79
C GLY A 269 20.85 43.06 0.63
N ASP A 270 21.16 44.33 0.91
CA ASP A 270 20.92 44.90 2.23
C ASP A 270 19.43 45.21 2.37
N ILE A 271 18.78 44.60 3.37
CA ILE A 271 17.36 44.82 3.58
C ILE A 271 17.16 45.88 4.65
N GLY A 272 15.99 46.51 4.61
CA GLY A 272 15.58 47.47 5.61
C GLY A 272 14.87 46.83 6.79
N ASP A 273 14.38 47.69 7.68
CA ASP A 273 13.67 47.21 8.84
C ASP A 273 12.32 46.61 8.45
N VAL A 274 11.77 45.79 9.33
CA VAL A 274 10.46 45.17 9.12
C VAL A 274 9.41 46.22 8.82
N LYS A 275 8.66 46.02 7.74
CA LYS A 275 7.52 46.87 7.40
C LYS A 275 6.26 46.28 8.03
N VAL A 276 5.68 46.99 9.01
CA VAL A 276 4.53 46.49 9.75
C VAL A 276 3.28 46.62 8.90
N ILE A 277 2.43 45.60 8.94
CA ILE A 277 1.16 45.62 8.23
C ILE A 277 0.14 46.33 9.12
N ASP A 278 -0.01 47.63 8.94
CA ASP A 278 -0.98 48.41 9.70
C ASP A 278 -2.35 48.29 9.06
N LEU A 279 -3.30 47.70 9.78
CA LEU A 279 -4.61 47.39 9.23
C LEU A 279 -5.39 48.63 8.78
N GLN A 280 -4.97 49.84 9.15
CA GLN A 280 -5.70 51.05 8.77
C GLN A 280 -5.10 51.81 7.60
N CYS A 281 -3.91 51.41 7.12
CA CYS A 281 -3.34 52.06 5.95
C CYS A 281 -4.15 51.72 4.72
N PRO A 282 -4.03 52.50 3.65
CA PRO A 282 -4.74 52.15 2.41
C PRO A 282 -4.21 50.84 1.85
N LEU A 283 -5.13 50.07 1.26
CA LEU A 283 -4.83 48.69 0.87
C LEU A 283 -3.64 48.61 -0.08
N ASN A 284 -3.55 49.54 -1.03
CA ASN A 284 -2.58 49.38 -2.13
C ASN A 284 -1.14 49.32 -1.65
N SER A 285 -0.84 49.61 -0.38
CA SER A 285 0.54 49.49 0.10
C SER A 285 0.94 48.06 0.42
N LEU A 286 -0.01 47.14 0.58
CA LEU A 286 0.31 45.71 0.71
C LEU A 286 -0.26 44.87 -0.43
N ILE A 287 -1.56 45.00 -0.69
CA ILE A 287 -2.24 44.17 -1.67
C ILE A 287 -1.74 44.51 -3.08
N GLY A 288 -1.25 43.49 -3.79
CA GLY A 288 -0.75 43.68 -5.14
C GLY A 288 0.72 44.00 -5.23
N ARG A 289 1.36 44.33 -4.12
CA ARG A 289 2.77 44.66 -4.11
C ARG A 289 3.61 43.45 -4.51
N GLN A 290 4.75 43.71 -5.15
CA GLN A 290 5.61 42.63 -5.57
C GLN A 290 6.52 42.22 -4.42
N VAL A 291 6.64 40.91 -4.18
CA VAL A 291 7.49 40.40 -3.11
C VAL A 291 8.48 39.40 -3.69
N CYS A 292 9.52 39.13 -2.91
CA CYS A 292 10.53 38.14 -3.29
C CYS A 292 10.86 37.26 -2.09
N LYS A 293 11.49 36.12 -2.37
CA LYS A 293 11.84 35.12 -1.36
C LYS A 293 13.16 34.45 -1.71
N VAL A 294 13.99 34.22 -0.71
CA VAL A 294 15.20 33.42 -0.87
C VAL A 294 15.13 32.26 0.11
N GLY A 295 14.92 31.04 -0.42
CA GLY A 295 14.76 29.87 0.41
C GLY A 295 15.60 28.71 -0.07
N ARG A 296 15.88 27.79 0.86
CA ARG A 296 16.76 26.67 0.59
C ARG A 296 16.23 25.69 -0.44
N SER A 297 15.00 25.85 -0.92
CA SER A 297 14.41 24.92 -1.87
C SER A 297 14.21 25.51 -3.26
N SER A 298 13.69 26.73 -3.37
CA SER A 298 13.46 27.31 -4.68
C SER A 298 14.43 28.44 -5.00
N GLY A 299 15.37 28.73 -4.09
CA GLY A 299 16.28 29.84 -4.30
C GLY A 299 15.54 31.16 -4.32
N HIS A 300 15.84 32.00 -5.30
CA HIS A 300 15.22 33.32 -5.43
C HIS A 300 14.00 33.24 -6.33
N THR A 301 12.84 33.61 -5.80
CA THR A 301 11.59 33.67 -6.57
C THR A 301 10.93 35.02 -6.38
N THR A 302 10.03 35.36 -7.31
CA THR A 302 9.32 36.64 -7.29
C THR A 302 7.82 36.41 -7.41
N GLY A 303 7.05 37.14 -6.61
CA GLY A 303 5.60 36.99 -6.64
C GLY A 303 4.82 38.24 -6.30
N THR A 304 3.50 38.08 -6.14
CA THR A 304 2.60 39.19 -5.85
C THR A 304 1.73 38.84 -4.65
N VAL A 305 1.48 39.83 -3.80
CA VAL A 305 0.58 39.68 -2.66
C VAL A 305 -0.85 39.74 -3.18
N MET A 306 -1.56 38.62 -3.14
CA MET A 306 -2.93 38.58 -3.65
C MET A 306 -3.97 38.94 -2.60
N ALA A 307 -3.79 38.55 -1.35
CA ALA A 307 -4.83 38.75 -0.36
C ALA A 307 -4.26 38.67 1.04
N TYR A 308 -5.03 39.19 2.00
CA TYR A 308 -4.73 39.14 3.42
C TYR A 308 -5.83 38.40 4.17
N ALA A 309 -5.48 37.91 5.36
CA ALA A 309 -6.46 37.38 6.32
C ALA A 309 -7.36 36.30 5.72
N LEU A 310 -6.75 35.20 5.31
CA LEU A 310 -7.45 34.12 4.64
C LEU A 310 -8.22 33.30 5.68
N GLU A 311 -9.55 33.34 5.62
CA GLU A 311 -10.37 32.57 6.54
C GLU A 311 -10.57 31.15 6.02
N TYR A 312 -10.50 30.19 6.94
CA TYR A 312 -10.73 28.79 6.57
C TYR A 312 -11.33 28.05 7.75
N ASN A 313 -12.60 27.71 7.65
CA ASN A 313 -13.28 26.87 8.65
C ASN A 313 -13.23 25.41 8.21
N ASP A 314 -12.54 24.60 9.01
CA ASP A 314 -12.19 23.24 8.67
C ASP A 314 -13.17 22.21 9.21
N GLU A 315 -12.78 20.95 8.99
CA GLU A 315 -13.61 19.78 9.26
C GLU A 315 -14.05 19.73 10.72
N LYS A 316 -13.11 19.93 11.64
CA LYS A 316 -13.35 19.83 13.08
C LYS A 316 -14.07 21.04 13.67
N GLY A 317 -14.29 22.11 12.90
CA GLY A 317 -15.08 23.23 13.38
C GLY A 317 -14.30 24.42 13.89
N ILE A 318 -13.00 24.48 13.64
CA ILE A 318 -12.15 25.60 14.05
C ILE A 318 -11.83 26.51 12.88
N CYS A 319 -11.89 27.81 13.12
CA CYS A 319 -11.54 28.80 12.11
C CYS A 319 -10.04 29.09 12.18
N PHE A 320 -9.37 29.05 11.04
CA PHE A 320 -7.93 29.29 10.94
C PHE A 320 -7.67 30.43 9.97
N PHE A 321 -6.87 31.40 10.39
CA PHE A 321 -6.48 32.53 9.56
C PHE A 321 -5.01 32.44 9.16
N THR A 322 -4.73 32.73 7.88
CA THR A 322 -3.38 32.81 7.34
C THR A 322 -3.17 34.23 6.82
N ASP A 323 -2.16 34.92 7.34
CA ASP A 323 -2.03 36.36 7.11
C ASP A 323 -1.85 36.71 5.63
N ILE A 324 -0.78 36.22 4.99
CA ILE A 324 -0.39 36.69 3.67
C ILE A 324 -0.56 35.59 2.63
N LEU A 325 -1.07 35.96 1.45
CA LEU A 325 -1.28 35.04 0.33
C LEU A 325 -0.50 35.54 -0.89
N VAL A 326 0.57 34.84 -1.27
CA VAL A 326 1.43 35.22 -2.39
C VAL A 326 1.25 34.24 -3.53
N VAL A 327 1.16 34.76 -4.77
CA VAL A 327 1.19 33.93 -5.97
C VAL A 327 2.41 34.29 -6.80
N GLY A 328 3.18 33.27 -7.19
CA GLY A 328 4.38 33.52 -7.98
C GLY A 328 4.08 34.13 -9.33
N GLU A 329 5.03 34.94 -9.80
CA GLU A 329 4.91 35.61 -11.09
C GLU A 329 5.16 34.66 -12.26
N ASN A 330 4.55 35.00 -13.40
CA ASN A 330 4.76 34.32 -14.69
C ASN A 330 4.49 32.81 -14.58
N ARG A 331 3.41 32.45 -13.91
CA ARG A 331 2.96 31.06 -13.79
C ARG A 331 4.05 30.15 -13.22
N GLN A 332 4.87 30.68 -12.31
CA GLN A 332 5.89 29.88 -11.65
C GLN A 332 5.60 29.87 -10.16
N THR A 333 5.77 28.71 -9.54
CA THR A 333 5.46 28.57 -8.13
C THR A 333 6.34 29.50 -7.30
N PHE A 334 5.73 30.15 -6.32
CA PHE A 334 6.51 31.06 -5.49
C PHE A 334 7.44 30.32 -4.54
N ASP A 335 7.02 29.15 -4.07
CA ASP A 335 7.82 28.40 -3.10
C ASP A 335 7.59 26.91 -3.31
N LEU A 336 8.46 26.12 -2.71
CA LEU A 336 8.35 24.68 -2.70
C LEU A 336 8.36 24.22 -1.26
N GLU A 337 8.14 22.92 -1.06
CA GLU A 337 8.21 22.39 0.29
C GLU A 337 9.65 22.49 0.79
N GLY A 338 9.83 23.01 1.98
CA GLY A 338 11.15 23.26 2.52
C GLY A 338 11.55 24.72 2.56
N ASP A 339 10.83 25.59 1.85
CA ASP A 339 11.09 27.03 1.92
C ASP A 339 10.56 27.64 3.20
N SER A 340 9.85 26.86 4.01
CA SER A 340 9.23 27.39 5.22
C SER A 340 10.26 28.07 6.11
N GLY A 341 9.94 29.29 6.54
CA GLY A 341 10.82 30.12 7.31
C GLY A 341 11.39 31.29 6.54
N SER A 342 11.49 31.15 5.21
CA SER A 342 12.07 32.18 4.35
C SER A 342 11.38 33.53 4.54
N LEU A 343 12.15 34.59 4.43
CA LEU A 343 11.64 35.95 4.55
C LEU A 343 10.92 36.37 3.28
N ILE A 344 9.75 36.97 3.44
CA ILE A 344 9.00 37.56 2.33
C ILE A 344 9.34 39.04 2.31
N ILE A 345 10.11 39.46 1.31
CA ILE A 345 10.65 40.80 1.25
C ILE A 345 9.91 41.60 0.18
N LEU A 346 9.48 42.81 0.56
CA LEU A 346 8.89 43.74 -0.39
C LEU A 346 9.98 44.24 -1.33
N THR A 347 9.79 44.06 -2.63
CA THR A 347 10.82 44.48 -3.57
C THR A 347 10.97 45.99 -3.57
N SER A 348 12.21 46.43 -3.80
CA SER A 348 12.51 47.86 -3.90
C SER A 348 11.77 48.45 -5.09
N GLN A 349 11.05 49.54 -4.84
CA GLN A 349 10.24 50.16 -5.89
C GLN A 349 11.06 51.14 -6.73
N ASP A 350 11.68 52.14 -6.08
CA ASP A 350 12.56 53.05 -6.80
C ASP A 350 13.96 53.14 -6.20
N GLY A 351 14.34 52.20 -5.33
CA GLY A 351 15.68 52.23 -4.73
C GLY A 351 15.76 52.24 -3.21
N GLU A 352 14.67 52.34 -2.46
CA GLU A 352 14.80 52.14 -1.02
C GLU A 352 15.18 50.70 -0.75
N LYS A 353 15.72 50.44 0.44
CA LYS A 353 16.12 49.08 0.77
C LYS A 353 14.89 48.18 0.88
N PRO A 354 14.92 46.98 0.29
CA PRO A 354 13.76 46.07 0.38
C PRO A 354 13.50 45.66 1.82
N ARG A 355 12.26 45.88 2.27
CA ARG A 355 11.83 45.64 3.64
C ARG A 355 11.08 44.31 3.75
N PRO A 356 11.33 43.51 4.79
CA PRO A 356 10.58 42.27 4.98
C PRO A 356 9.22 42.50 5.62
N ILE A 357 8.21 41.81 5.10
CA ILE A 357 6.87 41.88 5.69
C ILE A 357 6.41 40.56 6.31
N GLY A 358 7.01 39.42 5.97
CA GLY A 358 6.57 38.17 6.56
C GLY A 358 7.54 37.04 6.37
N ILE A 359 7.16 35.88 6.89
CA ILE A 359 7.90 34.63 6.69
C ILE A 359 6.93 33.58 6.20
N ILE A 360 7.43 32.67 5.35
CA ILE A 360 6.60 31.61 4.79
C ILE A 360 6.18 30.63 5.88
N TRP A 361 4.91 30.22 5.83
CA TRP A 361 4.36 29.27 6.78
C TRP A 361 4.55 27.87 6.20
N GLY A 362 4.82 26.90 7.08
CA GLY A 362 5.16 25.57 6.62
C GLY A 362 4.15 24.86 5.74
N GLY A 363 4.52 24.69 4.48
CA GLY A 363 3.69 24.02 3.50
C GLY A 363 3.23 22.67 4.00
N THR A 364 1.93 22.45 3.96
CA THR A 364 1.37 21.18 4.39
C THR A 364 1.29 20.25 3.18
N ALA A 365 0.73 19.07 3.40
CA ALA A 365 0.54 18.09 2.35
C ALA A 365 -0.59 18.53 1.42
N ASN A 366 -0.33 18.45 0.11
CA ASN A 366 -1.28 18.89 -0.92
C ASN A 366 -1.65 20.38 -0.78
N ARG A 367 -0.63 21.22 -0.97
CA ARG A 367 -0.77 22.67 -0.82
C ARG A 367 -1.78 23.19 -1.85
N GLY A 368 -2.34 24.38 -1.57
CA GLY A 368 -3.43 24.89 -2.36
C GLY A 368 -3.07 25.49 -3.71
N ARG A 369 -4.13 25.84 -4.44
CA ARG A 369 -4.08 26.35 -5.81
C ARG A 369 -5.34 27.15 -6.10
N LEU A 370 -5.18 28.17 -6.95
CA LEU A 370 -6.31 28.96 -7.43
C LEU A 370 -6.17 29.21 -8.94
N LYS A 371 -7.32 29.23 -9.62
CA LYS A 371 -7.36 29.45 -11.07
C LYS A 371 -7.58 30.93 -11.33
N LEU A 372 -6.69 31.55 -12.12
CA LEU A 372 -6.83 32.97 -12.43
C LEU A 372 -7.34 33.24 -13.82
N THR A 373 -6.94 32.44 -14.81
CA THR A 373 -7.42 32.62 -16.17
C THR A 373 -7.77 31.27 -16.78
N SER A 374 -8.71 31.28 -17.71
CA SER A 374 -9.08 30.06 -18.42
C SER A 374 -7.91 29.52 -19.24
N ASP A 375 -7.19 30.42 -19.92
CA ASP A 375 -6.08 30.01 -20.79
C ASP A 375 -5.04 29.19 -20.02
N HIS A 376 -4.67 29.65 -18.83
CA HIS A 376 -3.73 29.03 -17.91
C HIS A 376 -4.46 28.04 -17.00
N GLY A 377 -3.69 27.14 -16.39
CA GLY A 377 -4.25 26.20 -15.45
C GLY A 377 -4.30 26.85 -14.08
N PRO A 378 -4.53 26.07 -13.02
CA PRO A 378 -4.50 26.65 -11.67
C PRO A 378 -3.06 26.88 -11.24
N GLU A 379 -2.82 28.02 -10.61
CA GLU A 379 -1.50 28.36 -10.09
C GLU A 379 -1.41 28.07 -8.60
N ASN A 380 -0.19 27.93 -8.12
CA ASN A 380 0.04 27.67 -6.71
C ASN A 380 0.13 28.99 -5.94
N TRP A 381 -0.41 29.00 -4.73
CA TRP A 381 -0.28 30.12 -3.82
C TRP A 381 0.52 29.70 -2.59
N THR A 382 1.17 30.69 -1.97
CA THR A 382 2.04 30.48 -0.83
C THR A 382 1.50 31.27 0.36
N SER A 383 1.55 30.67 1.53
CA SER A 383 1.00 31.26 2.74
C SER A 383 2.13 31.85 3.59
N GLY A 384 1.99 33.12 3.97
CA GLY A 384 2.99 33.80 4.77
C GLY A 384 2.42 34.29 6.09
N VAL A 385 3.32 34.44 7.08
CA VAL A 385 2.96 34.91 8.42
C VAL A 385 3.38 36.36 8.55
N ASP A 386 2.53 37.18 9.19
CA ASP A 386 2.82 38.60 9.38
C ASP A 386 4.07 38.79 10.24
N LEU A 387 5.15 39.30 9.65
CA LEU A 387 6.40 39.45 10.40
C LEU A 387 6.30 40.52 11.47
N GLY A 388 5.59 41.62 11.19
CA GLY A 388 5.41 42.64 12.20
C GLY A 388 4.77 42.10 13.45
N ARG A 389 3.68 41.35 13.28
CA ARG A 389 2.97 40.79 14.42
C ARG A 389 3.75 39.64 15.06
N LEU A 390 4.49 38.88 14.26
CA LEU A 390 5.22 37.74 14.81
C LEU A 390 6.35 38.21 15.71
N LEU A 391 7.14 39.19 15.25
CA LEU A 391 8.22 39.72 16.07
C LEU A 391 7.68 40.33 17.36
N ASP A 392 6.54 41.02 17.28
CA ASP A 392 5.93 41.57 18.50
C ASP A 392 5.52 40.45 19.46
N ARG A 393 4.90 39.38 18.95
CA ARG A 393 4.43 38.31 19.83
C ARG A 393 5.59 37.51 20.39
N LEU A 394 6.62 37.26 19.59
CA LEU A 394 7.83 36.59 20.08
C LEU A 394 8.77 37.54 20.81
N GLU A 395 8.50 38.85 20.80
CA GLU A 395 9.35 39.82 21.48
C GLU A 395 10.77 39.83 20.90
N LEU A 396 10.86 39.99 19.58
CA LEU A 396 12.13 39.97 18.87
C LEU A 396 12.31 41.24 18.05
N ASP A 397 13.58 41.62 17.86
CA ASP A 397 13.98 42.71 16.97
C ASP A 397 14.89 42.15 15.88
N ILE A 398 14.63 42.55 14.63
CA ILE A 398 15.43 42.10 13.50
C ILE A 398 16.69 42.95 13.38
N ILE A 399 17.82 42.30 13.17
CA ILE A 399 19.11 42.96 12.95
C ILE A 399 19.41 42.99 11.45
N ILE A 400 19.63 44.19 10.90
CA ILE A 400 19.73 44.34 9.46
C ILE A 400 21.11 44.80 8.96
N THR A 401 22.05 45.17 9.83
CA THR A 401 23.39 45.53 9.38
C THR A 401 24.43 44.69 10.12
N ASN A 402 25.52 44.36 9.43
CA ASN A 402 26.56 43.55 10.04
C ASN A 402 27.18 44.26 11.25
N GLU A 403 27.24 45.60 11.23
CA GLU A 403 27.78 46.33 12.36
C GLU A 403 26.83 46.28 13.56
N SER A 404 25.53 46.45 13.32
CA SER A 404 24.54 46.35 14.39
C SER A 404 24.56 44.98 15.05
N LEU A 405 24.87 43.93 14.28
CA LEU A 405 24.94 42.58 14.83
C LEU A 405 26.01 42.48 15.91
N GLN A 406 27.24 42.91 15.58
CA GLN A 406 28.33 42.87 16.55
C GLN A 406 28.06 43.78 17.74
N ASP A 407 27.31 44.85 17.54
CA ASP A 407 26.93 45.69 18.67
C ASP A 407 25.96 44.96 19.59
N ALA A 408 24.94 44.33 19.01
CA ALA A 408 23.98 43.58 19.82
C ALA A 408 24.63 42.44 20.58
N VAL A 409 25.60 41.75 19.98
CA VAL A 409 26.24 40.64 20.67
C VAL A 409 26.97 41.13 21.93
N GLN A 410 27.54 42.34 21.87
CA GLN A 410 28.27 42.91 23.00
C GLN A 410 27.42 42.95 24.26
N GLN A 411 26.13 43.24 24.12
CA GLN A 411 25.25 43.39 25.28
C GLN A 411 24.58 42.11 25.73
N GLN A 412 25.10 40.94 25.38
CA GLN A 412 24.46 39.73 25.90
C GLN A 412 25.42 38.93 26.77
N SER B 2 25.18 -35.49 -17.21
CA SER B 2 25.75 -36.32 -16.16
C SER B 2 25.39 -35.78 -14.78
N ALA B 3 25.97 -34.64 -14.42
CA ALA B 3 25.71 -34.03 -13.12
C ALA B 3 24.33 -33.39 -13.08
N ALA B 4 23.61 -33.61 -11.98
CA ALA B 4 22.27 -33.09 -11.79
C ALA B 4 22.23 -31.94 -10.79
N TYR B 5 23.39 -31.45 -10.33
CA TYR B 5 23.49 -30.44 -9.30
C TYR B 5 24.27 -29.23 -9.80
N PHE B 6 24.16 -28.13 -9.05
CA PHE B 6 25.01 -26.96 -9.25
C PHE B 6 26.29 -27.11 -8.47
N LEU B 7 27.40 -26.64 -9.03
CA LEU B 7 28.69 -26.64 -8.36
C LEU B 7 29.07 -25.20 -8.04
N TRP B 8 29.18 -24.89 -6.77
CA TRP B 8 29.48 -23.55 -6.31
C TRP B 8 30.96 -23.22 -6.54
N PRO B 9 31.29 -21.97 -6.79
CA PRO B 9 32.69 -21.61 -7.04
C PRO B 9 33.59 -21.92 -5.86
N THR B 10 34.72 -22.57 -6.13
CA THR B 10 35.74 -22.88 -5.13
C THR B 10 36.86 -21.85 -5.13
N SER B 11 36.56 -20.59 -5.47
CA SER B 11 37.52 -19.49 -5.44
C SER B 11 37.56 -18.75 -4.12
N ASN B 12 37.16 -19.37 -3.02
CA ASN B 12 37.24 -18.77 -1.69
C ASN B 12 37.85 -19.78 -0.72
N LEU B 13 39.07 -19.50 -0.25
CA LEU B 13 39.79 -20.32 0.73
C LEU B 13 39.84 -19.58 2.07
N GLN B 14 38.79 -19.81 2.88
CA GLN B 14 38.61 -19.11 4.15
C GLN B 14 39.76 -19.31 5.13
N HIS B 15 40.35 -18.19 5.55
CA HIS B 15 41.25 -17.99 6.69
C HIS B 15 42.64 -18.56 6.40
N CYS B 16 42.82 -19.19 5.25
CA CYS B 16 44.16 -19.34 4.69
C CYS B 16 44.60 -18.02 4.12
N ALA B 17 43.75 -17.43 3.26
CA ALA B 17 43.96 -16.10 2.68
C ALA B 17 43.54 -14.96 3.60
N ALA B 18 42.64 -15.19 4.56
CA ALA B 18 42.28 -14.10 5.47
C ALA B 18 43.47 -13.63 6.30
N GLU B 19 44.39 -14.54 6.63
CA GLU B 19 45.61 -14.12 7.30
C GLU B 19 46.55 -13.39 6.35
N GLY B 20 46.63 -13.85 5.10
CA GLY B 20 47.47 -13.17 4.13
C GLY B 20 47.03 -11.74 3.89
N ARG B 21 45.73 -11.47 3.94
CA ARG B 21 45.26 -10.09 3.90
C ARG B 21 45.75 -9.32 5.12
N ALA B 22 45.57 -9.88 6.32
CA ALA B 22 46.02 -9.21 7.53
C ALA B 22 47.53 -8.99 7.52
N ASN B 23 48.28 -9.99 7.05
CA ASN B 23 49.73 -9.89 7.01
C ASN B 23 50.18 -8.81 6.05
N TYR B 24 49.51 -8.67 4.91
CA TYR B 24 49.86 -7.64 3.95
C TYR B 24 49.79 -6.26 4.60
N PHE B 25 48.70 -5.99 5.31
CA PHE B 25 48.55 -4.70 5.98
C PHE B 25 49.45 -4.63 7.21
N GLY B 26 49.76 -5.77 7.81
CA GLY B 26 50.74 -5.78 8.88
C GLY B 26 52.12 -5.42 8.35
N ASN B 27 52.43 -5.86 7.13
CA ASN B 27 53.71 -5.51 6.52
C ASN B 27 53.78 -4.03 6.19
N LEU B 28 52.70 -3.47 5.66
CA LEU B 28 52.68 -2.04 5.38
C LEU B 28 52.79 -1.23 6.67
N GLN B 29 52.13 -1.70 7.72
CA GLN B 29 52.12 -0.95 8.97
C GLN B 29 53.48 -1.00 9.68
N LYS B 30 54.26 -2.06 9.43
CA LYS B 30 55.57 -2.16 10.08
C LYS B 30 56.56 -1.22 9.40
N GLY B 31 56.60 -1.23 8.07
CA GLY B 31 57.50 -0.34 7.37
C GLY B 31 56.76 0.97 7.16
N LEU B 32 56.26 1.52 8.26
CA LEU B 32 55.37 2.68 8.21
C LEU B 32 56.05 3.87 7.55
N LEU B 33 57.27 4.22 7.99
CA LEU B 33 58.09 5.33 7.51
C LEU B 33 57.39 6.67 7.71
N PRO B 34 56.96 7.01 8.93
CA PRO B 34 56.18 8.24 9.12
C PRO B 34 57.14 9.41 9.04
N ARG B 35 57.05 10.18 7.96
CA ARG B 35 57.98 11.28 7.79
C ARG B 35 57.25 12.34 7.02
N HIS B 36 57.44 13.62 7.37
CA HIS B 36 57.24 14.52 6.28
C HIS B 36 58.09 15.81 6.29
N PRO B 37 59.44 15.78 6.36
CA PRO B 37 60.18 17.09 6.37
C PRO B 37 60.06 17.94 5.09
N GLY B 38 60.36 17.35 3.94
CA GLY B 38 60.34 18.02 2.65
C GLY B 38 59.10 17.61 1.88
N ARG B 39 58.19 18.57 1.65
CA ARG B 39 56.87 18.23 1.12
C ARG B 39 56.91 17.50 -0.23
N LEU B 40 56.51 16.20 -0.25
CA LEU B 40 56.03 15.37 -1.38
C LEU B 40 56.73 15.44 -2.74
N PRO B 41 57.95 14.93 -2.91
CA PRO B 41 58.63 15.09 -4.20
C PRO B 41 57.86 14.48 -5.36
N LYS B 42 57.81 15.20 -6.48
CA LYS B 42 57.00 14.85 -7.66
C LYS B 42 57.44 13.59 -8.38
N GLY B 43 58.58 13.00 -8.03
CA GLY B 43 58.98 11.76 -8.67
C GLY B 43 58.27 10.56 -8.10
N GLN B 44 57.82 10.65 -6.85
CA GLN B 44 57.12 9.61 -6.12
C GLN B 44 55.60 9.71 -6.23
N GLN B 45 55.08 10.52 -7.14
CA GLN B 45 53.63 10.66 -7.25
C GLN B 45 53.01 9.38 -7.80
N ALA B 46 51.81 9.08 -7.33
CA ALA B 46 51.09 7.92 -7.83
C ALA B 46 50.88 8.04 -9.33
N ASN B 47 51.07 6.93 -10.04
CA ASN B 47 50.91 6.98 -11.48
C ASN B 47 49.90 5.95 -11.98
N SER B 48 49.85 4.80 -11.34
CA SER B 48 49.03 3.69 -11.82
C SER B 48 47.72 3.60 -11.05
N LEU B 49 46.85 2.69 -11.51
CA LEU B 49 45.68 2.33 -10.71
C LEU B 49 46.11 1.57 -9.46
N LEU B 50 47.14 0.73 -9.60
CA LEU B 50 47.66 0.00 -8.45
C LEU B 50 48.14 0.95 -7.35
N ASP B 51 48.82 2.03 -7.75
CA ASP B 51 49.29 2.99 -6.76
C ASP B 51 48.12 3.59 -6.00
N LEU B 52 47.10 4.06 -6.73
CA LEU B 52 45.98 4.71 -6.07
C LEU B 52 45.21 3.75 -5.18
N MET B 53 45.08 2.50 -5.61
CA MET B 53 44.32 1.51 -4.84
C MET B 53 45.08 1.10 -3.58
N THR B 54 46.41 1.05 -3.66
CA THR B 54 47.20 0.70 -2.49
C THR B 54 47.20 1.83 -1.46
N ILE B 55 47.20 3.09 -1.93
CA ILE B 55 47.09 4.22 -1.02
C ILE B 55 45.72 4.23 -0.35
N ARG B 56 44.67 4.01 -1.14
CA ARG B 56 43.32 4.03 -0.58
C ARG B 56 43.12 2.92 0.44
N ALA B 57 43.62 1.72 0.13
CA ALA B 57 43.47 0.62 1.08
C ALA B 57 44.22 0.91 2.38
N PHE B 58 45.42 1.46 2.29
CA PHE B 58 46.20 1.71 3.51
C PHE B 58 45.50 2.70 4.45
N HIS B 59 44.99 3.82 3.91
CA HIS B 59 44.29 4.81 4.71
C HIS B 59 42.81 4.59 4.65
N SER B 60 42.43 3.34 4.46
CA SER B 60 41.04 2.97 4.30
C SER B 60 40.22 3.30 5.54
N LYS B 61 40.79 3.06 6.73
CA LYS B 61 40.00 3.18 7.98
C LYS B 61 39.48 4.59 8.21
N ILE B 62 40.35 5.60 8.08
CA ILE B 62 39.92 6.97 8.30
C ILE B 62 39.06 7.47 7.14
N LEU B 63 39.34 7.02 5.92
CA LEU B 63 38.54 7.47 4.79
C LEU B 63 37.10 6.99 4.92
N ARG B 64 36.91 5.70 5.21
CA ARG B 64 35.56 5.18 5.38
C ARG B 64 34.88 5.67 6.63
N ARG B 65 35.63 6.25 7.57
CA ARG B 65 35.01 6.69 8.81
C ARG B 65 33.91 7.69 8.52
N PHE B 66 34.21 8.73 7.75
CA PHE B 66 33.16 9.66 7.33
C PHE B 66 33.14 9.62 5.81
N SER B 67 32.39 8.68 5.23
CA SER B 67 32.23 8.59 3.78
C SER B 67 31.20 7.52 3.43
N LEU B 68 30.58 7.69 2.27
CA LEU B 68 29.74 6.64 1.69
C LEU B 68 30.54 5.62 0.88
N GLY B 69 31.77 5.95 0.51
CA GLY B 69 32.58 5.08 -0.32
C GLY B 69 33.70 5.86 -0.96
N THR B 70 34.54 5.12 -1.69
CA THR B 70 35.71 5.70 -2.33
C THR B 70 35.96 5.01 -3.67
N ALA B 71 36.73 5.69 -4.52
CA ALA B 71 37.15 5.14 -5.80
C ALA B 71 38.40 5.86 -6.25
N VAL B 72 39.12 5.25 -7.18
CA VAL B 72 40.37 5.79 -7.70
C VAL B 72 40.13 6.34 -9.09
N GLY B 73 40.89 7.38 -9.44
CA GLY B 73 40.78 7.99 -10.74
C GLY B 73 41.58 9.28 -10.83
N PHE B 74 40.98 10.30 -11.44
CA PHE B 74 41.56 11.63 -11.50
C PHE B 74 40.74 12.57 -10.64
N ARG B 75 41.41 13.59 -10.10
CA ARG B 75 40.70 14.60 -9.31
C ARG B 75 39.72 15.35 -10.19
N ILE B 76 38.52 15.58 -9.67
CA ILE B 76 37.51 16.40 -10.33
C ILE B 76 37.52 17.76 -9.67
N ARG B 77 37.81 18.78 -10.47
CA ARG B 77 37.86 20.17 -10.02
C ARG B 77 36.91 20.97 -10.89
N LYS B 78 35.94 21.63 -10.25
CA LYS B 78 34.97 22.47 -10.97
C LYS B 78 34.19 21.67 -12.00
N GLY B 79 33.90 20.41 -11.69
CA GLY B 79 33.08 19.55 -12.53
C GLY B 79 33.78 18.88 -13.69
N ASP B 80 35.02 19.24 -13.99
CA ASP B 80 35.78 18.66 -15.09
C ASP B 80 36.93 17.83 -14.56
N LEU B 81 37.12 16.66 -15.17
CA LEU B 81 38.23 15.78 -14.80
C LEU B 81 39.56 16.44 -15.12
N THR B 82 40.50 16.35 -14.16
CA THR B 82 41.87 16.81 -14.35
C THR B 82 42.77 15.62 -14.66
N ASP B 83 44.08 15.88 -14.74
CA ASP B 83 45.07 14.84 -14.93
C ASP B 83 45.83 14.51 -13.65
N ILE B 84 45.19 14.67 -12.50
CA ILE B 84 45.86 14.51 -11.21
C ILE B 84 45.39 13.19 -10.59
N PRO B 85 46.28 12.22 -10.40
CA PRO B 85 45.90 10.98 -9.71
C PRO B 85 45.35 11.28 -8.33
N ALA B 86 44.13 10.81 -8.08
CA ALA B 86 43.45 11.14 -6.83
C ALA B 86 42.58 9.97 -6.39
N ILE B 87 42.23 9.99 -5.11
CA ILE B 87 41.26 9.09 -4.50
C ILE B 87 39.98 9.89 -4.33
N LEU B 88 38.89 9.43 -4.94
CA LEU B 88 37.63 10.13 -4.84
C LEU B 88 36.92 9.64 -3.58
N VAL B 89 36.59 10.57 -2.68
CA VAL B 89 35.85 10.25 -1.46
C VAL B 89 34.42 10.73 -1.65
N PHE B 90 33.49 9.81 -1.56
CA PHE B 90 32.08 10.10 -1.82
C PHE B 90 31.40 10.45 -0.51
N VAL B 91 31.00 11.71 -0.38
CA VAL B 91 30.28 12.21 0.78
C VAL B 91 28.82 12.33 0.42
N ALA B 92 27.95 12.24 1.43
CA ALA B 92 26.51 12.36 1.15
C ALA B 92 26.16 13.77 0.72
N ARG B 93 26.72 14.79 1.39
CA ARG B 93 26.48 16.18 1.05
C ARG B 93 27.77 16.94 1.28
N LYS B 94 28.23 17.65 0.26
CA LYS B 94 29.53 18.33 0.26
C LYS B 94 29.38 19.74 0.80
N VAL B 95 29.91 19.99 2.00
CA VAL B 95 29.76 21.26 2.67
C VAL B 95 31.09 22.01 2.67
N HIS B 96 31.01 23.30 3.00
CA HIS B 96 32.18 24.17 3.08
C HIS B 96 33.10 23.76 4.22
N LYS B 97 34.39 24.06 4.07
CA LYS B 97 35.36 23.77 5.12
C LYS B 97 34.97 24.41 6.45
N LYS B 98 34.28 25.55 6.41
CA LYS B 98 33.91 26.30 7.60
C LYS B 98 33.08 25.46 8.57
N TRP B 99 32.33 24.49 8.06
CA TRP B 99 31.39 23.72 8.87
C TRP B 99 31.91 22.34 9.23
N LEU B 100 33.19 22.08 9.03
CA LEU B 100 33.81 20.80 9.33
C LEU B 100 34.78 20.95 10.49
N ASN B 101 34.73 20.02 11.42
CA ASN B 101 35.80 19.95 12.41
C ASN B 101 37.00 19.26 11.77
N PRO B 102 38.21 19.49 12.30
CA PRO B 102 39.40 18.93 11.66
C PRO B 102 39.34 17.41 11.49
N ALA B 103 38.62 16.71 12.36
CA ALA B 103 38.47 15.26 12.20
C ALA B 103 37.68 14.93 10.95
N GLN B 104 36.64 15.72 10.65
CA GLN B 104 35.79 15.42 9.50
C GLN B 104 36.45 15.80 8.19
N CYS B 105 37.13 16.95 8.14
CA CYS B 105 37.63 17.46 6.89
C CYS B 105 38.65 16.51 6.28
N LEU B 106 38.39 16.07 5.06
CA LEU B 106 39.32 15.21 4.35
C LEU B 106 40.55 16.02 3.92
N PRO B 107 41.73 15.42 3.95
CA PRO B 107 42.95 16.15 3.55
C PRO B 107 42.99 16.34 2.05
N ALA B 108 43.89 17.22 1.63
CA ALA B 108 44.06 17.46 0.19
C ALA B 108 45.06 16.52 -0.43
N ILE B 109 45.98 15.98 0.37
CA ILE B 109 46.95 15.01 -0.11
C ILE B 109 46.99 13.82 0.86
N LEU B 110 47.49 12.70 0.35
CA LEU B 110 47.69 11.50 1.17
C LEU B 110 48.90 10.75 0.61
N GLU B 111 49.85 10.39 1.48
CA GLU B 111 50.98 9.58 1.08
C GLU B 111 50.88 8.20 1.74
N GLY B 112 50.88 7.16 0.91
CA GLY B 112 50.73 5.81 1.39
C GLY B 112 52.06 5.13 1.65
N PRO B 113 52.04 3.79 1.66
CA PRO B 113 53.28 3.04 1.92
C PRO B 113 54.32 3.29 0.83
N GLY B 114 55.58 3.40 1.25
CA GLY B 114 56.68 3.61 0.34
C GLY B 114 56.76 5.01 -0.23
N GLY B 115 56.03 5.96 0.36
CA GLY B 115 56.07 7.34 -0.05
C GLY B 115 55.36 7.67 -1.34
N VAL B 116 54.64 6.72 -1.94
CA VAL B 116 53.82 7.04 -3.10
C VAL B 116 52.58 7.79 -2.64
N TRP B 117 52.40 9.00 -3.15
CA TRP B 117 51.34 9.89 -2.69
C TRP B 117 50.34 10.16 -3.80
N CYS B 118 49.20 10.72 -3.40
CA CYS B 118 48.16 11.15 -4.34
C CYS B 118 47.25 12.16 -3.65
N ASP B 119 46.34 12.73 -4.44
CA ASP B 119 45.35 13.68 -3.98
C ASP B 119 44.11 13.00 -3.43
N VAL B 120 43.31 13.76 -2.68
CA VAL B 120 42.03 13.30 -2.15
C VAL B 120 40.95 14.27 -2.60
N ASP B 121 40.10 13.84 -3.53
CA ASP B 121 39.02 14.65 -4.08
C ASP B 121 37.68 14.26 -3.46
N VAL B 122 36.87 15.27 -3.12
CA VAL B 122 35.56 15.06 -2.54
C VAL B 122 34.51 15.19 -3.63
N VAL B 123 33.60 14.21 -3.71
CA VAL B 123 32.50 14.21 -4.69
C VAL B 123 31.22 13.89 -3.94
N GLU B 124 30.18 14.69 -4.18
CA GLU B 124 28.86 14.41 -3.63
C GLU B 124 28.23 13.21 -4.32
N PHE B 125 27.66 12.29 -3.54
CA PHE B 125 27.33 10.96 -4.03
C PHE B 125 26.02 10.48 -3.40
N SER B 126 25.41 9.49 -4.05
CA SER B 126 24.21 8.84 -3.53
C SER B 126 24.06 7.47 -4.16
N TYR B 127 23.08 6.72 -3.68
CA TYR B 127 22.72 5.41 -4.24
C TYR B 127 21.22 5.36 -4.50
N GLU B 137 9.73 7.37 -19.94
CA GLU B 137 10.91 6.81 -19.28
C GLU B 137 11.72 5.91 -20.22
N GLN B 138 11.02 5.20 -21.10
CA GLN B 138 11.64 4.25 -22.01
C GLN B 138 12.24 4.98 -23.22
N MET B 139 12.98 4.23 -24.05
CA MET B 139 13.52 4.72 -25.31
C MET B 139 12.82 4.04 -26.48
N PHE B 140 12.34 4.85 -27.42
CA PHE B 140 11.68 4.34 -28.63
C PHE B 140 12.51 4.76 -29.85
N SER B 141 13.10 3.78 -30.53
CA SER B 141 13.93 4.07 -31.68
C SER B 141 14.02 2.82 -32.55
N GLU B 142 14.53 3.01 -33.77
CA GLU B 142 14.70 1.89 -34.68
C GLU B 142 15.74 0.90 -34.15
N LEU B 143 16.80 1.42 -33.52
CA LEU B 143 17.84 0.54 -32.98
C LEU B 143 17.28 -0.36 -31.88
N VAL B 144 16.52 0.22 -30.95
CA VAL B 144 15.93 -0.55 -29.86
C VAL B 144 15.02 -1.63 -30.39
N ASP B 145 14.17 -1.30 -31.37
CA ASP B 145 13.27 -2.29 -31.95
C ASP B 145 14.04 -3.43 -32.59
N LYS B 146 15.14 -3.12 -33.30
CA LYS B 146 15.95 -4.17 -33.91
C LYS B 146 16.60 -5.07 -32.87
N LEU B 147 17.12 -4.49 -31.79
CA LEU B 147 17.72 -5.31 -30.74
C LEU B 147 16.69 -6.20 -30.08
N CYS B 148 15.46 -5.70 -29.91
CA CYS B 148 14.42 -6.41 -29.20
C CYS B 148 13.60 -7.33 -30.09
N GLY B 149 14.15 -7.74 -31.23
CA GLY B 149 13.52 -8.75 -32.06
C GLY B 149 13.09 -8.32 -33.45
N SER B 150 13.20 -7.05 -33.85
CA SER B 150 12.83 -6.68 -35.21
C SER B 150 13.93 -6.90 -36.23
N ASP B 151 15.18 -7.06 -35.79
CA ASP B 151 16.27 -7.29 -36.73
C ASP B 151 16.32 -8.76 -37.15
N GLU B 152 16.91 -9.01 -38.31
CA GLU B 152 17.05 -10.37 -38.82
C GLU B 152 18.29 -11.08 -38.29
N CYS B 153 18.92 -10.56 -37.25
CA CYS B 153 20.14 -11.18 -36.74
C CYS B 153 20.25 -10.97 -35.24
N ILE B 154 21.08 -11.79 -34.61
CA ILE B 154 21.34 -11.74 -33.19
C ILE B 154 22.79 -11.33 -32.97
N GLY B 155 23.00 -10.30 -32.18
CA GLY B 155 24.33 -9.81 -31.92
C GLY B 155 24.42 -9.09 -30.60
N SER B 156 25.41 -8.23 -30.49
CA SER B 156 25.55 -7.43 -29.28
C SER B 156 24.37 -6.47 -29.19
N GLY B 157 23.84 -6.33 -27.98
CA GLY B 157 22.68 -5.51 -27.74
C GLY B 157 21.36 -6.24 -27.85
N SER B 158 21.35 -7.40 -28.51
CA SER B 158 20.12 -8.16 -28.71
C SER B 158 19.52 -8.58 -27.37
N GLN B 159 18.21 -8.45 -27.27
CA GLN B 159 17.51 -8.86 -26.07
C GLN B 159 17.55 -10.38 -25.95
N VAL B 160 18.00 -10.87 -24.80
CA VAL B 160 17.97 -12.29 -24.49
C VAL B 160 17.07 -12.46 -23.27
N ALA B 161 16.41 -13.62 -23.20
CA ALA B 161 15.39 -13.79 -22.17
C ALA B 161 15.31 -15.22 -21.71
N SER B 162 15.13 -15.40 -20.41
CA SER B 162 14.67 -16.64 -19.81
C SER B 162 13.21 -16.48 -19.43
N HIS B 163 12.65 -17.54 -18.84
CA HIS B 163 11.24 -17.51 -18.46
C HIS B 163 10.88 -16.27 -17.63
N GLU B 164 11.73 -15.89 -16.69
CA GLU B 164 11.38 -14.83 -15.74
C GLU B 164 12.10 -13.50 -15.92
N THR B 165 13.26 -13.46 -16.58
CA THR B 165 14.08 -12.26 -16.62
C THR B 165 14.51 -11.92 -18.04
N PHE B 166 14.72 -10.63 -18.28
CA PHE B 166 15.25 -10.13 -19.54
C PHE B 166 16.65 -9.58 -19.32
N GLY B 167 17.51 -9.71 -20.33
CA GLY B 167 18.84 -9.13 -20.26
C GLY B 167 19.34 -8.78 -21.64
N THR B 168 20.60 -8.33 -21.71
CA THR B 168 21.21 -7.95 -22.97
C THR B 168 22.35 -8.90 -23.31
N LEU B 169 22.46 -9.25 -24.59
CA LEU B 169 23.57 -10.07 -25.07
C LEU B 169 24.80 -9.18 -25.23
N GLY B 170 25.80 -9.39 -24.38
CA GLY B 170 26.99 -8.58 -24.41
C GLY B 170 27.95 -8.84 -25.56
N ALA B 171 28.51 -10.05 -25.62
CA ALA B 171 29.51 -10.38 -26.62
C ALA B 171 29.33 -11.81 -27.08
N ILE B 172 29.80 -12.08 -28.30
CA ILE B 172 29.87 -13.43 -28.83
C ILE B 172 31.24 -14.00 -28.45
N VAL B 173 31.24 -15.14 -27.75
CA VAL B 173 32.47 -15.68 -27.17
C VAL B 173 32.62 -17.17 -27.52
N LYS B 174 33.80 -17.69 -27.20
CA LYS B 174 34.09 -19.12 -27.22
C LYS B 174 34.82 -19.49 -25.94
N ARG B 175 34.55 -20.70 -25.45
CA ARG B 175 35.23 -21.19 -24.26
C ARG B 175 36.69 -21.51 -24.60
N ARG B 176 37.59 -21.23 -23.65
CA ARG B 176 39.00 -21.54 -23.85
C ARG B 176 39.30 -23.02 -23.60
N THR B 177 38.58 -23.66 -22.69
CA THR B 177 38.84 -25.03 -22.30
C THR B 177 37.98 -26.02 -23.09
N GLY B 178 38.35 -27.29 -22.99
CA GLY B 178 37.57 -28.37 -23.58
C GLY B 178 37.32 -28.18 -25.06
N ASN B 179 36.07 -28.41 -25.47
CA ASN B 179 35.73 -28.39 -26.89
C ASN B 179 35.61 -26.99 -27.47
N LYS B 180 35.88 -25.95 -26.68
CA LYS B 180 35.87 -24.57 -27.15
C LYS B 180 34.53 -24.20 -27.79
N GLN B 181 33.44 -24.50 -27.07
CA GLN B 181 32.09 -24.17 -27.50
C GLN B 181 31.93 -22.68 -27.74
N VAL B 182 31.25 -22.35 -28.83
CA VAL B 182 30.89 -20.97 -29.13
C VAL B 182 29.54 -20.67 -28.48
N GLY B 183 29.40 -19.46 -27.95
CA GLY B 183 28.16 -19.03 -27.34
C GLY B 183 28.17 -17.53 -27.16
N PHE B 184 27.48 -17.05 -26.12
CA PHE B 184 27.43 -15.63 -25.84
C PHE B 184 27.55 -15.35 -24.35
N LEU B 185 27.87 -14.09 -24.06
CA LEU B 185 28.07 -13.62 -22.70
C LEU B 185 27.01 -12.59 -22.34
N THR B 186 26.36 -12.80 -21.20
CA THR B 186 25.48 -11.81 -20.58
C THR B 186 25.71 -11.91 -19.08
N ASN B 187 25.09 -11.02 -18.31
CA ASN B 187 25.32 -11.00 -16.87
C ASN B 187 24.29 -11.85 -16.12
N HIS B 188 24.77 -12.60 -15.12
CA HIS B 188 24.08 -13.79 -14.61
C HIS B 188 22.67 -13.53 -14.07
N HIS B 189 22.32 -12.29 -13.75
CA HIS B 189 20.96 -12.05 -13.25
C HIS B 189 19.91 -12.32 -14.32
N VAL B 190 20.29 -12.34 -15.60
CA VAL B 190 19.40 -12.80 -16.67
C VAL B 190 19.32 -14.33 -16.71
N ALA B 191 20.31 -15.03 -16.17
CA ALA B 191 20.33 -16.49 -16.22
C ALA B 191 19.75 -17.12 -14.95
N VAL B 192 20.08 -16.54 -13.80
CA VAL B 192 19.90 -17.19 -12.52
C VAL B 192 18.43 -17.24 -12.10
N ASP B 193 18.06 -18.33 -11.42
CA ASP B 193 16.69 -18.65 -11.07
C ASP B 193 16.52 -18.88 -9.57
N LEU B 194 15.31 -18.60 -9.08
CA LEU B 194 14.90 -19.06 -7.75
C LEU B 194 13.60 -19.85 -7.77
N ASP B 195 12.66 -19.49 -8.63
CA ASP B 195 11.38 -20.18 -8.80
C ASP B 195 11.31 -21.15 -9.96
N TYR B 196 11.91 -20.85 -11.10
CA TYR B 196 11.67 -21.62 -12.30
C TYR B 196 12.97 -22.21 -12.83
N PRO B 197 12.90 -23.24 -13.67
CA PRO B 197 14.13 -23.72 -14.32
C PRO B 197 14.49 -22.89 -15.55
N ASN B 198 14.77 -21.60 -15.33
CA ASN B 198 15.04 -20.70 -16.45
C ASN B 198 16.53 -20.71 -16.78
N GLN B 199 16.98 -21.90 -17.15
CA GLN B 199 18.32 -22.10 -17.71
C GLN B 199 18.33 -21.79 -19.19
N LYS B 200 17.22 -22.08 -19.88
CA LYS B 200 17.10 -21.88 -21.31
C LYS B 200 16.91 -20.40 -21.64
N MET B 201 17.73 -19.89 -22.57
CA MET B 201 17.73 -18.51 -23.04
C MET B 201 17.08 -18.41 -24.41
N PHE B 202 16.38 -17.30 -24.66
CA PHE B 202 15.65 -17.11 -25.90
C PHE B 202 15.79 -15.67 -26.39
N HIS B 203 15.68 -15.51 -27.71
CA HIS B 203 15.60 -14.21 -28.37
C HIS B 203 14.37 -14.21 -29.28
N PRO B 204 13.48 -13.22 -29.16
CA PRO B 204 13.59 -12.15 -28.17
C PRO B 204 12.78 -12.42 -26.90
N LEU B 205 11.89 -13.40 -26.95
CA LEU B 205 10.98 -13.65 -25.85
C LEU B 205 10.97 -15.13 -25.47
N PRO B 206 10.71 -15.45 -24.20
CA PRO B 206 10.50 -16.84 -23.81
C PRO B 206 9.14 -17.33 -24.26
N PRO B 207 8.98 -18.63 -24.48
CA PRO B 207 7.70 -19.16 -24.99
C PRO B 207 6.47 -18.77 -24.19
N ASN B 208 6.62 -18.55 -22.87
CA ASN B 208 5.44 -18.19 -22.07
C ASN B 208 4.95 -16.78 -22.37
N LEU B 209 5.82 -15.90 -22.88
CA LEU B 209 5.44 -14.52 -23.13
C LEU B 209 5.17 -14.23 -24.60
N GLY B 210 5.85 -14.91 -25.52
CA GLY B 210 5.67 -14.68 -26.93
C GLY B 210 6.65 -15.45 -27.79
N PRO B 211 6.77 -15.08 -29.05
CA PRO B 211 7.62 -15.83 -29.99
C PRO B 211 9.10 -15.65 -29.69
N GLY B 212 9.88 -16.60 -30.17
CA GLY B 212 11.32 -16.53 -30.04
C GLY B 212 11.99 -17.81 -30.51
N VAL B 213 13.32 -17.78 -30.43
CA VAL B 213 14.16 -18.91 -30.81
C VAL B 213 14.99 -19.31 -29.59
N TYR B 214 15.17 -20.62 -29.40
CA TYR B 214 15.99 -21.11 -28.30
C TYR B 214 17.46 -20.90 -28.61
N LEU B 215 18.12 -20.03 -27.85
CA LEU B 215 19.53 -19.75 -28.07
C LEU B 215 20.42 -20.84 -27.48
N GLY B 216 20.11 -21.30 -26.27
CA GLY B 216 20.94 -22.26 -25.58
C GLY B 216 20.70 -22.20 -24.09
N ALA B 217 21.44 -23.03 -23.38
CA ALA B 217 21.29 -23.16 -21.93
C ALA B 217 22.54 -22.65 -21.22
N VAL B 218 22.32 -21.92 -20.12
CA VAL B 218 23.41 -21.41 -19.31
C VAL B 218 24.32 -22.55 -18.87
N GLU B 219 25.62 -22.31 -18.94
CA GLU B 219 26.64 -23.26 -18.50
C GLU B 219 27.41 -22.77 -17.28
N ARG B 220 27.98 -21.56 -17.35
CA ARG B 220 28.75 -20.96 -16.28
C ARG B 220 28.15 -19.63 -15.90
N ALA B 221 28.40 -19.20 -14.66
CA ALA B 221 28.00 -17.86 -14.23
C ALA B 221 28.83 -17.48 -13.02
N THR B 222 29.38 -16.26 -13.04
CA THR B 222 30.08 -15.70 -11.90
C THR B 222 29.19 -14.64 -11.25
N SER B 223 29.10 -14.67 -9.92
CA SER B 223 28.41 -13.60 -9.20
C SER B 223 29.33 -12.76 -8.33
N PHE B 224 30.10 -13.38 -7.44
CA PHE B 224 31.04 -12.67 -6.59
C PHE B 224 32.39 -13.36 -6.62
N ILE B 225 33.46 -12.56 -6.77
CA ILE B 225 34.83 -13.02 -6.72
C ILE B 225 35.62 -12.12 -5.78
N THR B 226 36.34 -12.72 -4.84
CA THR B 226 37.13 -11.95 -3.89
C THR B 226 38.14 -11.05 -4.62
N ASP B 227 38.43 -9.90 -3.99
CA ASP B 227 39.34 -8.93 -4.58
C ASP B 227 40.71 -9.54 -4.87
N ASP B 228 41.25 -10.33 -3.93
CA ASP B 228 42.59 -10.89 -4.13
C ASP B 228 42.66 -11.77 -5.36
N VAL B 229 41.55 -12.42 -5.72
CA VAL B 229 41.51 -13.22 -6.93
C VAL B 229 41.29 -12.33 -8.14
N TRP B 230 40.30 -11.45 -8.06
CA TRP B 230 39.92 -10.63 -9.20
C TRP B 230 41.03 -9.65 -9.58
N TYR B 231 41.42 -8.76 -8.66
CA TYR B 231 42.42 -7.77 -8.98
C TYR B 231 43.84 -8.32 -8.93
N GLY B 232 44.07 -9.34 -8.11
CA GLY B 232 45.41 -9.83 -7.88
C GLY B 232 46.11 -9.19 -6.69
N ILE B 233 45.47 -8.24 -6.02
CA ILE B 233 46.02 -7.58 -4.83
C ILE B 233 44.92 -7.51 -3.78
N TYR B 234 45.31 -7.16 -2.56
CA TYR B 234 44.35 -6.91 -1.49
C TYR B 234 43.87 -5.48 -1.61
N ALA B 235 42.63 -5.30 -2.06
CA ALA B 235 42.08 -3.98 -2.30
C ALA B 235 41.49 -3.32 -1.05
N GLY B 236 41.31 -4.06 0.04
CA GLY B 236 40.72 -3.52 1.24
C GLY B 236 41.08 -4.34 2.45
N THR B 237 40.92 -3.73 3.63
CA THR B 237 41.28 -4.39 4.88
C THR B 237 40.21 -5.35 5.37
N ASN B 238 38.99 -5.24 4.86
CA ASN B 238 37.92 -6.14 5.30
C ASN B 238 38.21 -7.55 4.81
N PRO B 239 38.20 -8.57 5.68
CA PRO B 239 38.43 -9.93 5.20
C PRO B 239 37.27 -10.51 4.42
N GLU B 240 36.07 -9.95 4.55
CA GLU B 240 34.95 -10.28 3.68
C GLU B 240 34.85 -9.22 2.58
N THR B 241 35.74 -9.30 1.59
CA THR B 241 35.74 -8.34 0.49
C THR B 241 35.43 -9.06 -0.83
N PHE B 242 34.36 -8.65 -1.50
CA PHE B 242 33.94 -9.25 -2.76
C PHE B 242 33.83 -8.23 -3.89
N VAL B 243 34.06 -8.70 -5.11
CA VAL B 243 33.95 -7.91 -6.33
C VAL B 243 32.66 -8.28 -7.05
N ARG B 244 31.88 -7.28 -7.45
CA ARG B 244 30.67 -7.54 -8.23
C ARG B 244 31.08 -7.91 -9.64
N ALA B 245 30.90 -9.18 -9.99
CA ALA B 245 31.47 -9.85 -11.17
C ALA B 245 30.39 -10.53 -12.01
N ASP B 246 29.29 -9.83 -12.30
CA ASP B 246 28.16 -10.46 -13.00
C ASP B 246 28.50 -10.91 -14.42
N GLY B 247 28.48 -12.22 -14.65
CA GLY B 247 28.67 -12.77 -15.98
C GLY B 247 28.05 -14.14 -16.10
N ALA B 248 27.62 -14.48 -17.31
CA ALA B 248 27.01 -15.78 -17.59
C ALA B 248 27.36 -16.20 -19.01
N PHE B 249 27.82 -17.43 -19.16
CA PHE B 249 28.18 -17.99 -20.46
C PHE B 249 27.10 -18.96 -20.92
N ILE B 250 26.48 -18.67 -22.05
CA ILE B 250 25.45 -19.55 -22.61
C ILE B 250 25.94 -20.11 -23.93
N PRO B 251 26.43 -21.35 -23.97
CA PRO B 251 26.84 -21.95 -25.24
C PRO B 251 25.63 -22.18 -26.15
N PHE B 252 25.79 -21.79 -27.42
CA PHE B 252 24.69 -21.91 -28.38
C PHE B 252 24.23 -23.37 -28.50
N ALA B 253 22.92 -23.54 -28.62
CA ALA B 253 22.35 -24.86 -28.85
C ALA B 253 22.90 -25.47 -30.13
N ASP B 254 22.99 -26.80 -30.16
CA ASP B 254 23.49 -27.48 -31.35
C ASP B 254 22.56 -27.25 -32.55
N ASP B 255 21.26 -27.14 -32.29
CA ASP B 255 20.29 -26.84 -33.35
C ASP B 255 20.43 -25.40 -33.86
N PHE B 256 20.90 -24.49 -33.03
CA PHE B 256 20.84 -23.06 -33.32
C PHE B 256 21.59 -22.71 -34.61
N ASP B 257 20.93 -21.91 -35.45
CA ASP B 257 21.43 -21.43 -36.74
C ASP B 257 22.41 -20.28 -36.53
N ILE B 258 23.71 -20.59 -36.49
CA ILE B 258 24.77 -19.61 -36.25
C ILE B 258 24.94 -18.70 -37.47
N SER B 259 24.18 -18.97 -38.53
CA SER B 259 24.21 -18.08 -39.68
C SER B 259 23.58 -16.73 -39.36
N THR B 260 22.67 -16.70 -38.39
CA THR B 260 21.96 -15.50 -37.97
C THR B 260 22.75 -14.64 -36.98
N VAL B 261 23.93 -15.09 -36.52
CA VAL B 261 24.72 -14.35 -35.55
C VAL B 261 25.66 -13.39 -36.26
N THR B 262 25.81 -12.21 -35.68
CA THR B 262 26.72 -11.18 -36.17
C THR B 262 27.66 -10.77 -35.04
N THR B 263 28.95 -10.69 -35.36
CA THR B 263 29.96 -10.24 -34.40
C THR B 263 30.09 -8.72 -34.37
N VAL B 264 29.19 -8.01 -35.02
CA VAL B 264 29.19 -6.56 -35.12
C VAL B 264 28.34 -5.97 -34.00
N VAL B 265 28.80 -4.86 -33.42
CA VAL B 265 28.02 -4.12 -32.45
C VAL B 265 27.23 -3.09 -33.25
N ARG B 266 25.94 -3.35 -33.43
CA ARG B 266 25.06 -2.48 -34.22
C ARG B 266 25.06 -1.05 -33.68
N GLY B 267 25.40 -0.10 -34.53
CA GLY B 267 25.49 1.30 -34.15
C GLY B 267 26.87 1.77 -33.77
N VAL B 268 27.83 0.87 -33.63
CA VAL B 268 29.23 1.21 -33.38
C VAL B 268 30.12 0.70 -34.51
N GLY B 269 29.96 -0.58 -34.88
CA GLY B 269 30.70 -1.17 -35.97
C GLY B 269 31.52 -2.37 -35.50
N ASP B 270 32.60 -2.64 -36.22
CA ASP B 270 33.49 -3.74 -35.92
C ASP B 270 34.35 -3.38 -34.71
N ILE B 271 34.31 -4.19 -33.67
CA ILE B 271 35.06 -3.89 -32.46
C ILE B 271 36.38 -4.66 -32.49
N GLY B 272 37.35 -4.18 -31.72
CA GLY B 272 38.61 -4.85 -31.54
C GLY B 272 38.58 -5.84 -30.39
N ASP B 273 39.74 -6.41 -30.11
CA ASP B 273 39.83 -7.38 -29.02
C ASP B 273 39.65 -6.66 -27.68
N VAL B 274 39.33 -7.45 -26.65
CA VAL B 274 39.17 -6.90 -25.30
C VAL B 274 40.40 -6.12 -24.90
N LYS B 275 40.20 -4.89 -24.43
CA LYS B 275 41.29 -4.07 -23.90
C LYS B 275 41.41 -4.35 -22.41
N VAL B 276 42.50 -5.02 -22.02
CA VAL B 276 42.70 -5.42 -20.63
C VAL B 276 43.03 -4.20 -19.79
N ILE B 277 42.40 -4.10 -18.62
CA ILE B 277 42.67 -3.00 -17.71
C ILE B 277 43.88 -3.37 -16.86
N ASP B 278 45.07 -2.95 -17.31
CA ASP B 278 46.30 -3.23 -16.58
C ASP B 278 46.48 -2.19 -15.48
N LEU B 279 46.46 -2.65 -14.23
CA LEU B 279 46.49 -1.76 -13.08
C LEU B 279 47.77 -0.94 -12.98
N GLN B 280 48.82 -1.31 -13.72
CA GLN B 280 50.10 -0.62 -13.63
C GLN B 280 50.34 0.36 -14.78
N CYS B 281 49.44 0.40 -15.76
CA CYS B 281 49.51 1.37 -16.84
C CYS B 281 49.15 2.76 -16.32
N PRO B 282 49.52 3.81 -17.05
CA PRO B 282 49.15 5.16 -16.63
C PRO B 282 47.63 5.35 -16.67
N LEU B 283 47.12 6.11 -15.68
CA LEU B 283 45.68 6.24 -15.49
C LEU B 283 44.97 6.74 -16.75
N ASN B 284 45.57 7.70 -17.46
CA ASN B 284 44.86 8.37 -18.54
C ASN B 284 44.43 7.43 -19.66
N SER B 285 44.90 6.19 -19.68
CA SER B 285 44.44 5.27 -20.69
C SER B 285 43.06 4.68 -20.38
N LEU B 286 42.62 4.72 -19.11
CA LEU B 286 41.24 4.37 -18.77
C LEU B 286 40.44 5.53 -18.19
N ILE B 287 40.96 6.20 -17.16
CA ILE B 287 40.24 7.26 -16.45
C ILE B 287 40.04 8.46 -17.38
N GLY B 288 38.80 8.87 -17.57
CA GLY B 288 38.48 9.99 -18.45
C GLY B 288 38.20 9.60 -19.89
N ARG B 289 38.53 8.39 -20.30
CA ARG B 289 38.25 7.96 -21.65
C ARG B 289 36.76 7.93 -21.93
N GLN B 290 36.40 8.22 -23.18
CA GLN B 290 35.00 8.21 -23.57
C GLN B 290 34.57 6.80 -23.94
N VAL B 291 33.39 6.41 -23.48
CA VAL B 291 32.85 5.09 -23.75
C VAL B 291 31.46 5.21 -24.39
N CYS B 292 31.03 4.11 -25.00
CA CYS B 292 29.70 4.00 -25.59
C CYS B 292 29.10 2.66 -25.20
N LYS B 293 27.79 2.56 -25.31
CA LYS B 293 27.02 1.36 -24.95
C LYS B 293 25.85 1.19 -25.89
N VAL B 294 25.61 -0.06 -26.31
CA VAL B 294 24.42 -0.41 -27.09
C VAL B 294 23.61 -1.40 -26.26
N GLY B 295 22.45 -0.97 -25.76
CA GLY B 295 21.62 -1.81 -24.93
C GLY B 295 20.16 -1.78 -25.33
N ARG B 296 19.47 -2.86 -24.98
CA ARG B 296 18.07 -3.08 -25.36
C ARG B 296 17.09 -2.11 -24.71
N SER B 297 17.54 -1.25 -23.79
CA SER B 297 16.66 -0.29 -23.13
C SER B 297 16.92 1.15 -23.53
N SER B 298 18.19 1.55 -23.62
CA SER B 298 18.53 2.92 -23.99
C SER B 298 19.16 3.02 -25.38
N GLY B 299 19.30 1.91 -26.09
CA GLY B 299 19.94 1.94 -27.40
C GLY B 299 21.40 2.34 -27.28
N HIS B 300 21.83 3.27 -28.13
CA HIS B 300 23.20 3.77 -28.13
C HIS B 300 23.32 4.98 -27.24
N THR B 301 24.20 4.92 -26.24
CA THR B 301 24.51 6.04 -25.37
C THR B 301 26.01 6.23 -25.30
N THR B 302 26.43 7.44 -24.91
CA THR B 302 27.85 7.77 -24.79
C THR B 302 28.12 8.37 -23.41
N GLY B 303 29.24 7.97 -22.81
CA GLY B 303 29.62 8.47 -21.50
C GLY B 303 31.11 8.53 -21.24
N THR B 304 31.50 8.77 -19.98
CA THR B 304 32.90 8.94 -19.60
C THR B 304 33.23 8.03 -18.42
N VAL B 305 34.42 7.44 -18.45
CA VAL B 305 34.89 6.65 -17.32
C VAL B 305 35.35 7.61 -16.22
N MET B 306 34.61 7.66 -15.11
CA MET B 306 34.92 8.60 -14.04
C MET B 306 35.86 8.02 -12.99
N ALA B 307 35.73 6.74 -12.67
CA ALA B 307 36.53 6.17 -11.60
C ALA B 307 36.59 4.65 -11.74
N TYR B 308 37.56 4.07 -11.05
CA TYR B 308 37.77 2.64 -10.97
C TYR B 308 37.65 2.20 -9.52
N ALA B 309 37.39 0.90 -9.32
CA ALA B 309 37.47 0.26 -8.01
C ALA B 309 36.63 0.99 -6.96
N LEU B 310 35.32 1.01 -7.21
CA LEU B 310 34.37 1.71 -6.34
C LEU B 310 34.13 0.85 -5.09
N GLU B 311 34.59 1.35 -3.95
CA GLU B 311 34.45 0.67 -2.67
C GLU B 311 33.11 1.01 -2.05
N TYR B 312 32.48 0.01 -1.42
CA TYR B 312 31.22 0.23 -0.72
C TYR B 312 31.09 -0.80 0.39
N ASN B 313 31.13 -0.34 1.63
CA ASN B 313 30.96 -1.16 2.83
C ASN B 313 29.51 -1.04 3.30
N ASP B 314 28.69 -2.07 3.02
CA ASP B 314 27.26 -2.02 3.27
C ASP B 314 26.92 -2.29 4.74
N GLU B 315 25.61 -2.33 5.01
CA GLU B 315 25.11 -2.38 6.38
C GLU B 315 25.54 -3.66 7.10
N LYS B 316 25.59 -4.78 6.39
CA LYS B 316 25.92 -6.06 7.01
C LYS B 316 27.41 -6.24 7.30
N GLY B 317 28.26 -5.33 6.83
CA GLY B 317 29.68 -5.38 7.14
C GLY B 317 30.56 -5.99 6.08
N ILE B 318 30.05 -6.18 4.86
CA ILE B 318 30.81 -6.76 3.77
C ILE B 318 31.25 -5.66 2.82
N CYS B 319 32.49 -5.72 2.34
CA CYS B 319 33.03 -4.75 1.41
C CYS B 319 32.78 -5.21 -0.02
N PHE B 320 32.25 -4.32 -0.86
CA PHE B 320 31.93 -4.64 -2.25
C PHE B 320 32.65 -3.68 -3.19
N PHE B 321 33.31 -4.22 -4.20
CA PHE B 321 34.01 -3.42 -5.21
C PHE B 321 33.30 -3.48 -6.55
N THR B 322 33.18 -2.33 -7.21
CA THR B 322 32.62 -2.22 -8.55
C THR B 322 33.68 -1.64 -9.48
N ASP B 323 34.03 -2.39 -10.53
CA ASP B 323 35.19 -2.06 -11.36
C ASP B 323 35.09 -0.67 -11.99
N ILE B 324 34.08 -0.45 -12.83
CA ILE B 324 34.02 0.74 -13.68
C ILE B 324 32.83 1.60 -13.29
N LEU B 325 33.05 2.91 -13.23
CA LEU B 325 32.02 3.91 -12.94
C LEU B 325 31.92 4.86 -14.13
N VAL B 326 30.81 4.80 -14.86
CA VAL B 326 30.57 5.60 -16.06
C VAL B 326 29.48 6.61 -15.78
N VAL B 327 29.69 7.85 -16.23
CA VAL B 327 28.67 8.89 -16.23
C VAL B 327 28.38 9.30 -17.67
N GLY B 328 27.10 9.31 -18.03
CA GLY B 328 26.72 9.71 -19.38
C GLY B 328 27.08 11.14 -19.71
N GLU B 329 27.37 11.38 -20.98
CA GLU B 329 27.74 12.70 -21.47
C GLU B 329 26.53 13.61 -21.61
N ASN B 330 26.78 14.92 -21.54
CA ASN B 330 25.78 15.96 -21.79
C ASN B 330 24.55 15.80 -20.89
N ARG B 331 24.79 15.49 -19.62
CA ARG B 331 23.73 15.38 -18.62
C ARG B 331 22.64 14.39 -19.04
N GLN B 332 23.01 13.32 -19.73
CA GLN B 332 22.04 12.30 -20.10
C GLN B 332 22.45 10.95 -19.53
N THR B 333 21.48 10.19 -19.06
CA THR B 333 21.75 8.92 -18.41
C THR B 333 22.47 7.98 -19.36
N PHE B 334 23.50 7.31 -18.85
CA PHE B 334 24.26 6.38 -19.68
C PHE B 334 23.46 5.11 -19.97
N ASP B 335 22.64 4.67 -19.02
CA ASP B 335 21.87 3.45 -19.20
C ASP B 335 20.55 3.58 -18.45
N LEU B 336 19.66 2.66 -18.74
CA LEU B 336 18.39 2.51 -18.06
C LEU B 336 18.28 1.09 -17.53
N GLU B 337 17.20 0.83 -16.79
CA GLU B 337 16.96 -0.50 -16.28
C GLU B 337 16.73 -1.43 -17.46
N GLY B 338 17.42 -2.57 -17.47
CA GLY B 338 17.38 -3.48 -18.59
C GLY B 338 18.61 -3.46 -19.47
N ASP B 339 19.48 -2.47 -19.36
CA ASP B 339 20.69 -2.48 -20.18
C ASP B 339 21.73 -3.46 -19.68
N SER B 340 21.55 -4.02 -18.48
CA SER B 340 22.54 -4.89 -17.85
C SER B 340 23.02 -5.99 -18.78
N GLY B 341 24.34 -6.06 -18.97
CA GLY B 341 24.99 -6.98 -19.88
C GLY B 341 25.63 -6.30 -21.08
N SER B 342 25.10 -5.15 -21.49
CA SER B 342 25.60 -4.41 -22.64
C SER B 342 27.10 -4.18 -22.53
N LEU B 343 27.76 -4.20 -23.69
CA LEU B 343 29.21 -3.98 -23.73
C LEU B 343 29.52 -2.49 -23.52
N ILE B 344 30.50 -2.22 -22.67
CA ILE B 344 30.99 -0.86 -22.46
C ILE B 344 32.21 -0.71 -23.35
N ILE B 345 32.03 -0.01 -24.47
CA ILE B 345 33.04 0.03 -25.53
C ILE B 345 33.77 1.36 -25.47
N LEU B 346 35.10 1.31 -25.49
CA LEU B 346 35.92 2.51 -25.60
C LEU B 346 35.79 3.10 -26.99
N THR B 347 35.38 4.37 -27.09
CA THR B 347 35.25 4.98 -28.40
C THR B 347 36.61 5.21 -29.01
N SER B 348 36.65 5.09 -30.34
CA SER B 348 37.88 5.28 -31.10
C SER B 348 38.46 6.67 -30.91
N GLN B 349 39.69 6.73 -30.38
CA GLN B 349 40.40 7.99 -30.17
C GLN B 349 41.20 8.48 -31.38
N ASP B 350 41.94 7.59 -32.05
CA ASP B 350 42.71 8.01 -33.23
C ASP B 350 42.51 7.09 -34.43
N GLY B 351 41.35 6.47 -34.55
CA GLY B 351 41.10 5.61 -35.68
C GLY B 351 41.15 4.13 -35.39
N GLU B 352 41.54 3.71 -34.18
CA GLU B 352 41.50 2.29 -33.91
C GLU B 352 40.08 1.79 -33.78
N LYS B 353 39.93 0.48 -33.93
CA LYS B 353 38.62 -0.11 -33.75
C LYS B 353 38.24 0.02 -32.28
N PRO B 354 37.01 0.39 -31.98
CA PRO B 354 36.61 0.56 -30.57
C PRO B 354 36.72 -0.76 -29.83
N ARG B 355 37.50 -0.75 -28.76
CA ARG B 355 37.72 -1.99 -28.03
C ARG B 355 36.81 -2.05 -26.81
N PRO B 356 36.19 -3.20 -26.53
CA PRO B 356 35.36 -3.31 -25.32
C PRO B 356 36.22 -3.49 -24.09
N ILE B 357 35.86 -2.77 -23.03
CA ILE B 357 36.56 -2.91 -21.76
C ILE B 357 35.70 -3.52 -20.65
N GLY B 358 34.37 -3.51 -20.78
CA GLY B 358 33.54 -4.08 -19.74
C GLY B 358 32.10 -4.27 -20.16
N ILE B 359 31.30 -4.78 -19.23
CA ILE B 359 29.86 -4.94 -19.41
C ILE B 359 29.14 -4.27 -18.25
N ILE B 360 27.94 -3.75 -18.54
CA ILE B 360 27.11 -3.09 -17.53
C ILE B 360 26.63 -4.10 -16.48
N TRP B 361 26.69 -3.69 -15.21
CA TRP B 361 26.29 -4.52 -14.10
C TRP B 361 24.83 -4.28 -13.74
N GLY B 362 24.12 -5.36 -13.45
CA GLY B 362 22.71 -5.30 -13.06
C GLY B 362 22.49 -5.86 -11.67
N GLY B 363 21.96 -5.06 -10.73
CA GLY B 363 21.76 -5.53 -9.35
C GLY B 363 20.87 -4.64 -8.50
N THR B 364 21.09 -4.60 -7.18
CA THR B 364 20.34 -3.73 -6.29
C THR B 364 20.98 -2.34 -6.13
N ALA B 365 22.31 -2.26 -6.16
CA ALA B 365 23.06 -1.00 -6.08
C ALA B 365 23.38 -0.45 -7.46
N ASN B 366 22.53 -0.76 -8.45
CA ASN B 366 22.75 -0.44 -9.87
C ASN B 366 23.27 0.97 -10.13
N ARG B 367 22.54 1.99 -9.66
CA ARG B 367 22.89 3.34 -10.05
C ARG B 367 22.26 4.38 -9.14
N GLY B 368 23.12 5.25 -8.59
CA GLY B 368 22.67 6.34 -7.75
C GLY B 368 22.95 7.63 -8.48
N ARG B 369 23.38 8.68 -7.78
CA ARG B 369 23.59 9.96 -8.43
C ARG B 369 24.88 10.59 -7.91
N LEU B 370 25.54 11.40 -8.74
CA LEU B 370 26.68 12.18 -8.29
C LEU B 370 26.61 13.56 -8.90
N LYS B 371 26.89 14.58 -8.08
CA LYS B 371 26.84 15.98 -8.48
C LYS B 371 28.22 16.45 -8.89
N LEU B 372 28.32 17.03 -10.08
CA LEU B 372 29.57 17.54 -10.61
C LEU B 372 29.64 19.06 -10.61
N THR B 373 28.52 19.74 -10.84
CA THR B 373 28.42 21.18 -10.77
C THR B 373 27.20 21.59 -9.99
N SER B 374 27.24 22.81 -9.45
CA SER B 374 26.10 23.34 -8.72
C SER B 374 24.91 23.64 -9.63
N ASP B 375 25.16 24.27 -10.79
CA ASP B 375 24.06 24.77 -11.61
C ASP B 375 23.10 23.67 -12.05
N HIS B 376 23.60 22.64 -12.73
CA HIS B 376 22.74 21.53 -13.08
C HIS B 376 22.89 20.42 -12.04
N GLY B 377 21.79 19.69 -11.81
CA GLY B 377 21.70 18.78 -10.70
C GLY B 377 22.53 17.51 -10.79
N PRO B 378 22.17 16.54 -9.96
CA PRO B 378 22.95 15.29 -9.92
C PRO B 378 22.69 14.43 -11.16
N GLU B 379 23.78 13.91 -11.72
CA GLU B 379 23.74 13.04 -12.87
C GLU B 379 23.79 11.59 -12.41
N ASN B 380 23.33 10.69 -13.28
CA ASN B 380 23.31 9.27 -12.97
C ASN B 380 24.65 8.64 -13.33
N TRP B 381 25.12 7.69 -12.52
CA TRP B 381 26.30 6.92 -12.85
C TRP B 381 25.92 5.45 -13.03
N THR B 382 26.70 4.75 -13.84
CA THR B 382 26.46 3.35 -14.20
C THR B 382 27.65 2.49 -13.80
N SER B 383 27.37 1.27 -13.35
CA SER B 383 28.39 0.34 -12.88
C SER B 383 28.77 -0.62 -14.01
N GLY B 384 30.08 -0.80 -14.21
CA GLY B 384 30.56 -1.76 -15.19
C GLY B 384 31.51 -2.74 -14.55
N VAL B 385 31.54 -3.95 -15.12
CA VAL B 385 32.42 -5.03 -14.67
C VAL B 385 33.59 -5.13 -15.64
N ASP B 386 34.79 -5.34 -15.11
CA ASP B 386 35.99 -5.44 -15.94
C ASP B 386 35.90 -6.64 -16.89
N LEU B 387 35.80 -6.38 -18.20
CA LEU B 387 35.66 -7.49 -19.15
C LEU B 387 36.94 -8.31 -19.24
N GLY B 388 38.10 -7.65 -19.18
CA GLY B 388 39.36 -8.36 -19.20
C GLY B 388 39.42 -9.40 -18.10
N ARG B 389 39.05 -8.99 -16.89
CA ARG B 389 39.04 -9.89 -15.74
C ARG B 389 37.87 -10.87 -15.80
N LEU B 390 36.73 -10.46 -16.36
CA LEU B 390 35.58 -11.36 -16.42
C LEU B 390 35.83 -12.52 -17.38
N LEU B 391 36.38 -12.23 -18.56
CA LEU B 391 36.68 -13.29 -19.52
C LEU B 391 37.69 -14.28 -18.96
N ASP B 392 38.70 -13.78 -18.24
CA ASP B 392 39.67 -14.68 -17.62
C ASP B 392 39.01 -15.60 -16.59
N ARG B 393 38.11 -15.05 -15.76
CA ARG B 393 37.49 -15.84 -14.70
C ARG B 393 36.50 -16.85 -15.26
N LEU B 394 35.75 -16.48 -16.28
CA LEU B 394 34.86 -17.41 -16.95
C LEU B 394 35.58 -18.28 -17.98
N GLU B 395 36.84 -17.97 -18.28
CA GLU B 395 37.63 -18.71 -19.28
C GLU B 395 37.01 -18.60 -20.67
N LEU B 396 36.80 -17.36 -21.11
CA LEU B 396 36.18 -17.07 -22.40
C LEU B 396 37.09 -16.21 -23.26
N ASP B 397 36.95 -16.37 -24.58
CA ASP B 397 37.61 -15.54 -25.58
C ASP B 397 36.53 -14.84 -26.41
N ILE B 398 36.72 -13.55 -26.65
CA ILE B 398 35.72 -12.78 -27.41
C ILE B 398 35.98 -12.94 -28.90
N ILE B 399 34.91 -13.19 -29.65
CA ILE B 399 34.94 -13.32 -31.10
C ILE B 399 34.48 -12.01 -31.72
N ILE B 400 35.31 -11.40 -32.57
CA ILE B 400 35.02 -10.07 -33.09
C ILE B 400 34.83 -10.00 -34.60
N THR B 401 35.08 -11.07 -35.35
CA THR B 401 34.83 -11.05 -36.79
C THR B 401 33.93 -12.21 -37.18
N ASN B 402 33.05 -11.97 -38.17
CA ASN B 402 32.16 -13.03 -38.63
C ASN B 402 32.94 -14.22 -39.16
N GLU B 403 34.12 -13.99 -39.74
CA GLU B 403 34.93 -15.10 -40.22
C GLU B 403 35.52 -15.88 -39.05
N SER B 404 36.01 -15.18 -38.03
CA SER B 404 36.50 -15.89 -36.84
C SER B 404 35.38 -16.67 -36.19
N LEU B 405 34.15 -16.16 -36.25
CA LEU B 405 33.01 -16.90 -35.71
C LEU B 405 32.80 -18.22 -36.46
N GLN B 406 32.71 -18.15 -37.79
CA GLN B 406 32.48 -19.37 -38.55
C GLN B 406 33.64 -20.35 -38.43
N ASP B 407 34.86 -19.82 -38.27
CA ASP B 407 36.03 -20.67 -38.00
C ASP B 407 35.93 -21.31 -36.64
N ALA B 408 35.60 -20.52 -35.62
CA ALA B 408 35.48 -21.05 -34.26
C ALA B 408 34.43 -22.14 -34.18
N VAL B 409 33.39 -22.05 -35.01
CA VAL B 409 32.34 -23.06 -34.98
C VAL B 409 32.87 -24.42 -35.42
N GLN B 410 33.69 -24.45 -36.49
CA GLN B 410 34.18 -25.72 -37.00
C GLN B 410 35.10 -26.44 -36.02
N GLN B 411 35.96 -25.71 -35.32
CA GLN B 411 36.89 -26.36 -34.39
C GLN B 411 36.22 -26.60 -33.04
N GLN B 412 35.19 -27.44 -33.08
CA GLN B 412 34.49 -27.84 -31.85
C GLN B 412 34.57 -29.35 -31.65
N SER C 2 -45.86 3.62 -10.83
CA SER C 2 -45.66 2.19 -11.07
C SER C 2 -44.23 1.94 -11.53
N ALA C 3 -43.92 0.69 -11.89
CA ALA C 3 -42.60 0.32 -12.40
C ALA C 3 -41.48 0.68 -11.41
N ALA C 4 -41.54 0.07 -10.22
CA ALA C 4 -40.55 0.33 -9.19
C ALA C 4 -39.26 -0.46 -9.36
N TYR C 5 -39.11 -1.20 -10.45
CA TYR C 5 -38.00 -2.10 -10.69
C TYR C 5 -37.25 -1.70 -11.96
N PHE C 6 -36.03 -2.21 -12.11
CA PHE C 6 -35.30 -2.08 -13.37
C PHE C 6 -35.71 -3.23 -14.27
N LEU C 7 -35.82 -2.95 -15.56
CA LEU C 7 -36.19 -3.98 -16.52
C LEU C 7 -34.98 -4.27 -17.41
N TRP C 8 -34.50 -5.50 -17.33
CA TRP C 8 -33.34 -5.94 -18.06
C TRP C 8 -33.72 -6.18 -19.52
N PRO C 9 -32.80 -5.95 -20.46
CA PRO C 9 -33.12 -6.15 -21.87
C PRO C 9 -33.41 -7.61 -22.18
N THR C 10 -34.16 -7.81 -23.26
CA THR C 10 -34.57 -9.12 -23.74
C THR C 10 -33.86 -9.54 -25.04
N SER C 11 -32.59 -9.18 -25.21
CA SER C 11 -31.89 -9.57 -26.43
C SER C 11 -31.32 -10.99 -26.38
N ASN C 12 -32.17 -11.97 -26.05
CA ASN C 12 -31.74 -13.37 -26.11
C ASN C 12 -32.95 -14.25 -26.44
N LEU C 13 -33.12 -14.63 -27.70
CA LEU C 13 -34.18 -15.59 -27.99
C LEU C 13 -33.72 -17.00 -27.66
N GLN C 14 -32.42 -17.21 -27.79
CA GLN C 14 -31.40 -17.86 -26.95
C GLN C 14 -31.23 -19.38 -26.77
N HIS C 15 -32.06 -20.31 -27.22
CA HIS C 15 -31.59 -21.28 -28.20
C HIS C 15 -32.02 -20.91 -29.62
N CYS C 16 -31.74 -19.74 -30.10
CA CYS C 16 -31.91 -19.66 -31.55
C CYS C 16 -30.68 -19.12 -32.23
N ALA C 17 -30.00 -18.18 -31.57
CA ALA C 17 -28.74 -17.63 -32.01
C ALA C 17 -27.58 -18.47 -31.50
N ALA C 18 -27.74 -19.11 -30.35
CA ALA C 18 -26.70 -20.00 -29.86
C ALA C 18 -26.56 -21.22 -30.75
N GLU C 19 -27.67 -21.78 -31.21
CA GLU C 19 -27.59 -22.86 -32.18
C GLU C 19 -27.45 -22.32 -33.61
N GLY C 20 -28.12 -21.20 -33.91
CA GLY C 20 -28.00 -20.62 -35.23
C GLY C 20 -26.61 -20.12 -35.57
N ARG C 21 -25.87 -19.66 -34.56
CA ARG C 21 -24.47 -19.30 -34.78
C ARG C 21 -23.67 -20.53 -35.14
N ALA C 22 -23.85 -21.61 -34.38
CA ALA C 22 -23.17 -22.86 -34.67
C ALA C 22 -23.58 -23.40 -36.02
N ASN C 23 -24.88 -23.33 -36.33
CA ASN C 23 -25.38 -23.86 -37.60
C ASN C 23 -24.81 -23.09 -38.78
N TYR C 24 -24.66 -21.77 -38.65
CA TYR C 24 -24.05 -20.98 -39.73
C TYR C 24 -22.61 -21.40 -40.01
N PHE C 25 -21.74 -21.35 -38.98
CA PHE C 25 -20.33 -21.67 -39.19
C PHE C 25 -20.10 -23.15 -39.42
N GLY C 26 -20.88 -24.02 -38.78
CA GLY C 26 -20.76 -25.44 -39.05
C GLY C 26 -21.09 -25.80 -40.49
N ASN C 27 -22.23 -25.29 -40.97
CA ASN C 27 -22.65 -25.52 -42.35
C ASN C 27 -22.02 -24.55 -43.34
N LEU C 28 -21.24 -23.57 -42.86
CA LEU C 28 -20.41 -22.76 -43.75
C LEU C 28 -19.23 -23.59 -44.24
N GLN C 29 -19.09 -24.79 -43.70
CA GLN C 29 -18.05 -25.76 -43.97
C GLN C 29 -18.55 -26.80 -44.97
N LYS C 30 -19.70 -26.52 -45.61
CA LYS C 30 -20.29 -27.40 -46.63
C LYS C 30 -19.56 -27.30 -47.97
N GLY C 31 -19.26 -26.09 -48.43
CA GLY C 31 -18.70 -25.89 -49.75
C GLY C 31 -17.24 -25.53 -49.83
N LEU C 32 -16.42 -26.01 -48.92
CA LEU C 32 -15.05 -25.53 -48.84
C LEU C 32 -14.12 -26.27 -49.81
N LEU C 33 -14.50 -26.26 -51.08
CA LEU C 33 -13.61 -26.77 -52.12
C LEU C 33 -12.33 -25.94 -52.28
N PRO C 34 -12.39 -24.61 -52.51
CA PRO C 34 -11.17 -23.85 -52.82
C PRO C 34 -10.30 -23.48 -51.62
N ARG C 35 -9.00 -23.80 -51.68
CA ARG C 35 -8.00 -23.25 -50.75
C ARG C 35 -6.83 -22.53 -51.45
N HIS C 36 -7.02 -22.09 -52.69
CA HIS C 36 -5.91 -21.90 -53.62
C HIS C 36 -4.88 -20.89 -53.12
N PRO C 37 -3.56 -21.17 -53.30
CA PRO C 37 -2.50 -20.31 -52.74
C PRO C 37 -2.29 -19.02 -53.53
N GLY C 38 -2.74 -17.91 -52.97
CA GLY C 38 -2.32 -16.59 -53.41
C GLY C 38 -2.85 -16.10 -54.74
N ARG C 39 -2.93 -14.79 -54.86
CA ARG C 39 -3.17 -13.98 -56.06
C ARG C 39 -4.61 -14.02 -56.57
N LEU C 40 -5.52 -14.84 -55.99
CA LEU C 40 -6.78 -14.32 -55.48
C LEU C 40 -7.45 -13.33 -56.43
N PRO C 41 -8.02 -13.75 -57.56
CA PRO C 41 -8.36 -12.79 -58.62
C PRO C 41 -9.21 -11.62 -58.11
N LYS C 42 -8.90 -10.44 -58.65
CA LYS C 42 -9.29 -9.15 -58.07
C LYS C 42 -10.79 -8.90 -58.04
N GLY C 43 -11.56 -9.53 -58.92
CA GLY C 43 -13.00 -9.30 -58.89
C GLY C 43 -13.61 -9.67 -57.56
N GLN C 44 -12.99 -10.60 -56.84
CA GLN C 44 -13.49 -11.09 -55.56
C GLN C 44 -12.77 -10.45 -54.37
N GLN C 45 -12.11 -9.30 -54.56
CA GLN C 45 -11.43 -8.64 -53.45
C GLN C 45 -12.45 -8.02 -52.51
N ALA C 46 -12.16 -8.06 -51.21
CA ALA C 46 -13.05 -7.46 -50.24
C ALA C 46 -13.22 -5.97 -50.52
N ASN C 47 -14.46 -5.51 -50.39
CA ASN C 47 -14.72 -4.09 -50.64
C ASN C 47 -15.42 -3.40 -49.47
N SER C 48 -16.31 -4.10 -48.76
CA SER C 48 -17.11 -3.50 -47.70
C SER C 48 -16.58 -3.86 -46.32
N LEU C 49 -17.16 -3.23 -45.30
CA LEU C 49 -16.91 -3.64 -43.93
C LEU C 49 -17.44 -5.04 -43.66
N LEU C 50 -18.60 -5.38 -44.23
CA LEU C 50 -19.16 -6.72 -44.06
C LEU C 50 -18.22 -7.78 -44.62
N ASP C 51 -17.58 -7.49 -45.75
CA ASP C 51 -16.66 -8.44 -46.36
C ASP C 51 -15.53 -8.80 -45.40
N LEU C 52 -14.86 -7.79 -44.84
CA LEU C 52 -13.77 -8.06 -43.91
C LEU C 52 -14.25 -8.80 -42.67
N MET C 53 -15.43 -8.45 -42.16
CA MET C 53 -15.89 -9.04 -40.91
C MET C 53 -16.27 -10.50 -41.10
N THR C 54 -16.84 -10.85 -42.26
CA THR C 54 -17.17 -12.25 -42.53
C THR C 54 -15.92 -13.10 -42.80
N ILE C 55 -14.90 -12.51 -43.43
CA ILE C 55 -13.64 -13.22 -43.61
C ILE C 55 -12.99 -13.46 -42.26
N ARG C 56 -12.96 -12.42 -41.41
CA ARG C 56 -12.36 -12.55 -40.10
C ARG C 56 -13.12 -13.58 -39.26
N ALA C 57 -14.45 -13.55 -39.32
CA ALA C 57 -15.22 -14.54 -38.57
C ALA C 57 -14.96 -15.95 -39.10
N PHE C 58 -14.85 -16.11 -40.42
CA PHE C 58 -14.62 -17.45 -40.95
C PHE C 58 -13.30 -18.03 -40.48
N HIS C 59 -12.23 -17.23 -40.52
CA HIS C 59 -10.93 -17.67 -40.06
C HIS C 59 -10.65 -17.21 -38.64
N SER C 60 -11.70 -17.05 -37.83
CA SER C 60 -11.55 -16.64 -36.44
C SER C 60 -10.61 -17.57 -35.69
N LYS C 61 -10.76 -18.88 -35.92
CA LYS C 61 -10.12 -19.86 -35.06
C LYS C 61 -8.59 -19.76 -35.11
N ILE C 62 -8.00 -19.78 -36.31
CA ILE C 62 -6.56 -19.63 -36.42
C ILE C 62 -6.11 -18.20 -36.16
N LEU C 63 -6.99 -17.22 -36.39
CA LEU C 63 -6.62 -15.82 -36.21
C LEU C 63 -6.45 -15.46 -34.74
N ARG C 64 -7.36 -15.92 -33.90
CA ARG C 64 -7.33 -15.63 -32.47
C ARG C 64 -6.32 -16.44 -31.69
N ARG C 65 -5.76 -17.51 -32.28
CA ARG C 65 -4.82 -18.36 -31.55
C ARG C 65 -3.60 -17.59 -31.04
N PHE C 66 -3.00 -16.75 -31.89
CA PHE C 66 -1.78 -16.03 -31.56
C PHE C 66 -1.90 -14.50 -31.61
N SER C 67 -2.98 -13.95 -31.05
CA SER C 67 -3.16 -12.50 -31.13
C SER C 67 -4.09 -12.00 -30.04
N LEU C 68 -3.83 -10.75 -29.63
CA LEU C 68 -4.62 -10.06 -28.62
C LEU C 68 -5.99 -9.65 -29.11
N GLY C 69 -6.22 -9.65 -30.42
CA GLY C 69 -7.48 -9.23 -30.98
C GLY C 69 -7.31 -8.83 -32.43
N THR C 70 -8.43 -8.50 -33.06
CA THR C 70 -8.44 -8.17 -34.47
C THR C 70 -9.43 -7.04 -34.76
N ALA C 71 -9.26 -6.43 -35.91
CA ALA C 71 -10.18 -5.39 -36.39
C ALA C 71 -10.06 -5.31 -37.90
N VAL C 72 -11.06 -4.70 -38.51
CA VAL C 72 -11.13 -4.56 -39.97
C VAL C 72 -10.78 -3.14 -40.35
N GLY C 73 -10.18 -2.97 -41.52
CA GLY C 73 -9.83 -1.64 -42.00
C GLY C 73 -8.96 -1.65 -43.24
N PHE C 74 -7.95 -0.80 -43.25
CA PHE C 74 -6.95 -0.78 -44.31
C PHE C 74 -5.62 -1.26 -43.74
N ARG C 75 -4.80 -1.86 -44.60
CA ARG C 75 -3.48 -2.27 -44.17
C ARG C 75 -2.64 -1.05 -43.83
N ILE C 76 -1.91 -1.14 -42.73
CA ILE C 76 -0.98 -0.09 -42.32
C ILE C 76 0.41 -0.56 -42.71
N ARG C 77 1.07 0.21 -43.57
CA ARG C 77 2.41 -0.13 -44.07
C ARG C 77 3.32 1.06 -43.78
N LYS C 78 4.40 0.80 -43.04
CA LYS C 78 5.37 1.84 -42.67
C LYS C 78 4.71 2.94 -41.85
N GLY C 79 3.72 2.58 -41.03
CA GLY C 79 3.05 3.53 -40.17
C GLY C 79 1.94 4.31 -40.84
N ASP C 80 1.76 4.19 -42.15
CA ASP C 80 0.77 4.94 -42.90
C ASP C 80 -0.34 4.01 -43.40
N LEU C 81 -1.58 4.47 -43.28
CA LEU C 81 -2.72 3.75 -43.85
C LEU C 81 -2.62 3.72 -45.37
N THR C 82 -2.87 2.55 -45.94
CA THR C 82 -2.95 2.35 -47.37
C THR C 82 -4.41 2.29 -47.81
N ASP C 83 -4.64 1.99 -49.09
CA ASP C 83 -5.98 1.78 -49.61
C ASP C 83 -6.29 0.30 -49.81
N ILE C 84 -5.65 -0.56 -49.03
CA ILE C 84 -5.75 -2.01 -49.21
C ILE C 84 -6.65 -2.56 -48.11
N PRO C 85 -7.81 -3.11 -48.44
CA PRO C 85 -8.67 -3.71 -47.42
C PRO C 85 -7.96 -4.84 -46.68
N ALA C 86 -7.95 -4.75 -45.35
CA ALA C 86 -7.22 -5.72 -44.55
C ALA C 86 -7.92 -5.98 -43.22
N ILE C 87 -7.52 -7.10 -42.61
CA ILE C 87 -7.89 -7.46 -41.24
C ILE C 87 -6.68 -7.18 -40.38
N LEU C 88 -6.83 -6.28 -39.40
CA LEU C 88 -5.70 -5.95 -38.55
C LEU C 88 -5.61 -6.96 -37.42
N VAL C 89 -4.46 -7.62 -37.31
CA VAL C 89 -4.21 -8.60 -36.26
C VAL C 89 -3.26 -7.97 -35.25
N PHE C 90 -3.71 -7.88 -34.00
CA PHE C 90 -2.99 -7.19 -32.94
C PHE C 90 -2.15 -8.17 -32.13
N VAL C 91 -0.82 -8.04 -32.23
CA VAL C 91 0.10 -8.86 -31.45
C VAL C 91 0.64 -8.04 -30.30
N ALA C 92 1.05 -8.73 -29.25
CA ALA C 92 1.64 -8.05 -28.11
C ALA C 92 2.99 -7.44 -28.47
N ARG C 93 3.79 -8.17 -29.26
CA ARG C 93 5.12 -7.72 -29.65
C ARG C 93 5.40 -8.18 -31.06
N LYS C 94 5.71 -7.23 -31.95
CA LYS C 94 5.93 -7.53 -33.36
C LYS C 94 7.42 -7.83 -33.60
N VAL C 95 7.72 -9.08 -33.90
CA VAL C 95 9.09 -9.54 -34.12
C VAL C 95 9.31 -9.85 -35.59
N HIS C 96 10.58 -10.02 -35.96
CA HIS C 96 10.96 -10.36 -37.32
C HIS C 96 10.48 -11.76 -37.68
N LYS C 97 10.27 -11.96 -38.99
CA LYS C 97 9.82 -13.26 -39.48
C LYS C 97 10.77 -14.39 -39.07
N LYS C 98 12.07 -14.11 -39.01
CA LYS C 98 13.08 -15.12 -38.69
C LYS C 98 12.85 -15.81 -37.36
N TRP C 99 12.09 -15.19 -36.45
CA TRP C 99 11.92 -15.72 -35.08
C TRP C 99 10.56 -16.37 -34.87
N LEU C 100 9.81 -16.62 -35.93
CA LEU C 100 8.51 -17.25 -35.83
C LEU C 100 8.56 -18.63 -36.47
N ASN C 101 7.94 -19.61 -35.82
CA ASN C 101 7.67 -20.91 -36.43
C ASN C 101 6.45 -20.80 -37.35
N PRO C 102 6.32 -21.70 -38.32
CA PRO C 102 5.20 -21.57 -39.28
C PRO C 102 3.83 -21.44 -38.63
N ALA C 103 3.60 -22.04 -37.47
CA ALA C 103 2.31 -21.87 -36.81
C ALA C 103 2.07 -20.43 -36.38
N GLN C 104 3.13 -19.77 -35.88
CA GLN C 104 2.98 -18.41 -35.34
C GLN C 104 2.84 -17.35 -36.42
N CYS C 105 3.61 -17.43 -37.50
CA CYS C 105 3.67 -16.33 -38.45
C CYS C 105 2.31 -16.12 -39.12
N LEU C 106 1.76 -14.92 -38.99
CA LEU C 106 0.49 -14.62 -39.63
C LEU C 106 0.68 -14.47 -41.14
N PRO C 107 -0.27 -14.92 -41.93
CA PRO C 107 -0.14 -14.83 -43.40
C PRO C 107 -0.39 -13.40 -43.87
N ALA C 108 -0.02 -13.17 -45.13
CA ALA C 108 -0.27 -11.87 -45.74
C ALA C 108 -1.62 -11.77 -46.40
N ILE C 109 -2.22 -12.89 -46.82
CA ILE C 109 -3.52 -12.88 -47.45
C ILE C 109 -4.39 -13.95 -46.80
N LEU C 110 -5.71 -13.77 -46.90
CA LEU C 110 -6.70 -14.69 -46.38
C LEU C 110 -7.92 -14.70 -47.28
N GLU C 111 -8.38 -15.87 -47.71
CA GLU C 111 -9.60 -16.00 -48.50
C GLU C 111 -10.69 -16.64 -47.64
N GLY C 112 -11.85 -15.98 -47.58
CA GLY C 112 -12.96 -16.48 -46.81
C GLY C 112 -13.94 -17.29 -47.64
N PRO C 113 -15.18 -17.41 -47.16
CA PRO C 113 -16.19 -18.19 -47.89
C PRO C 113 -16.49 -17.57 -49.25
N GLY C 114 -16.64 -18.42 -50.25
CA GLY C 114 -16.91 -17.94 -51.59
C GLY C 114 -15.73 -17.30 -52.29
N GLY C 115 -14.52 -17.49 -51.77
CA GLY C 115 -13.32 -16.98 -52.40
C GLY C 115 -13.08 -15.50 -52.27
N VAL C 116 -13.88 -14.78 -51.47
CA VAL C 116 -13.61 -13.37 -51.19
C VAL C 116 -12.42 -13.25 -50.24
N TRP C 117 -11.39 -12.55 -50.68
CA TRP C 117 -10.12 -12.43 -49.97
C TRP C 117 -9.84 -11.01 -49.50
N CYS C 118 -8.84 -10.90 -48.62
CA CYS C 118 -8.34 -9.61 -48.14
C CYS C 118 -6.96 -9.81 -47.55
N ASP C 119 -6.30 -8.70 -47.21
CA ASP C 119 -4.98 -8.71 -46.61
C ASP C 119 -5.04 -8.89 -45.08
N VAL C 120 -3.90 -9.25 -44.50
CA VAL C 120 -3.76 -9.42 -43.06
C VAL C 120 -2.59 -8.54 -42.59
N ASP C 121 -2.90 -7.46 -41.86
CA ASP C 121 -1.89 -6.54 -41.35
C ASP C 121 -1.65 -6.76 -39.86
N VAL C 122 -0.37 -6.79 -39.46
CA VAL C 122 0.04 -6.99 -38.07
C VAL C 122 0.32 -5.64 -37.41
N VAL C 123 -0.29 -5.40 -36.25
CA VAL C 123 -0.11 -4.17 -35.47
C VAL C 123 0.24 -4.51 -34.02
N GLU C 124 1.31 -3.91 -33.50
CA GLU C 124 1.66 -4.05 -32.08
C GLU C 124 0.67 -3.30 -31.20
N PHE C 125 0.24 -3.93 -30.10
CA PHE C 125 -0.95 -3.49 -29.39
C PHE C 125 -0.79 -3.67 -27.90
N SER C 126 -1.66 -2.98 -27.15
CA SER C 126 -1.71 -3.05 -25.69
C SER C 126 -3.08 -2.58 -25.25
N TYR C 127 -3.33 -2.67 -23.94
CA TYR C 127 -4.54 -2.14 -23.33
C TYR C 127 -4.21 -1.30 -22.09
N GLU C 137 -3.05 16.18 -18.82
CA GLU C 137 -4.01 15.39 -18.05
C GLU C 137 -5.32 16.14 -17.89
N GLN C 138 -5.30 17.43 -18.19
CA GLN C 138 -6.52 18.23 -18.30
C GLN C 138 -6.19 19.43 -19.17
N MET C 139 -6.79 19.50 -20.36
CA MET C 139 -6.60 20.66 -21.20
C MET C 139 -7.30 21.86 -20.58
N PHE C 140 -6.56 22.95 -20.41
CA PHE C 140 -7.09 24.17 -19.82
C PHE C 140 -7.31 25.20 -20.92
N SER C 141 -8.57 25.56 -21.15
CA SER C 141 -8.95 26.51 -22.19
C SER C 141 -10.32 27.04 -21.86
N GLU C 142 -10.70 28.11 -22.56
CA GLU C 142 -12.03 28.68 -22.34
C GLU C 142 -13.13 27.71 -22.75
N LEU C 143 -12.90 26.92 -23.81
CA LEU C 143 -13.91 25.95 -24.21
C LEU C 143 -14.17 24.95 -23.10
N VAL C 144 -13.11 24.41 -22.49
CA VAL C 144 -13.29 23.49 -21.37
C VAL C 144 -14.05 24.16 -20.23
N ASP C 145 -13.67 25.40 -19.89
CA ASP C 145 -14.38 26.10 -18.83
C ASP C 145 -15.84 26.29 -19.18
N LYS C 146 -16.14 26.65 -20.43
CA LYS C 146 -17.52 26.80 -20.86
C LYS C 146 -18.25 25.47 -20.78
N LEU C 147 -17.61 24.38 -21.20
CA LEU C 147 -18.26 23.09 -21.16
C LEU C 147 -18.56 22.68 -19.72
N CYS C 148 -17.65 23.01 -18.80
CA CYS C 148 -17.74 22.60 -17.40
C CYS C 148 -18.53 23.58 -16.53
N GLY C 149 -19.37 24.43 -17.12
CA GLY C 149 -20.24 25.30 -16.34
C GLY C 149 -20.03 26.79 -16.50
N SER C 150 -19.03 27.27 -17.24
CA SER C 150 -18.86 28.71 -17.40
C SER C 150 -19.72 29.29 -18.51
N ASP C 151 -20.24 28.46 -19.41
CA ASP C 151 -21.09 28.91 -20.49
C ASP C 151 -22.50 29.18 -19.98
N GLU C 152 -23.21 30.05 -20.70
CA GLU C 152 -24.60 30.37 -20.42
C GLU C 152 -25.57 29.42 -21.10
N CYS C 153 -25.11 28.28 -21.60
CA CYS C 153 -25.97 27.33 -22.30
C CYS C 153 -25.47 25.92 -22.09
N ILE C 154 -26.35 24.96 -22.33
CA ILE C 154 -26.06 23.54 -22.22
C ILE C 154 -26.16 22.92 -23.61
N GLY C 155 -25.12 22.22 -24.02
CA GLY C 155 -25.12 21.58 -25.32
C GLY C 155 -24.20 20.38 -25.41
N SER C 156 -23.78 20.04 -26.62
CA SER C 156 -22.84 18.94 -26.77
C SER C 156 -21.52 19.35 -26.15
N GLY C 157 -20.89 18.41 -25.43
CA GLY C 157 -19.66 18.67 -24.73
C GLY C 157 -19.82 19.13 -23.30
N SER C 158 -21.02 19.62 -22.95
CA SER C 158 -21.28 20.09 -21.60
C SER C 158 -21.11 18.97 -20.58
N GLN C 159 -20.47 19.31 -19.46
CA GLN C 159 -20.29 18.35 -18.38
C GLN C 159 -21.63 18.03 -17.72
N VAL C 160 -21.96 16.74 -17.67
CA VAL C 160 -23.15 16.25 -16.99
C VAL C 160 -22.72 15.35 -15.84
N ALA C 161 -23.53 15.33 -14.79
CA ALA C 161 -23.11 14.65 -13.57
C ALA C 161 -24.29 14.07 -12.82
N SER C 162 -24.08 12.87 -12.27
CA SER C 162 -24.92 12.28 -11.24
C SER C 162 -24.17 12.39 -9.91
N HIS C 163 -24.76 11.85 -8.85
CA HIS C 163 -24.14 11.95 -7.54
C HIS C 163 -22.68 11.51 -7.55
N GLU C 164 -22.36 10.40 -8.24
CA GLU C 164 -21.03 9.85 -8.13
C GLU C 164 -20.15 9.96 -9.38
N THR C 165 -20.72 10.14 -10.57
CA THR C 165 -19.95 10.07 -11.80
C THR C 165 -20.18 11.28 -12.69
N PHE C 166 -19.14 11.64 -13.46
CA PHE C 166 -19.15 12.74 -14.41
C PHE C 166 -19.09 12.19 -15.84
N GLY C 167 -19.73 12.89 -16.76
CA GLY C 167 -19.69 12.50 -18.16
C GLY C 167 -19.84 13.69 -19.09
N THR C 168 -19.91 13.39 -20.39
CA THR C 168 -20.09 14.41 -21.42
C THR C 168 -21.42 14.24 -22.13
N LEU C 169 -22.13 15.34 -22.34
CA LEU C 169 -23.37 15.32 -23.10
C LEU C 169 -23.06 15.15 -24.58
N GLY C 170 -23.51 14.02 -25.15
CA GLY C 170 -23.25 13.74 -26.56
C GLY C 170 -24.10 14.50 -27.56
N ALA C 171 -25.42 14.30 -27.52
CA ALA C 171 -26.31 14.94 -28.47
C ALA C 171 -27.64 15.28 -27.80
N ILE C 172 -28.32 16.29 -28.35
CA ILE C 172 -29.70 16.58 -27.98
C ILE C 172 -30.59 15.72 -28.86
N VAL C 173 -31.45 14.89 -28.24
CA VAL C 173 -32.20 13.89 -28.97
C VAL C 173 -33.68 13.95 -28.60
N LYS C 174 -34.49 13.20 -29.36
CA LYS C 174 -35.88 12.93 -29.04
C LYS C 174 -36.16 11.44 -29.23
N ARG C 175 -37.04 10.91 -28.37
CA ARG C 175 -37.43 9.51 -28.50
C ARG C 175 -38.34 9.33 -29.70
N ARG C 176 -38.20 8.19 -30.39
CA ARG C 176 -39.05 7.91 -31.53
C ARG C 176 -40.44 7.44 -31.13
N THR C 177 -40.54 6.70 -30.02
CA THR C 177 -41.79 6.09 -29.58
C THR C 177 -42.55 6.99 -28.60
N GLY C 178 -43.81 6.62 -28.38
CA GLY C 178 -44.65 7.29 -27.40
C GLY C 178 -44.74 8.80 -27.57
N ASN C 179 -44.58 9.53 -26.47
CA ASN C 179 -44.77 10.98 -26.50
C ASN C 179 -43.63 11.71 -27.20
N LYS C 180 -42.61 10.98 -27.68
CA LYS C 180 -41.48 11.57 -28.40
C LYS C 180 -40.79 12.65 -27.57
N GLN C 181 -40.54 12.31 -26.32
CA GLN C 181 -39.89 13.23 -25.38
C GLN C 181 -38.52 13.65 -25.87
N VAL C 182 -38.21 14.93 -25.69
CA VAL C 182 -36.89 15.49 -25.96
C VAL C 182 -36.01 15.32 -24.73
N GLY C 183 -34.74 15.02 -24.98
CA GLY C 183 -33.76 14.90 -23.91
C GLY C 183 -32.38 14.92 -24.52
N PHE C 184 -31.43 14.23 -23.89
CA PHE C 184 -30.08 14.18 -24.40
C PHE C 184 -29.50 12.79 -24.22
N LEU C 185 -28.42 12.52 -24.96
CA LEU C 185 -27.75 11.23 -24.98
C LEU C 185 -26.35 11.39 -24.41
N THR C 186 -26.00 10.53 -23.46
CA THR C 186 -24.65 10.41 -22.94
C THR C 186 -24.40 8.92 -22.69
N ASN C 187 -23.21 8.58 -22.19
CA ASN C 187 -22.93 7.17 -21.96
C ASN C 187 -23.18 6.89 -20.47
N HIS C 188 -23.81 5.75 -20.20
CA HIS C 188 -24.49 5.47 -18.95
C HIS C 188 -23.60 5.21 -17.73
N HIS C 189 -22.27 5.16 -17.80
CA HIS C 189 -21.56 4.96 -16.54
C HIS C 189 -21.71 6.17 -15.64
N VAL C 190 -22.08 7.32 -16.22
CA VAL C 190 -22.42 8.48 -15.42
C VAL C 190 -23.83 8.30 -14.88
N ALA C 191 -24.63 7.46 -15.52
CA ALA C 191 -25.97 7.19 -15.05
C ALA C 191 -26.01 5.99 -14.12
N VAL C 192 -25.10 5.02 -14.29
CA VAL C 192 -25.28 3.74 -13.62
C VAL C 192 -25.36 3.86 -12.10
N ASP C 193 -26.39 3.24 -11.59
CA ASP C 193 -26.94 3.17 -10.25
C ASP C 193 -26.17 2.12 -9.44
N LEU C 194 -26.58 1.94 -8.22
CA LEU C 194 -26.20 0.81 -7.37
C LEU C 194 -24.79 0.84 -6.78
N ASP C 195 -24.10 1.98 -6.68
CA ASP C 195 -23.29 2.20 -5.49
C ASP C 195 -23.88 3.29 -4.63
N TYR C 196 -24.80 4.05 -5.18
CA TYR C 196 -25.50 5.22 -4.67
C TYR C 196 -26.62 5.52 -5.67
N PRO C 197 -27.78 5.99 -5.24
CA PRO C 197 -28.78 6.46 -6.22
C PRO C 197 -28.21 7.44 -7.23
N ASN C 198 -28.30 7.15 -8.53
CA ASN C 198 -27.71 8.00 -9.56
C ASN C 198 -28.64 8.23 -10.75
N GLN C 199 -29.96 8.20 -10.54
CA GLN C 199 -30.83 8.46 -11.67
C GLN C 199 -30.85 9.94 -12.05
N LYS C 200 -30.77 10.84 -11.06
CA LYS C 200 -30.81 12.27 -11.34
C LYS C 200 -29.50 12.83 -11.90
N MET C 201 -29.59 13.50 -13.05
CA MET C 201 -28.47 14.11 -13.75
C MET C 201 -28.45 15.63 -13.55
N PHE C 202 -27.25 16.20 -13.52
CA PHE C 202 -27.08 17.63 -13.27
C PHE C 202 -25.98 18.23 -14.12
N HIS C 203 -26.10 19.53 -14.39
CA HIS C 203 -25.06 20.35 -15.03
C HIS C 203 -24.79 21.58 -14.16
N PRO C 204 -23.52 21.85 -13.80
CA PRO C 204 -22.32 21.06 -14.08
C PRO C 204 -21.94 20.12 -12.95
N LEU C 205 -22.55 20.29 -11.78
CA LEU C 205 -22.21 19.51 -10.60
C LEU C 205 -23.46 18.96 -9.95
N PRO C 206 -23.34 17.81 -9.29
CA PRO C 206 -24.45 17.31 -8.47
C PRO C 206 -24.55 18.08 -7.17
N PRO C 207 -25.74 18.13 -6.55
CA PRO C 207 -25.92 18.95 -5.34
C PRO C 207 -24.92 18.68 -4.23
N ASN C 208 -24.40 17.46 -4.12
CA ASN C 208 -23.47 17.14 -3.04
C ASN C 208 -22.08 17.77 -3.24
N LEU C 209 -21.71 18.10 -4.48
CA LEU C 209 -20.40 18.66 -4.76
C LEU C 209 -20.42 20.16 -4.98
N GLY C 210 -21.51 20.70 -5.51
CA GLY C 210 -21.63 22.10 -5.76
C GLY C 210 -22.90 22.46 -6.51
N PRO C 211 -22.95 23.67 -7.05
CA PRO C 211 -24.18 24.14 -7.70
C PRO C 211 -24.43 23.46 -9.05
N GLY C 212 -25.67 23.54 -9.49
CA GLY C 212 -26.06 22.97 -10.77
C GLY C 212 -27.56 23.01 -10.95
N VAL C 213 -27.99 22.53 -12.10
CA VAL C 213 -29.41 22.49 -12.46
C VAL C 213 -29.81 21.05 -12.74
N TYR C 214 -31.02 20.69 -12.32
CA TYR C 214 -31.53 19.34 -12.55
C TYR C 214 -31.94 19.19 -14.01
N LEU C 215 -31.20 18.37 -14.76
CA LEU C 215 -31.48 18.15 -16.18
C LEU C 215 -32.64 17.18 -16.36
N GLY C 216 -32.64 16.08 -15.62
CA GLY C 216 -33.66 15.05 -15.78
C GLY C 216 -33.17 13.73 -15.23
N ALA C 217 -34.03 12.72 -15.36
CA ALA C 217 -33.77 11.39 -14.84
C ALA C 217 -33.57 10.40 -16.00
N VAL C 218 -32.56 9.54 -15.85
CA VAL C 218 -32.29 8.51 -16.85
C VAL C 218 -33.53 7.66 -17.08
N GLU C 219 -33.80 7.36 -18.36
CA GLU C 219 -34.90 6.50 -18.76
C GLU C 219 -34.45 5.19 -19.38
N ARG C 220 -33.60 5.24 -20.41
CA ARG C 220 -33.10 4.06 -21.09
C ARG C 220 -31.58 4.05 -21.06
N ALA C 221 -31.01 2.85 -21.16
CA ALA C 221 -29.57 2.69 -21.27
C ALA C 221 -29.25 1.31 -21.82
N THR C 222 -28.40 1.24 -22.84
CA THR C 222 -27.86 -0.03 -23.32
C THR C 222 -26.44 -0.18 -22.82
N SER C 223 -26.09 -1.38 -22.36
CA SER C 223 -24.72 -1.67 -21.97
C SER C 223 -24.04 -2.70 -22.86
N PHE C 224 -24.63 -3.88 -23.05
CA PHE C 224 -24.10 -4.88 -23.96
C PHE C 224 -25.20 -5.37 -24.89
N ILE C 225 -24.89 -5.46 -26.18
CA ILE C 225 -25.80 -5.99 -27.19
C ILE C 225 -25.06 -7.04 -28.01
N THR C 226 -25.66 -8.22 -28.17
CA THR C 226 -25.04 -9.28 -28.96
C THR C 226 -24.79 -8.83 -30.39
N ASP C 227 -23.72 -9.36 -30.98
CA ASP C 227 -23.31 -9.00 -32.34
C ASP C 227 -24.43 -9.24 -33.35
N ASP C 228 -25.11 -10.38 -33.27
CA ASP C 228 -26.14 -10.72 -34.25
C ASP C 228 -27.27 -9.69 -34.27
N VAL C 229 -27.54 -9.06 -33.13
CA VAL C 229 -28.51 -7.98 -33.08
C VAL C 229 -27.88 -6.68 -33.56
N TRP C 230 -26.70 -6.36 -33.03
CA TRP C 230 -26.06 -5.07 -33.32
C TRP C 230 -25.66 -4.95 -34.78
N TYR C 231 -24.79 -5.84 -35.26
CA TYR C 231 -24.35 -5.76 -36.65
C TYR C 231 -25.35 -6.37 -37.62
N GLY C 232 -26.12 -7.35 -37.17
CA GLY C 232 -26.98 -8.11 -38.05
C GLY C 232 -26.38 -9.38 -38.61
N ILE C 233 -25.12 -9.68 -38.28
CA ILE C 233 -24.45 -10.88 -38.74
C ILE C 233 -23.73 -11.51 -37.56
N TYR C 234 -23.25 -12.73 -37.76
CA TYR C 234 -22.43 -13.41 -36.77
C TYR C 234 -20.98 -12.95 -36.98
N ALA C 235 -20.51 -12.04 -36.13
CA ALA C 235 -19.17 -11.48 -36.27
C ALA C 235 -18.07 -12.38 -35.72
N GLY C 236 -18.42 -13.44 -35.00
CA GLY C 236 -17.42 -14.34 -34.42
C GLY C 236 -18.04 -15.66 -34.04
N THR C 237 -17.17 -16.64 -33.78
CA THR C 237 -17.65 -17.98 -33.47
C THR C 237 -18.07 -18.16 -32.02
N ASN C 238 -17.66 -17.27 -31.12
CA ASN C 238 -18.05 -17.42 -29.72
C ASN C 238 -19.56 -17.20 -29.57
N PRO C 239 -20.30 -18.14 -28.98
CA PRO C 239 -21.74 -17.91 -28.80
C PRO C 239 -22.07 -16.86 -27.75
N GLU C 240 -21.14 -16.56 -26.83
CA GLU C 240 -21.26 -15.42 -25.91
C GLU C 240 -20.45 -14.25 -26.48
N THR C 241 -21.01 -13.59 -27.48
CA THR C 241 -20.35 -12.45 -28.12
C THR C 241 -21.21 -11.20 -27.93
N PHE C 242 -20.63 -10.16 -27.31
CA PHE C 242 -21.35 -8.93 -27.02
C PHE C 242 -20.62 -7.72 -27.60
N VAL C 243 -21.39 -6.68 -27.93
CA VAL C 243 -20.89 -5.40 -28.41
C VAL C 243 -20.98 -4.36 -27.29
N ARG C 244 -19.89 -3.62 -27.05
CA ARG C 244 -19.88 -2.53 -26.08
C ARG C 244 -20.64 -1.34 -26.67
N ALA C 245 -21.86 -1.11 -26.18
CA ALA C 245 -22.85 -0.19 -26.73
C ALA C 245 -23.36 0.79 -25.66
N ASP C 246 -22.44 1.38 -24.89
CA ASP C 246 -22.81 2.23 -23.75
C ASP C 246 -23.49 3.50 -24.23
N GLY C 247 -24.79 3.62 -23.94
CA GLY C 247 -25.55 4.82 -24.23
C GLY C 247 -26.63 5.00 -23.19
N ALA C 248 -27.02 6.26 -22.96
CA ALA C 248 -28.04 6.57 -21.96
C ALA C 248 -28.88 7.76 -22.41
N PHE C 249 -30.20 7.59 -22.35
CA PHE C 249 -31.15 8.63 -22.72
C PHE C 249 -31.74 9.24 -21.46
N ILE C 250 -31.54 10.55 -21.29
CA ILE C 250 -32.08 11.30 -20.15
C ILE C 250 -33.08 12.33 -20.67
N PRO C 251 -34.39 12.07 -20.57
CA PRO C 251 -35.37 13.07 -21.02
C PRO C 251 -35.36 14.29 -20.10
N PHE C 252 -35.37 15.46 -20.71
CA PHE C 252 -35.31 16.70 -19.94
C PHE C 252 -36.50 16.79 -18.98
N ALA C 253 -36.23 17.30 -17.78
CA ALA C 253 -37.28 17.53 -16.79
C ALA C 253 -38.32 18.50 -17.33
N ASP C 254 -39.56 18.35 -16.84
CA ASP C 254 -40.62 19.26 -17.24
C ASP C 254 -40.33 20.68 -16.75
N ASP C 255 -39.67 20.80 -15.59
CA ASP C 255 -39.30 22.11 -15.09
C ASP C 255 -38.19 22.75 -15.92
N PHE C 256 -37.36 21.93 -16.55
CA PHE C 256 -36.14 22.41 -17.18
C PHE C 256 -36.43 23.42 -18.29
N ASP C 257 -35.68 24.53 -18.27
CA ASP C 257 -35.79 25.58 -19.28
C ASP C 257 -35.03 25.15 -20.52
N ILE C 258 -35.74 24.59 -21.51
CA ILE C 258 -35.11 24.07 -22.72
C ILE C 258 -34.62 25.20 -23.61
N SER C 259 -34.91 26.44 -23.22
CA SER C 259 -34.38 27.58 -23.98
C SER C 259 -32.88 27.70 -23.85
N THR C 260 -32.31 27.14 -22.78
CA THR C 260 -30.88 27.18 -22.49
C THR C 260 -30.10 26.11 -23.23
N VAL C 261 -30.76 25.24 -24.00
CA VAL C 261 -30.13 24.16 -24.73
C VAL C 261 -29.73 24.63 -26.12
N THR C 262 -28.59 24.15 -26.60
CA THR C 262 -28.12 24.46 -27.94
C THR C 262 -27.79 23.19 -28.70
N THR C 263 -28.31 23.09 -29.92
CA THR C 263 -28.01 21.99 -30.83
C THR C 263 -26.72 22.23 -31.59
N VAL C 264 -25.95 23.23 -31.19
CA VAL C 264 -24.69 23.55 -31.84
C VAL C 264 -23.58 22.82 -31.10
N VAL C 265 -22.61 22.31 -31.84
CA VAL C 265 -21.43 21.71 -31.23
C VAL C 265 -20.41 22.83 -31.10
N ARG C 266 -20.25 23.32 -29.87
CA ARG C 266 -19.33 24.43 -29.60
C ARG C 266 -17.93 24.07 -30.05
N GLY C 267 -17.36 24.92 -30.92
CA GLY C 267 -16.06 24.67 -31.49
C GLY C 267 -16.08 23.94 -32.82
N VAL C 268 -17.24 23.46 -33.26
CA VAL C 268 -17.42 22.86 -34.57
C VAL C 268 -18.43 23.64 -35.41
N GLY C 269 -19.61 23.91 -34.85
CA GLY C 269 -20.65 24.68 -35.50
C GLY C 269 -21.92 23.85 -35.67
N ASP C 270 -22.69 24.19 -36.69
CA ASP C 270 -23.93 23.48 -36.97
C ASP C 270 -23.61 22.16 -37.64
N ILE C 271 -24.03 21.06 -37.03
CA ILE C 271 -23.75 19.73 -37.54
C ILE C 271 -24.92 19.22 -38.37
N GLY C 272 -24.62 18.24 -39.23
CA GLY C 272 -25.62 17.53 -39.99
C GLY C 272 -26.15 16.31 -39.26
N ASP C 273 -27.00 15.56 -39.97
CA ASP C 273 -27.61 14.37 -39.39
C ASP C 273 -26.59 13.24 -39.22
N VAL C 274 -26.93 12.28 -38.35
CA VAL C 274 -26.11 11.09 -38.11
C VAL C 274 -25.80 10.38 -39.42
N LYS C 275 -24.51 10.09 -39.64
CA LYS C 275 -24.06 9.31 -40.79
C LYS C 275 -24.01 7.84 -40.41
N VAL C 276 -24.88 7.04 -41.03
CA VAL C 276 -24.97 5.62 -40.68
C VAL C 276 -23.78 4.88 -41.25
N ILE C 277 -23.19 3.98 -40.45
CA ILE C 277 -22.09 3.14 -40.90
C ILE C 277 -22.73 1.93 -41.57
N ASP C 278 -22.90 2.02 -42.89
CA ASP C 278 -23.47 0.94 -43.67
C ASP C 278 -22.37 -0.07 -43.99
N LEU C 279 -22.53 -1.30 -43.48
CA LEU C 279 -21.48 -2.30 -43.58
C LEU C 279 -21.15 -2.69 -45.01
N GLN C 280 -21.98 -2.33 -45.98
CA GLN C 280 -21.73 -2.70 -47.38
C GLN C 280 -21.14 -1.56 -48.20
N CYS C 281 -21.01 -0.36 -47.64
CA CYS C 281 -20.39 0.74 -48.35
C CYS C 281 -18.89 0.47 -48.52
N PRO C 282 -18.23 1.15 -49.45
CA PRO C 282 -16.78 0.98 -49.59
C PRO C 282 -16.06 1.48 -48.36
N LEU C 283 -14.96 0.78 -48.02
CA LEU C 283 -14.26 1.07 -46.77
C LEU C 283 -13.83 2.53 -46.68
N ASN C 284 -13.34 3.10 -47.78
CA ASN C 284 -12.77 4.43 -47.74
C ASN C 284 -13.75 5.49 -47.28
N SER C 285 -15.04 5.15 -47.16
CA SER C 285 -16.02 6.10 -46.66
C SER C 285 -16.00 6.26 -45.14
N LEU C 286 -15.49 5.27 -44.40
CA LEU C 286 -15.25 5.44 -42.96
C LEU C 286 -13.79 5.32 -42.58
N ILE C 287 -13.12 4.27 -43.04
CA ILE C 287 -11.74 3.97 -42.63
C ILE C 287 -10.80 5.05 -43.17
N GLY C 288 -10.06 5.69 -42.27
CA GLY C 288 -9.10 6.70 -42.64
C GLY C 288 -9.62 8.12 -42.66
N ARG C 289 -10.94 8.31 -42.64
CA ARG C 289 -11.50 9.66 -42.61
C ARG C 289 -11.18 10.37 -41.30
N GLN C 290 -11.02 11.70 -41.38
CA GLN C 290 -10.69 12.53 -40.23
C GLN C 290 -11.92 12.83 -39.38
N VAL C 291 -11.79 12.67 -38.06
CA VAL C 291 -12.87 12.94 -37.11
C VAL C 291 -12.41 13.96 -36.09
N CYS C 292 -13.38 14.58 -35.42
CA CYS C 292 -13.13 15.55 -34.36
C CYS C 292 -14.06 15.27 -33.18
N LYS C 293 -13.69 15.80 -32.01
CA LYS C 293 -14.44 15.59 -30.77
C LYS C 293 -14.38 16.84 -29.91
N VAL C 294 -15.47 17.15 -29.24
CA VAL C 294 -15.52 18.20 -28.21
C VAL C 294 -16.00 17.54 -26.92
N GLY C 295 -15.10 17.44 -25.94
CA GLY C 295 -15.44 16.82 -24.67
C GLY C 295 -14.95 17.67 -23.52
N ARG C 296 -15.59 17.47 -22.36
CA ARG C 296 -15.36 18.34 -21.22
C ARG C 296 -13.95 18.21 -20.63
N SER C 297 -13.14 17.27 -21.09
CA SER C 297 -11.81 17.05 -20.51
C SER C 297 -10.68 17.47 -21.42
N SER C 298 -10.74 17.13 -22.71
CA SER C 298 -9.70 17.51 -23.65
C SER C 298 -10.17 18.59 -24.62
N GLY C 299 -11.41 19.08 -24.46
CA GLY C 299 -11.90 20.10 -25.36
C GLY C 299 -12.02 19.57 -26.78
N HIS C 300 -11.51 20.35 -27.73
CA HIS C 300 -11.58 20.00 -29.14
C HIS C 300 -10.31 19.25 -29.54
N THR C 301 -10.47 18.03 -30.03
CA THR C 301 -9.37 17.22 -30.53
C THR C 301 -9.71 16.69 -31.91
N THR C 302 -8.67 16.31 -32.67
CA THR C 302 -8.83 15.79 -34.01
C THR C 302 -8.07 14.48 -34.15
N GLY C 303 -8.69 13.51 -34.84
CA GLY C 303 -8.05 12.21 -35.05
C GLY C 303 -8.50 11.53 -36.33
N THR C 304 -8.14 10.25 -36.48
CA THR C 304 -8.45 9.48 -37.68
C THR C 304 -9.07 8.15 -37.29
N VAL C 305 -10.05 7.69 -38.07
CA VAL C 305 -10.64 6.37 -37.87
C VAL C 305 -9.68 5.32 -38.42
N MET C 306 -9.09 4.53 -37.53
CA MET C 306 -8.12 3.51 -37.92
C MET C 306 -8.75 2.17 -38.23
N ALA C 307 -9.82 1.79 -37.53
CA ALA C 307 -10.37 0.46 -37.70
C ALA C 307 -11.81 0.40 -37.18
N TYR C 308 -12.52 -0.63 -37.64
CA TYR C 308 -13.89 -0.94 -37.22
C TYR C 308 -13.92 -2.35 -36.62
N ALA C 309 -14.96 -2.62 -35.82
CA ALA C 309 -15.26 -3.97 -35.34
C ALA C 309 -14.06 -4.63 -34.66
N LEU C 310 -13.61 -4.00 -33.58
CA LEU C 310 -12.46 -4.44 -32.80
C LEU C 310 -12.83 -5.61 -31.90
N GLU C 311 -12.32 -6.80 -32.22
CA GLU C 311 -12.60 -8.02 -31.47
C GLU C 311 -11.62 -8.16 -30.31
N TYR C 312 -12.12 -8.58 -29.15
CA TYR C 312 -11.25 -8.81 -28.01
C TYR C 312 -11.89 -9.87 -27.13
N ASN C 313 -11.27 -11.04 -27.10
CA ASN C 313 -11.70 -12.16 -26.25
C ASN C 313 -10.87 -12.27 -24.97
N ASP C 314 -11.45 -11.89 -23.83
CA ASP C 314 -10.68 -12.09 -22.62
C ASP C 314 -10.77 -13.55 -22.18
N GLU C 315 -10.00 -13.90 -21.16
CA GLU C 315 -9.94 -15.31 -20.77
C GLU C 315 -11.15 -15.75 -19.97
N LYS C 316 -12.02 -14.83 -19.54
CA LYS C 316 -13.26 -15.32 -18.94
C LYS C 316 -14.15 -15.97 -19.99
N GLY C 317 -13.79 -15.83 -21.27
CA GLY C 317 -14.38 -16.58 -22.37
C GLY C 317 -15.42 -15.84 -23.19
N ILE C 318 -15.56 -14.54 -22.98
CA ILE C 318 -16.57 -13.73 -23.66
C ILE C 318 -15.91 -12.86 -24.73
N CYS C 319 -16.56 -12.79 -25.89
CA CYS C 319 -16.10 -11.98 -27.00
C CYS C 319 -16.71 -10.58 -26.92
N PHE C 320 -15.88 -9.54 -27.01
CA PHE C 320 -16.34 -8.16 -26.93
C PHE C 320 -15.92 -7.41 -28.19
N PHE C 321 -16.87 -6.71 -28.80
CA PHE C 321 -16.65 -5.92 -30.00
C PHE C 321 -16.73 -4.42 -29.69
N THR C 322 -15.81 -3.66 -30.25
CA THR C 322 -15.78 -2.20 -30.14
C THR C 322 -15.90 -1.60 -31.53
N ASP C 323 -16.93 -0.78 -31.75
CA ASP C 323 -17.28 -0.35 -33.10
C ASP C 323 -16.15 0.43 -33.77
N ILE C 324 -15.76 1.58 -33.20
CA ILE C 324 -14.84 2.50 -33.86
C ILE C 324 -13.53 2.60 -33.08
N LEU C 325 -12.41 2.70 -33.81
CA LEU C 325 -11.09 2.87 -33.22
C LEU C 325 -10.46 4.16 -33.76
N VAL C 326 -10.33 5.18 -32.91
CA VAL C 326 -9.78 6.48 -33.31
C VAL C 326 -8.40 6.66 -32.68
N VAL C 327 -7.47 7.20 -33.46
CA VAL C 327 -6.15 7.60 -32.98
C VAL C 327 -5.98 9.09 -33.23
N GLY C 328 -5.59 9.84 -32.20
CA GLY C 328 -5.41 11.27 -32.37
C GLY C 328 -4.29 11.60 -33.34
N GLU C 329 -4.46 12.72 -34.03
CA GLU C 329 -3.48 13.19 -35.00
C GLU C 329 -2.24 13.76 -34.32
N ASN C 330 -1.13 13.70 -35.05
CA ASN C 330 0.14 14.32 -34.67
C ASN C 330 0.60 13.87 -33.29
N ARG C 331 0.48 12.57 -33.01
CA ARG C 331 0.90 11.97 -31.74
C ARG C 331 0.29 12.65 -30.53
N GLN C 332 -0.94 13.14 -30.65
CA GLN C 332 -1.60 13.75 -29.51
C GLN C 332 -2.89 12.97 -29.23
N THR C 333 -3.15 12.75 -27.95
CA THR C 333 -4.27 11.89 -27.56
C THR C 333 -5.59 12.45 -28.07
N PHE C 334 -6.42 11.55 -28.60
CA PHE C 334 -7.72 11.99 -29.09
C PHE C 334 -8.66 12.32 -27.95
N ASP C 335 -8.56 11.63 -26.82
CA ASP C 335 -9.45 11.88 -25.70
C ASP C 335 -8.71 11.64 -24.39
N LEU C 336 -9.31 12.14 -23.31
CA LEU C 336 -8.86 11.91 -21.94
C LEU C 336 -10.01 11.32 -21.14
N GLU C 337 -9.72 10.93 -19.89
CA GLU C 337 -10.79 10.45 -19.03
C GLU C 337 -11.75 11.58 -18.72
N GLY C 338 -13.05 11.30 -18.85
CA GLY C 338 -14.08 12.28 -18.67
C GLY C 338 -14.72 12.72 -19.97
N ASP C 339 -14.09 12.42 -21.10
CA ASP C 339 -14.66 12.72 -22.40
C ASP C 339 -15.72 11.71 -22.82
N SER C 340 -15.93 10.66 -22.04
CA SER C 340 -16.86 9.60 -22.41
C SER C 340 -18.26 10.16 -22.61
N GLY C 341 -18.81 9.97 -23.81
CA GLY C 341 -20.09 10.52 -24.19
C GLY C 341 -20.01 11.52 -25.33
N SER C 342 -18.82 12.05 -25.61
CA SER C 342 -18.63 13.05 -26.64
C SER C 342 -18.99 12.51 -28.02
N LEU C 343 -19.51 13.39 -28.87
CA LEU C 343 -19.84 13.02 -30.24
C LEU C 343 -18.57 12.90 -31.07
N ILE C 344 -18.46 11.81 -31.83
CA ILE C 344 -17.37 11.62 -32.78
C ILE C 344 -17.88 12.10 -34.13
N ILE C 345 -17.43 13.28 -34.55
CA ILE C 345 -17.97 13.99 -35.70
C ILE C 345 -17.05 13.85 -36.90
N LEU C 346 -17.61 13.47 -38.05
CA LEU C 346 -16.87 13.50 -39.31
C LEU C 346 -16.60 14.94 -39.71
N THR C 347 -15.34 15.28 -39.90
CA THR C 347 -14.98 16.64 -40.26
C THR C 347 -15.50 16.98 -41.67
N SER C 348 -15.87 18.26 -41.85
CA SER C 348 -16.34 18.75 -43.14
C SER C 348 -15.24 18.62 -44.17
N GLN C 349 -15.43 17.78 -45.17
CA GLN C 349 -14.37 17.52 -46.14
C GLN C 349 -14.39 18.46 -47.34
N ASP C 350 -15.57 18.82 -47.85
CA ASP C 350 -15.67 19.78 -48.95
C ASP C 350 -16.74 20.85 -48.72
N GLY C 351 -17.16 21.07 -47.47
CA GLY C 351 -18.14 22.11 -47.18
C GLY C 351 -19.51 21.69 -46.71
N GLU C 352 -19.89 20.42 -46.80
CA GLU C 352 -21.15 20.04 -46.17
C GLU C 352 -21.01 20.11 -44.64
N LYS C 353 -22.15 20.10 -43.96
CA LYS C 353 -22.14 20.20 -42.51
C LYS C 353 -21.55 18.93 -41.90
N PRO C 354 -20.69 19.07 -40.88
CA PRO C 354 -20.07 17.88 -40.27
C PRO C 354 -21.10 16.96 -39.63
N ARG C 355 -21.08 15.68 -40.04
CA ARG C 355 -22.05 14.69 -39.58
C ARG C 355 -21.45 13.82 -38.47
N PRO C 356 -22.18 13.57 -37.38
CA PRO C 356 -21.67 12.67 -36.34
C PRO C 356 -21.80 11.20 -36.72
N ILE C 357 -20.77 10.43 -36.40
CA ILE C 357 -20.78 9.00 -36.68
C ILE C 357 -20.77 8.13 -35.42
N GLY C 358 -20.30 8.63 -34.29
CA GLY C 358 -20.27 7.78 -33.11
C GLY C 358 -20.30 8.58 -31.84
N ILE C 359 -20.24 7.84 -30.73
CA ILE C 359 -20.16 8.40 -29.39
C ILE C 359 -19.01 7.69 -28.68
N ILE C 360 -18.21 8.46 -27.94
CA ILE C 360 -17.06 7.86 -27.26
C ILE C 360 -17.53 6.96 -26.13
N TRP C 361 -16.85 5.82 -25.98
CA TRP C 361 -17.15 4.83 -24.96
C TRP C 361 -16.31 5.07 -23.71
N GLY C 362 -16.93 4.94 -22.55
CA GLY C 362 -16.26 5.13 -21.29
C GLY C 362 -16.35 3.83 -20.53
N GLY C 363 -15.25 3.17 -20.24
CA GLY C 363 -15.40 1.90 -19.55
C GLY C 363 -14.10 1.44 -18.95
N THR C 364 -13.82 0.15 -19.02
CA THR C 364 -12.57 -0.37 -18.48
C THR C 364 -11.42 -0.35 -19.49
N ALA C 365 -11.60 -1.04 -20.63
CA ALA C 365 -10.58 -1.02 -21.67
C ALA C 365 -10.82 0.12 -22.67
N ASN C 366 -10.90 1.34 -22.13
CA ASN C 366 -11.22 2.48 -23.00
C ASN C 366 -10.11 2.71 -24.01
N ARG C 367 -8.89 2.96 -23.51
CA ARG C 367 -7.80 3.26 -24.43
C ARG C 367 -6.49 2.59 -24.03
N GLY C 368 -6.05 1.69 -24.90
CA GLY C 368 -4.75 1.08 -24.86
C GLY C 368 -3.79 1.82 -25.77
N ARG C 369 -2.67 1.20 -26.08
CA ARG C 369 -1.66 1.81 -26.93
C ARG C 369 -1.34 0.90 -28.10
N LEU C 370 -1.00 1.51 -29.24
CA LEU C 370 -0.54 0.78 -30.42
C LEU C 370 0.61 1.53 -31.07
N LYS C 371 1.62 0.77 -31.52
CA LYS C 371 2.81 1.33 -32.13
C LYS C 371 2.67 1.36 -33.65
N LEU C 372 2.88 2.53 -34.24
CA LEU C 372 2.80 2.70 -35.69
C LEU C 372 4.15 2.88 -36.35
N THR C 373 5.05 3.65 -35.73
CA THR C 373 6.40 3.86 -36.22
C THR C 373 7.40 3.59 -35.10
N SER C 374 8.64 3.23 -35.47
CA SER C 374 9.66 2.95 -34.47
C SER C 374 10.11 4.21 -33.73
N ASP C 375 10.34 5.30 -34.47
CA ASP C 375 10.85 6.53 -33.86
C ASP C 375 9.92 7.08 -32.78
N HIS C 376 8.64 6.77 -32.87
CA HIS C 376 7.62 7.18 -31.90
C HIS C 376 7.17 5.99 -31.09
N GLY C 377 6.79 6.23 -29.85
CA GLY C 377 6.33 5.16 -29.00
C GLY C 377 4.92 4.75 -29.36
N PRO C 378 4.23 4.09 -28.44
CA PRO C 378 2.84 3.70 -28.71
C PRO C 378 1.91 4.88 -28.49
N GLU C 379 1.08 5.16 -29.50
CA GLU C 379 0.09 6.22 -29.43
C GLU C 379 -1.18 5.71 -28.79
N ASN C 380 -2.02 6.63 -28.31
CA ASN C 380 -3.27 6.25 -27.69
C ASN C 380 -4.35 6.11 -28.75
N TRP C 381 -5.20 5.10 -28.59
CA TRP C 381 -6.38 4.92 -29.42
C TRP C 381 -7.64 5.06 -28.58
N THR C 382 -8.72 5.52 -29.20
CA THR C 382 -9.96 5.82 -28.50
C THR C 382 -11.08 4.93 -29.03
N SER C 383 -11.94 4.45 -28.13
CA SER C 383 -13.03 3.56 -28.49
C SER C 383 -14.32 4.36 -28.70
N GLY C 384 -15.01 4.06 -29.78
CA GLY C 384 -16.28 4.71 -30.09
C GLY C 384 -17.37 3.71 -30.35
N VAL C 385 -18.61 4.11 -30.05
CA VAL C 385 -19.79 3.30 -30.29
C VAL C 385 -20.49 3.81 -31.53
N ASP C 386 -20.97 2.89 -32.38
CA ASP C 386 -21.63 3.23 -33.62
C ASP C 386 -22.89 4.04 -33.34
N LEU C 387 -22.91 5.32 -33.72
CA LEU C 387 -24.06 6.17 -33.38
C LEU C 387 -25.31 5.78 -34.15
N GLY C 388 -25.17 5.38 -35.42
CA GLY C 388 -26.33 4.92 -36.16
C GLY C 388 -27.01 3.75 -35.46
N ARG C 389 -26.21 2.77 -35.05
CA ARG C 389 -26.73 1.57 -34.40
C ARG C 389 -27.20 1.86 -32.98
N LEU C 390 -26.56 2.79 -32.28
CA LEU C 390 -26.98 3.09 -30.91
C LEU C 390 -28.33 3.77 -30.90
N LEU C 391 -28.52 4.78 -31.76
CA LEU C 391 -29.82 5.45 -31.84
C LEU C 391 -30.92 4.49 -32.22
N ASP C 392 -30.63 3.53 -33.11
CA ASP C 392 -31.63 2.54 -33.47
C ASP C 392 -32.04 1.70 -32.27
N ARG C 393 -31.05 1.24 -31.49
CA ARG C 393 -31.33 0.35 -30.36
C ARG C 393 -32.02 1.08 -29.22
N LEU C 394 -31.64 2.33 -28.95
CA LEU C 394 -32.28 3.15 -27.94
C LEU C 394 -33.54 3.84 -28.43
N GLU C 395 -33.84 3.78 -29.73
CA GLU C 395 -35.04 4.40 -30.31
C GLU C 395 -35.05 5.92 -30.12
N LEU C 396 -33.98 6.56 -30.59
CA LEU C 396 -33.79 8.00 -30.49
C LEU C 396 -33.55 8.62 -31.85
N ASP C 397 -33.94 9.88 -32.00
CA ASP C 397 -33.65 10.70 -33.17
C ASP C 397 -32.84 11.92 -32.72
N ILE C 398 -31.80 12.24 -33.48
CA ILE C 398 -30.94 13.37 -33.13
C ILE C 398 -31.52 14.67 -33.67
N ILE C 399 -31.53 15.69 -32.83
CA ILE C 399 -31.97 17.03 -33.20
C ILE C 399 -30.74 17.89 -33.48
N ILE C 400 -30.67 18.47 -34.68
CA ILE C 400 -29.46 19.19 -35.09
C ILE C 400 -29.67 20.69 -35.29
N THR C 401 -30.91 21.19 -35.25
CA THR C 401 -31.15 22.62 -35.38
C THR C 401 -31.98 23.12 -34.20
N ASN C 402 -31.69 24.36 -33.78
CA ASN C 402 -32.42 24.95 -32.67
C ASN C 402 -33.90 25.08 -32.97
N GLU C 403 -34.27 25.27 -34.24
CA GLU C 403 -35.68 25.37 -34.59
C GLU C 403 -36.38 24.02 -34.47
N SER C 404 -35.73 22.95 -34.95
CA SER C 404 -36.31 21.62 -34.78
C SER C 404 -36.42 21.25 -33.31
N LEU C 405 -35.51 21.75 -32.47
CA LEU C 405 -35.59 21.50 -31.03
C LEU C 405 -36.84 22.13 -30.45
N GLN C 406 -37.06 23.42 -30.73
CA GLN C 406 -38.25 24.09 -30.19
C GLN C 406 -39.52 23.49 -30.77
N ASP C 407 -39.46 22.94 -31.98
CA ASP C 407 -40.60 22.22 -32.53
C ASP C 407 -40.88 20.94 -31.76
N ALA C 408 -39.84 20.15 -31.51
CA ALA C 408 -39.99 18.89 -30.78
C ALA C 408 -40.59 19.09 -29.39
N VAL C 409 -40.23 20.17 -28.70
CA VAL C 409 -40.72 20.35 -27.34
C VAL C 409 -42.21 20.67 -27.32
N GLN C 410 -42.71 21.38 -28.34
CA GLN C 410 -44.14 21.69 -28.36
C GLN C 410 -44.96 20.47 -28.71
N GLN C 411 -44.44 19.61 -29.57
CA GLN C 411 -45.15 18.41 -30.00
C GLN C 411 -44.89 17.20 -29.10
N GLN C 412 -44.46 17.44 -27.85
CA GLN C 412 -44.26 16.36 -26.88
C GLN C 412 -45.61 15.72 -26.52
N SER D 2 0.47 39.24 28.78
CA SER D 2 0.48 37.79 28.73
C SER D 2 1.40 37.26 27.63
N ALA D 3 1.93 36.06 27.87
CA ALA D 3 2.82 35.40 26.92
C ALA D 3 2.02 34.75 25.79
N ALA D 4 2.52 34.86 24.57
CA ALA D 4 1.90 34.20 23.42
C ALA D 4 2.72 33.03 22.90
N TYR D 5 3.85 32.71 23.52
CA TYR D 5 4.83 31.76 23.03
C TYR D 5 5.02 30.59 23.98
N PHE D 6 5.65 29.54 23.46
CA PHE D 6 6.12 28.41 24.25
C PHE D 6 7.52 28.68 24.78
N LEU D 7 7.80 28.23 26.00
CA LEU D 7 9.11 28.34 26.60
C LEU D 7 9.72 26.95 26.75
N TRP D 8 10.80 26.72 26.08
CA TRP D 8 11.48 25.45 26.10
C TRP D 8 12.25 25.25 27.41
N PRO D 9 12.32 24.03 27.92
CA PRO D 9 13.02 23.80 29.19
C PRO D 9 14.50 24.13 29.05
N THR D 10 15.02 24.83 30.06
CA THR D 10 16.44 25.20 30.09
C THR D 10 17.32 24.16 30.80
N SER D 11 17.26 22.90 30.35
CA SER D 11 18.18 21.87 30.80
C SER D 11 19.43 21.78 29.91
N ASN D 12 19.76 22.85 29.20
CA ASN D 12 20.98 22.90 28.40
C ASN D 12 22.21 22.74 29.29
N LEU D 13 22.38 23.66 30.24
CA LEU D 13 23.41 23.57 31.28
C LEU D 13 24.82 23.40 30.71
N GLN D 14 25.15 24.25 29.74
CA GLN D 14 26.44 24.16 29.06
C GLN D 14 27.48 24.86 29.92
N HIS D 15 28.66 24.26 30.05
CA HIS D 15 29.12 23.10 29.28
C HIS D 15 29.56 21.95 30.20
N CYS D 16 29.31 22.07 31.49
CA CYS D 16 29.66 20.99 32.40
C CYS D 16 28.78 19.77 32.24
N ALA D 17 27.67 19.87 31.50
CA ALA D 17 26.86 18.68 31.25
C ALA D 17 27.51 17.77 30.22
N ALA D 18 28.29 18.32 29.30
CA ALA D 18 29.07 17.51 28.38
C ALA D 18 30.53 17.39 28.78
N GLU D 19 31.10 18.47 29.32
CA GLU D 19 32.48 18.44 29.80
C GLU D 19 32.62 17.61 31.08
N GLY D 20 31.70 17.80 32.03
CA GLY D 20 31.75 17.03 33.26
C GLY D 20 31.52 15.54 33.09
N ARG D 21 30.74 15.15 32.08
CA ARG D 21 30.54 13.72 31.82
C ARG D 21 31.84 13.07 31.36
N ALA D 22 32.48 13.65 30.34
CA ALA D 22 33.77 13.13 29.89
C ALA D 22 34.81 13.21 31.01
N ASN D 23 34.77 14.28 31.80
CA ASN D 23 35.72 14.46 32.88
C ASN D 23 35.48 13.46 34.01
N TYR D 24 34.23 13.09 34.24
CA TYR D 24 33.93 12.11 35.29
C TYR D 24 34.48 10.74 34.96
N PHE D 25 34.19 10.22 33.77
CA PHE D 25 34.64 8.87 33.41
C PHE D 25 36.13 8.82 33.09
N GLY D 26 36.71 9.94 32.66
CA GLY D 26 38.14 9.94 32.35
C GLY D 26 39.04 9.81 33.56
N ASN D 27 38.72 10.52 34.64
CA ASN D 27 39.59 10.49 35.82
C ASN D 27 39.50 9.17 36.57
N LEU D 28 38.39 8.46 36.48
CA LEU D 28 38.29 7.17 37.13
C LEU D 28 39.01 6.08 36.35
N GLN D 29 39.06 6.20 35.01
CA GLN D 29 39.63 5.14 34.19
C GLN D 29 41.15 5.07 34.24
N LYS D 30 41.85 6.20 34.27
CA LYS D 30 43.30 6.07 34.26
C LYS D 30 43.88 5.69 35.62
N GLY D 31 43.35 6.21 36.73
CA GLY D 31 43.95 5.64 37.91
C GLY D 31 43.07 4.49 38.35
N LEU D 32 43.44 3.26 37.99
CA LEU D 32 42.64 2.08 38.32
C LEU D 32 43.17 1.30 39.53
N LEU D 33 44.44 0.89 39.46
CA LEU D 33 44.99 -0.06 40.43
C LEU D 33 44.13 -1.37 40.46
N PRO D 34 43.80 -1.95 39.33
CA PRO D 34 42.75 -2.98 39.32
C PRO D 34 43.19 -4.43 39.49
N ARG D 35 44.49 -4.75 39.48
CA ARG D 35 45.04 -5.95 40.12
C ARG D 35 44.28 -7.22 39.75
N HIS D 36 44.28 -7.56 38.44
CA HIS D 36 43.24 -8.31 37.72
C HIS D 36 42.63 -9.54 38.41
N PRO D 37 43.40 -10.42 39.16
CA PRO D 37 42.73 -11.64 39.67
C PRO D 37 41.64 -11.25 40.64
N GLY D 38 40.41 -11.55 40.22
CA GLY D 38 39.19 -11.06 40.83
C GLY D 38 38.65 -11.75 42.06
N ARG D 39 39.31 -11.56 43.21
CA ARG D 39 38.79 -12.15 44.43
C ARG D 39 37.51 -11.46 44.88
N LEU D 40 37.37 -10.14 44.59
CA LEU D 40 36.11 -9.39 44.79
C LEU D 40 35.44 -9.55 46.14
N PRO D 41 36.02 -8.99 47.21
CA PRO D 41 35.52 -9.26 48.57
C PRO D 41 34.05 -8.93 48.74
N LYS D 42 33.38 -9.75 49.57
CA LYS D 42 31.92 -9.75 49.70
C LYS D 42 31.37 -8.47 50.31
N GLY D 43 32.19 -7.70 51.02
CA GLY D 43 31.73 -6.45 51.59
C GLY D 43 31.45 -5.38 50.56
N GLN D 44 32.05 -5.49 49.39
CA GLN D 44 31.94 -4.51 48.32
C GLN D 44 30.82 -4.84 47.34
N GLN D 45 29.93 -5.79 47.65
CA GLN D 45 28.88 -6.13 46.70
C GLN D 45 27.85 -5.01 46.61
N ALA D 46 27.34 -4.79 45.40
CA ALA D 46 26.33 -3.77 45.19
C ALA D 46 25.11 -4.01 46.06
N ASN D 47 24.57 -2.94 46.62
CA ASN D 47 23.39 -3.02 47.47
C ASN D 47 22.26 -2.11 47.02
N SER D 48 22.59 -0.94 46.50
CA SER D 48 21.59 0.06 46.10
C SER D 48 21.44 0.11 44.59
N LEU D 49 20.40 0.83 44.15
CA LEU D 49 20.26 1.13 42.73
C LEU D 49 21.40 2.00 42.23
N LEU D 50 21.87 2.94 43.06
CA LEU D 50 22.97 3.80 42.66
C LEU D 50 24.22 2.99 42.35
N ASP D 51 24.47 1.94 43.13
CA ASP D 51 25.64 1.09 42.90
C ASP D 51 25.57 0.43 41.52
N LEU D 52 24.46 -0.22 41.20
CA LEU D 52 24.36 -0.88 39.90
C LEU D 52 24.49 0.10 38.74
N MET D 53 23.86 1.27 38.85
CA MET D 53 23.89 2.21 37.73
C MET D 53 25.29 2.76 37.50
N THR D 54 26.06 2.99 38.56
CA THR D 54 27.42 3.47 38.37
C THR D 54 28.33 2.39 37.81
N ILE D 55 28.07 1.12 38.16
CA ILE D 55 28.82 0.03 37.57
C ILE D 55 28.49 -0.09 36.08
N ARG D 56 27.20 -0.03 35.75
CA ARG D 56 26.80 -0.15 34.35
C ARG D 56 27.36 0.99 33.52
N ALA D 57 27.33 2.22 34.05
CA ALA D 57 27.81 3.38 33.32
C ALA D 57 29.30 3.26 33.03
N PHE D 58 30.06 2.74 33.98
CA PHE D 58 31.50 2.60 33.80
C PHE D 58 31.81 1.70 32.61
N HIS D 59 31.12 0.57 32.50
CA HIS D 59 31.31 -0.38 31.42
C HIS D 59 30.27 -0.22 30.30
N SER D 60 29.76 0.99 30.09
CA SER D 60 28.72 1.19 29.08
C SER D 60 29.17 0.69 27.71
N LYS D 61 30.38 1.09 27.28
CA LYS D 61 30.79 0.78 25.91
C LYS D 61 31.04 -0.71 25.72
N ILE D 62 31.66 -1.38 26.70
CA ILE D 62 31.85 -2.82 26.56
C ILE D 62 30.51 -3.53 26.63
N LEU D 63 29.54 -2.96 27.34
CA LEU D 63 28.22 -3.59 27.39
C LEU D 63 27.41 -3.32 26.13
N ARG D 64 27.38 -2.06 25.65
CA ARG D 64 26.59 -1.76 24.46
C ARG D 64 27.14 -2.41 23.21
N ARG D 65 28.42 -2.80 23.22
CA ARG D 65 29.10 -3.34 22.04
C ARG D 65 28.31 -4.49 21.42
N PHE D 66 27.85 -5.43 22.24
CA PHE D 66 27.16 -6.62 21.77
C PHE D 66 25.80 -6.80 22.43
N SER D 67 25.00 -5.73 22.48
CA SER D 67 23.68 -5.84 23.11
C SER D 67 22.78 -4.69 22.69
N LEU D 68 21.48 -4.95 22.77
CA LEU D 68 20.43 -3.99 22.46
C LEU D 68 20.19 -2.95 23.53
N GLY D 69 20.66 -3.19 24.75
CA GLY D 69 20.43 -2.26 25.84
C GLY D 69 20.64 -2.94 27.18
N THR D 70 20.56 -2.15 28.24
CA THR D 70 20.80 -2.63 29.58
C THR D 70 19.87 -1.97 30.58
N ALA D 71 19.72 -2.62 31.73
CA ALA D 71 18.96 -2.10 32.86
C ALA D 71 19.47 -2.79 34.10
N VAL D 72 19.18 -2.17 35.26
CA VAL D 72 19.65 -2.67 36.56
C VAL D 72 18.49 -3.33 37.30
N GLY D 73 18.82 -4.33 38.11
CA GLY D 73 17.83 -5.05 38.88
C GLY D 73 18.37 -6.28 39.56
N PHE D 74 17.63 -7.39 39.47
CA PHE D 74 18.04 -8.68 39.99
C PHE D 74 18.28 -9.66 38.85
N ARG D 75 19.19 -10.61 39.07
CA ARG D 75 19.45 -11.64 38.07
C ARG D 75 18.21 -12.51 37.90
N ILE D 76 17.87 -12.79 36.64
CA ILE D 76 16.77 -13.68 36.31
C ILE D 76 17.38 -15.03 35.93
N ARG D 77 17.02 -16.07 36.68
CA ARG D 77 17.52 -17.42 36.43
C ARG D 77 16.34 -18.36 36.22
N LYS D 78 16.30 -18.98 35.05
CA LYS D 78 15.22 -19.92 34.69
C LYS D 78 13.86 -19.21 34.75
N GLY D 79 13.83 -17.94 34.34
CA GLY D 79 12.60 -17.19 34.25
C GLY D 79 12.12 -16.56 35.54
N ASP D 80 12.72 -16.87 36.68
CA ASP D 80 12.28 -16.35 37.96
C ASP D 80 13.28 -15.32 38.47
N LEU D 81 12.77 -14.23 39.03
CA LEU D 81 13.63 -13.22 39.63
C LEU D 81 14.32 -13.80 40.85
N THR D 82 15.62 -13.53 40.99
CA THR D 82 16.34 -13.87 42.18
C THR D 82 16.50 -12.61 43.03
N ASP D 83 17.24 -12.73 44.14
CA ASP D 83 17.60 -11.58 44.96
C ASP D 83 19.06 -11.19 44.77
N ILE D 84 19.63 -11.45 43.60
CA ILE D 84 21.04 -11.24 43.32
C ILE D 84 21.19 -9.95 42.52
N PRO D 85 21.82 -8.91 43.06
CA PRO D 85 22.00 -7.67 42.29
C PRO D 85 22.75 -7.91 40.99
N ALA D 86 22.16 -7.46 39.88
CA ALA D 86 22.75 -7.72 38.57
C ALA D 86 22.46 -6.56 37.62
N ILE D 87 23.25 -6.54 36.54
CA ILE D 87 23.01 -5.67 35.39
C ILE D 87 22.41 -6.53 34.29
N LEU D 88 21.18 -6.22 33.87
CA LEU D 88 20.56 -7.03 32.85
C LEU D 88 21.02 -6.53 31.49
N VAL D 89 21.62 -7.43 30.70
CA VAL D 89 22.10 -7.13 29.36
C VAL D 89 21.15 -7.77 28.37
N PHE D 90 20.58 -6.95 27.48
CA PHE D 90 19.54 -7.38 26.54
C PHE D 90 20.15 -7.75 25.20
N VAL D 91 20.09 -9.04 24.86
CA VAL D 91 20.59 -9.56 23.59
C VAL D 91 19.42 -9.83 22.65
N ALA D 92 19.70 -9.76 21.35
CA ALA D 92 18.68 -10.06 20.35
C ALA D 92 18.26 -11.51 20.42
N ARG D 93 19.22 -12.43 20.59
CA ARG D 93 18.94 -13.85 20.72
C ARG D 93 19.93 -14.42 21.72
N LYS D 94 19.42 -15.14 22.73
CA LYS D 94 20.26 -15.67 23.80
C LYS D 94 20.73 -17.06 23.38
N VAL D 95 21.97 -17.15 22.92
CA VAL D 95 22.53 -18.40 22.41
C VAL D 95 23.52 -19.00 23.41
N HIS D 96 23.85 -20.26 23.19
CA HIS D 96 24.77 -21.01 24.06
C HIS D 96 26.19 -20.45 24.00
N LYS D 97 26.94 -20.64 25.10
CA LYS D 97 28.33 -20.18 25.15
C LYS D 97 29.19 -20.75 24.03
N LYS D 98 28.92 -21.99 23.60
CA LYS D 98 29.74 -22.63 22.58
C LYS D 98 29.78 -21.85 21.27
N TRP D 99 28.80 -20.97 21.04
CA TRP D 99 28.69 -20.26 19.77
C TRP D 99 29.16 -18.80 19.88
N LEU D 100 29.80 -18.44 20.97
CA LEU D 100 30.31 -17.09 21.20
C LEU D 100 31.83 -17.09 21.21
N ASN D 101 32.42 -16.10 20.56
CA ASN D 101 33.84 -15.86 20.75
C ASN D 101 34.06 -15.07 22.04
N PRO D 102 35.27 -15.15 22.62
CA PRO D 102 35.50 -14.48 23.92
C PRO D 102 35.16 -13.00 23.92
N ALA D 103 35.29 -12.31 22.80
CA ALA D 103 34.94 -10.90 22.76
C ALA D 103 33.45 -10.70 23.00
N GLN D 104 32.61 -11.59 22.45
CA GLN D 104 31.17 -11.46 22.56
C GLN D 104 30.63 -11.86 23.92
N CYS D 105 31.16 -12.93 24.52
CA CYS D 105 30.55 -13.47 25.74
C CYS D 105 30.58 -12.46 26.88
N LEU D 106 29.39 -12.19 27.43
CA LEU D 106 29.23 -11.29 28.56
C LEU D 106 29.74 -11.96 29.83
N PRO D 107 30.32 -11.19 30.75
CA PRO D 107 30.85 -11.78 31.98
C PRO D 107 29.73 -12.16 32.95
N ALA D 108 30.10 -12.95 33.95
CA ALA D 108 29.16 -13.28 35.01
C ALA D 108 29.21 -12.28 36.16
N ILE D 109 30.35 -11.62 36.35
CA ILE D 109 30.54 -10.59 37.36
C ILE D 109 31.20 -9.38 36.70
N LEU D 110 31.01 -8.22 37.31
CA LEU D 110 31.59 -6.96 36.85
C LEU D 110 31.89 -6.10 38.07
N GLU D 111 33.11 -5.59 38.17
CA GLU D 111 33.50 -4.70 39.25
C GLU D 111 33.68 -3.28 38.73
N GLY D 112 33.01 -2.32 39.36
CA GLY D 112 33.05 -0.94 38.97
C GLY D 112 34.04 -0.11 39.76
N PRO D 113 33.85 1.21 39.77
CA PRO D 113 34.75 2.10 40.51
C PRO D 113 34.71 1.81 42.01
N GLY D 114 35.89 1.84 42.62
CA GLY D 114 35.98 1.57 44.04
C GLY D 114 35.79 0.13 44.41
N GLY D 115 35.90 -0.79 43.46
CA GLY D 115 35.78 -2.21 43.74
C GLY D 115 34.37 -2.70 44.02
N VAL D 116 33.35 -1.84 43.85
CA VAL D 116 31.96 -2.28 43.99
C VAL D 116 31.58 -3.13 42.79
N TRP D 117 31.21 -4.39 43.04
CA TRP D 117 30.94 -5.38 42.00
C TRP D 117 29.48 -5.80 42.01
N CYS D 118 29.09 -6.49 40.93
CA CYS D 118 27.75 -7.05 40.79
C CYS D 118 27.75 -8.14 39.72
N ASP D 119 26.61 -8.81 39.57
CA ASP D 119 26.40 -9.85 38.56
C ASP D 119 25.97 -9.25 37.22
N VAL D 120 26.10 -10.06 36.17
CA VAL D 120 25.66 -9.69 34.83
C VAL D 120 24.72 -10.79 34.31
N ASP D 121 23.44 -10.45 34.15
CA ASP D 121 22.42 -11.36 33.65
C ASP D 121 22.07 -11.05 32.19
N VAL D 122 21.93 -12.10 31.38
CA VAL D 122 21.57 -11.99 29.96
C VAL D 122 20.08 -12.27 29.80
N VAL D 123 19.36 -11.39 29.09
CA VAL D 123 17.93 -11.55 28.83
C VAL D 123 17.66 -11.35 27.35
N GLU D 124 16.94 -12.29 26.74
CA GLU D 124 16.52 -12.11 25.34
C GLU D 124 15.44 -11.03 25.24
N PHE D 125 15.63 -10.11 24.30
CA PHE D 125 14.92 -8.83 24.27
C PHE D 125 14.57 -8.48 22.84
N SER D 126 13.65 -7.52 22.70
CA SER D 126 13.29 -6.99 21.39
C SER D 126 12.61 -5.64 21.57
N TYR D 127 12.28 -5.01 20.45
CA TYR D 127 11.48 -3.79 20.42
C TYR D 127 10.35 -3.90 19.41
N GLU D 137 -8.14 -5.78 19.80
CA GLU D 137 -7.73 -6.08 21.17
C GLU D 137 -8.09 -4.94 22.13
N GLN D 138 -9.16 -5.14 22.89
CA GLN D 138 -9.63 -4.19 23.87
C GLN D 138 -10.28 -4.94 25.01
N MET D 139 -10.07 -4.51 26.25
CA MET D 139 -10.80 -5.11 27.35
C MET D 139 -12.15 -4.41 27.51
N PHE D 140 -13.21 -5.21 27.58
CA PHE D 140 -14.57 -4.74 27.72
C PHE D 140 -15.07 -5.08 29.12
N SER D 141 -15.38 -4.06 29.91
CA SER D 141 -15.83 -4.28 31.28
C SER D 141 -16.55 -3.02 31.76
N GLU D 142 -17.24 -3.17 32.89
CA GLU D 142 -17.93 -2.01 33.47
C GLU D 142 -16.92 -0.95 33.89
N LEU D 143 -15.76 -1.37 34.41
CA LEU D 143 -14.73 -0.42 34.82
C LEU D 143 -14.25 0.42 33.65
N VAL D 144 -13.93 -0.24 32.52
CA VAL D 144 -13.49 0.49 31.35
C VAL D 144 -14.55 1.46 30.87
N ASP D 145 -15.82 1.03 30.85
CA ASP D 145 -16.92 1.93 30.48
C ASP D 145 -17.02 3.10 31.44
N LYS D 146 -16.85 2.84 32.74
CA LYS D 146 -16.92 3.91 33.73
C LYS D 146 -15.79 4.91 33.49
N LEU D 147 -14.59 4.41 33.23
CA LEU D 147 -13.46 5.28 33.01
C LEU D 147 -13.65 6.11 31.75
N CYS D 148 -14.28 5.54 30.73
CA CYS D 148 -14.44 6.16 29.42
C CYS D 148 -15.70 7.00 29.30
N GLY D 149 -16.28 7.44 30.43
CA GLY D 149 -17.39 8.39 30.40
C GLY D 149 -18.70 7.89 30.95
N SER D 150 -18.82 6.60 31.31
CA SER D 150 -20.09 6.14 31.85
C SER D 150 -20.22 6.39 33.35
N ASP D 151 -19.12 6.66 34.05
CA ASP D 151 -19.20 6.93 35.47
C ASP D 151 -19.66 8.36 35.70
N GLU D 152 -20.23 8.60 36.88
CA GLU D 152 -20.67 9.93 37.28
C GLU D 152 -19.53 10.77 37.87
N CYS D 153 -18.27 10.38 37.67
CA CYS D 153 -17.18 11.12 38.27
C CYS D 153 -15.93 11.01 37.41
N ILE D 154 -15.00 11.92 37.66
CA ILE D 154 -13.71 11.96 36.98
C ILE D 154 -12.63 11.70 38.01
N GLY D 155 -11.77 10.73 37.73
CA GLY D 155 -10.71 10.38 38.65
C GLY D 155 -9.53 9.74 37.94
N SER D 156 -8.73 8.95 38.67
CA SER D 156 -7.65 8.24 38.02
C SER D 156 -8.23 7.20 37.08
N GLY D 157 -7.60 7.05 35.92
CA GLY D 157 -8.09 6.15 34.91
C GLY D 157 -9.05 6.80 33.93
N SER D 158 -9.64 7.93 34.30
CA SER D 158 -10.62 8.58 33.46
C SER D 158 -10.00 8.98 32.12
N GLN D 159 -10.74 8.71 31.05
CA GLN D 159 -10.27 9.07 29.72
C GLN D 159 -10.30 10.59 29.57
N VAL D 160 -9.16 11.14 29.16
CA VAL D 160 -9.03 12.56 28.86
C VAL D 160 -8.65 12.69 27.40
N ALA D 161 -9.05 13.80 26.79
CA ALA D 161 -8.90 13.90 25.35
C ALA D 161 -8.67 15.34 24.96
N SER D 162 -7.79 15.52 24.00
CA SER D 162 -7.74 16.75 23.25
C SER D 162 -8.37 16.46 21.90
N HIS D 163 -8.41 17.48 21.06
CA HIS D 163 -9.02 17.35 19.74
C HIS D 163 -8.48 16.14 18.98
N GLU D 164 -7.17 15.88 19.06
CA GLU D 164 -6.55 14.86 18.22
C GLU D 164 -6.07 13.61 18.96
N THR D 165 -5.87 13.66 20.27
CA THR D 165 -5.27 12.56 20.99
C THR D 165 -6.06 12.21 22.26
N PHE D 166 -5.99 10.94 22.63
CA PHE D 166 -6.61 10.41 23.83
C PHE D 166 -5.54 9.99 24.82
N GLY D 167 -5.83 10.13 26.11
CA GLY D 167 -4.93 9.67 27.14
C GLY D 167 -5.68 9.28 28.40
N THR D 168 -4.92 8.89 29.41
CA THR D 168 -5.46 8.51 30.71
C THR D 168 -5.07 9.54 31.78
N LEU D 169 -6.00 9.84 32.68
CA LEU D 169 -5.72 10.71 33.80
C LEU D 169 -4.97 9.92 34.87
N GLY D 170 -3.74 10.33 35.18
CA GLY D 170 -2.98 9.60 36.17
C GLY D 170 -3.37 9.86 37.61
N ALA D 171 -3.24 11.10 38.06
CA ALA D 171 -3.50 11.44 39.45
C ALA D 171 -4.06 12.86 39.53
N ILE D 172 -4.80 13.12 40.60
CA ILE D 172 -5.24 14.48 40.93
C ILE D 172 -4.12 15.13 41.73
N VAL D 173 -3.64 16.30 41.28
CA VAL D 173 -2.48 16.94 41.86
C VAL D 173 -2.77 18.41 42.15
N LYS D 174 -1.83 19.05 42.85
CA LYS D 174 -1.79 20.49 43.03
C LYS D 174 -0.36 20.97 42.81
N ARG D 175 -0.20 22.16 42.23
CA ARG D 175 1.13 22.69 42.03
C ARG D 175 1.74 23.14 43.34
N ARG D 176 3.07 22.98 43.47
CA ARG D 176 3.74 23.41 44.70
C ARG D 176 4.01 24.90 44.71
N THR D 177 4.30 25.48 43.55
CA THR D 177 4.68 26.88 43.44
C THR D 177 3.47 27.77 43.18
N GLY D 178 3.70 29.08 43.25
CA GLY D 178 2.71 30.08 42.91
C GLY D 178 1.39 29.89 43.62
N ASN D 179 0.29 30.04 42.88
CA ASN D 179 -1.02 30.01 43.49
C ASN D 179 -1.47 28.60 43.88
N LYS D 180 -0.63 27.60 43.63
CA LYS D 180 -0.95 26.21 44.00
C LYS D 180 -2.28 25.73 43.39
N GLN D 181 -2.41 25.92 42.08
CA GLN D 181 -3.58 25.48 41.34
C GLN D 181 -3.78 23.98 41.49
N VAL D 182 -5.03 23.57 41.63
CA VAL D 182 -5.38 22.16 41.66
C VAL D 182 -5.63 21.70 40.22
N GLY D 183 -5.19 20.49 39.90
CA GLY D 183 -5.40 19.94 38.58
C GLY D 183 -5.16 18.45 38.52
N PHE D 184 -4.72 17.95 37.37
CA PHE D 184 -4.45 16.52 37.23
C PHE D 184 -3.20 16.29 36.39
N LEU D 185 -2.67 15.08 36.49
CA LEU D 185 -1.46 14.69 35.78
C LEU D 185 -1.84 13.64 34.74
N THR D 186 -1.38 13.84 33.51
CA THR D 186 -1.52 12.85 32.44
C THR D 186 -0.26 12.90 31.59
N ASN D 187 -0.26 12.12 30.51
CA ASN D 187 0.90 12.01 29.65
C ASN D 187 0.83 13.09 28.57
N HIS D 188 1.93 13.83 28.38
CA HIS D 188 1.90 15.03 27.57
C HIS D 188 1.57 14.76 26.11
N HIS D 189 1.64 13.50 25.67
CA HIS D 189 1.33 13.18 24.28
C HIS D 189 -0.11 13.51 23.93
N VAL D 190 -0.97 13.67 24.94
CA VAL D 190 -2.32 14.15 24.66
C VAL D 190 -2.30 15.61 24.21
N ALA D 191 -1.30 16.40 24.66
CA ALA D 191 -1.17 17.81 24.31
C ALA D 191 -0.05 18.01 23.28
N VAL D 192 -0.41 18.13 22.00
CA VAL D 192 0.58 18.22 20.92
C VAL D 192 0.17 19.36 19.99
N ASP D 193 0.84 20.50 20.13
CA ASP D 193 0.48 21.66 19.35
C ASP D 193 1.44 21.72 18.15
N LEU D 194 1.21 20.83 17.18
CA LEU D 194 1.91 20.89 15.90
C LEU D 194 1.00 20.88 14.68
N ASP D 195 -0.11 20.16 14.73
CA ASP D 195 -1.08 20.06 13.64
C ASP D 195 -2.36 20.82 13.91
N TYR D 196 -2.67 21.06 15.18
CA TYR D 196 -3.95 21.50 15.70
C TYR D 196 -3.74 22.02 17.11
N PRO D 197 -4.52 23.00 17.55
CA PRO D 197 -4.37 23.53 18.91
C PRO D 197 -4.95 22.63 20.00
N ASN D 198 -4.13 21.65 20.38
CA ASN D 198 -4.49 20.64 21.38
C ASN D 198 -4.07 21.10 22.78
N GLN D 199 -4.62 22.24 23.19
CA GLN D 199 -4.40 22.75 24.54
C GLN D 199 -5.55 22.40 25.47
N LYS D 200 -6.78 22.42 24.96
CA LYS D 200 -7.97 22.13 25.76
C LYS D 200 -8.19 20.62 25.88
N MET D 201 -8.29 20.15 27.12
CA MET D 201 -8.54 18.76 27.47
C MET D 201 -10.00 18.58 27.87
N PHE D 202 -10.56 17.40 27.52
CA PHE D 202 -11.96 17.11 27.78
C PHE D 202 -12.14 15.67 28.23
N HIS D 203 -13.22 15.43 28.98
CA HIS D 203 -13.65 14.09 29.36
C HIS D 203 -15.11 13.92 28.98
N PRO D 204 -15.45 12.86 28.24
CA PRO D 204 -14.52 11.87 27.71
C PRO D 204 -14.07 12.16 26.29
N LEU D 205 -14.75 13.07 25.60
CA LEU D 205 -14.52 13.30 24.18
C LEU D 205 -14.33 14.78 23.88
N PRO D 206 -13.55 15.10 22.84
CA PRO D 206 -13.44 16.49 22.38
C PRO D 206 -14.68 16.91 21.62
N PRO D 207 -14.96 18.21 21.57
CA PRO D 207 -16.20 18.69 20.93
C PRO D 207 -16.40 18.23 19.51
N ASN D 208 -15.32 18.00 18.75
CA ASN D 208 -15.45 17.56 17.36
C ASN D 208 -15.91 16.12 17.24
N LEU D 209 -15.69 15.30 18.27
CA LEU D 209 -16.02 13.88 18.25
C LEU D 209 -17.28 13.53 19.03
N GLY D 210 -17.60 14.28 20.07
CA GLY D 210 -18.78 13.99 20.87
C GLY D 210 -18.87 14.82 22.13
N PRO D 211 -19.77 14.43 23.03
CA PRO D 211 -20.02 15.23 24.23
C PRO D 211 -18.89 15.11 25.25
N GLY D 212 -18.84 16.09 26.14
CA GLY D 212 -17.84 16.08 27.19
C GLY D 212 -17.90 17.37 27.96
N VAL D 213 -17.02 17.46 28.96
CA VAL D 213 -16.87 18.64 29.80
C VAL D 213 -15.45 19.16 29.65
N TYR D 214 -15.30 20.48 29.61
CA TYR D 214 -13.98 21.08 29.48
C TYR D 214 -13.22 20.96 30.79
N LEU D 215 -12.16 20.17 30.81
CA LEU D 215 -11.39 19.94 32.03
C LEU D 215 -10.46 21.10 32.35
N GLY D 216 -9.76 21.61 31.35
CA GLY D 216 -8.79 22.67 31.59
C GLY D 216 -7.79 22.71 30.46
N ALA D 217 -6.84 23.64 30.59
CA ALA D 217 -5.80 23.83 29.58
C ALA D 217 -4.45 23.40 30.13
N VAL D 218 -3.67 22.72 29.28
CA VAL D 218 -2.31 22.34 29.64
C VAL D 218 -1.49 23.55 30.05
N GLU D 219 -0.72 23.39 31.13
CA GLU D 219 0.20 24.43 31.61
C GLU D 219 1.66 24.02 31.48
N ARG D 220 2.03 22.86 32.00
CA ARG D 220 3.41 22.38 31.96
C ARG D 220 3.45 20.99 31.37
N ALA D 221 4.60 20.63 30.80
CA ALA D 221 4.81 19.28 30.31
C ALA D 221 6.30 19.03 30.16
N THR D 222 6.77 17.87 30.64
CA THR D 222 8.13 17.42 30.40
C THR D 222 8.12 16.34 29.32
N SER D 223 9.08 16.42 28.40
CA SER D 223 9.27 15.34 27.42
C SER D 223 10.58 14.60 27.59
N PHE D 224 11.70 15.32 27.61
CA PHE D 224 13.01 14.72 27.88
C PHE D 224 13.75 15.54 28.93
N ILE D 225 14.34 14.86 29.90
CA ILE D 225 15.18 15.48 30.92
C ILE D 225 16.50 14.72 30.97
N THR D 226 17.62 15.44 30.89
CA THR D 226 18.91 14.78 30.94
C THR D 226 19.06 13.95 32.20
N ASP D 227 19.79 12.83 32.08
CA ASP D 227 19.98 11.91 33.19
C ASP D 227 20.56 12.61 34.42
N ASP D 228 21.58 13.45 34.21
CA ASP D 228 22.25 14.10 35.35
C ASP D 228 21.28 14.96 36.14
N VAL D 229 20.25 15.50 35.49
CA VAL D 229 19.23 16.25 36.21
C VAL D 229 18.24 15.30 36.86
N TRP D 230 17.74 14.33 36.09
CA TRP D 230 16.70 13.43 36.57
C TRP D 230 17.20 12.53 37.71
N TYR D 231 18.23 11.72 37.44
CA TYR D 231 18.73 10.79 38.46
C TYR D 231 19.69 11.46 39.44
N GLY D 232 20.39 12.51 39.03
CA GLY D 232 21.44 13.09 39.84
C GLY D 232 22.84 12.56 39.60
N ILE D 233 23.00 11.57 38.71
CA ILE D 233 24.30 11.00 38.39
C ILE D 233 24.42 10.85 36.87
N TYR D 234 25.64 10.58 36.42
CA TYR D 234 25.88 10.29 35.00
C TYR D 234 25.64 8.80 34.80
N ALA D 235 24.47 8.46 34.25
CA ALA D 235 24.09 7.06 34.06
C ALA D 235 24.73 6.43 32.83
N GLY D 236 25.42 7.19 32.00
CA GLY D 236 26.03 6.67 30.79
C GLY D 236 27.07 7.61 30.25
N THR D 237 27.90 7.09 29.33
CA THR D 237 29.00 7.88 28.78
C THR D 237 28.58 8.81 27.63
N ASN D 238 27.45 8.55 26.98
CA ASN D 238 27.04 9.40 25.86
C ASN D 238 26.70 10.79 26.35
N PRO D 239 27.29 11.85 25.77
CA PRO D 239 26.95 13.21 26.23
C PRO D 239 25.55 13.67 25.84
N GLU D 240 24.93 13.06 24.82
CA GLU D 240 23.51 13.27 24.52
C GLU D 240 22.71 12.13 25.12
N THR D 241 22.52 12.18 26.44
CA THR D 241 21.76 11.17 27.16
C THR D 241 20.53 11.83 27.79
N PHE D 242 19.34 11.33 27.43
CA PHE D 242 18.09 11.89 27.92
C PHE D 242 17.26 10.80 28.58
N VAL D 243 16.44 11.21 29.55
CA VAL D 243 15.48 10.32 30.19
C VAL D 243 14.10 10.64 29.64
N ARG D 244 13.37 9.60 29.23
CA ARG D 244 12.01 9.81 28.74
C ARG D 244 11.12 10.08 29.94
N ALA D 245 10.75 11.34 30.17
CA ALA D 245 9.93 11.64 31.33
C ALA D 245 8.68 12.36 30.83
N ASP D 246 7.66 11.58 30.45
CA ASP D 246 6.40 12.12 29.98
C ASP D 246 5.52 12.53 31.15
N GLY D 247 5.13 13.79 31.18
CA GLY D 247 4.16 14.23 32.17
C GLY D 247 3.64 15.61 31.85
N ALA D 248 2.33 15.81 31.97
CA ALA D 248 1.72 17.11 31.69
C ALA D 248 0.79 17.46 32.83
N PHE D 249 0.82 18.73 33.22
CA PHE D 249 -0.02 19.25 34.30
C PHE D 249 -1.14 20.09 33.69
N ILE D 250 -2.38 19.69 33.92
CA ILE D 250 -3.54 20.44 33.44
C ILE D 250 -4.31 20.98 34.63
N PRO D 251 -4.16 22.26 34.97
CA PRO D 251 -4.94 22.83 36.07
C PRO D 251 -6.41 22.91 35.67
N PHE D 252 -7.28 22.49 36.57
CA PHE D 252 -8.71 22.46 36.26
C PHE D 252 -9.21 23.85 35.90
N ALA D 253 -10.09 23.91 34.91
CA ALA D 253 -10.72 25.18 34.53
C ALA D 253 -11.50 25.76 35.67
N ASP D 254 -11.64 27.08 35.67
CA ASP D 254 -12.46 27.74 36.68
C ASP D 254 -13.92 27.33 36.54
N ASP D 255 -14.35 27.02 35.32
CA ASP D 255 -15.72 26.59 35.08
C ASP D 255 -15.97 25.18 35.64
N PHE D 256 -14.93 24.36 35.71
CA PHE D 256 -15.08 22.93 35.99
C PHE D 256 -15.64 22.63 37.37
N ASP D 257 -16.60 21.71 37.42
CA ASP D 257 -17.24 21.28 38.67
C ASP D 257 -16.33 20.29 39.37
N ILE D 258 -15.55 20.77 40.33
CA ILE D 258 -14.59 19.94 41.08
C ILE D 258 -15.34 19.03 42.04
N SER D 259 -16.67 19.17 42.10
CA SER D 259 -17.48 18.26 42.90
C SER D 259 -17.47 16.86 42.31
N THR D 260 -17.27 16.77 41.00
CA THR D 260 -17.25 15.53 40.24
C THR D 260 -15.92 14.79 40.33
N VAL D 261 -14.90 15.36 40.97
CA VAL D 261 -13.59 14.72 41.04
C VAL D 261 -13.51 13.79 42.25
N THR D 262 -12.83 12.66 42.07
CA THR D 262 -12.57 11.72 43.15
C THR D 262 -11.09 11.39 43.16
N THR D 263 -10.47 11.46 44.34
CA THR D 263 -9.07 11.10 44.52
C THR D 263 -8.87 9.61 44.68
N VAL D 264 -9.89 8.80 44.48
CA VAL D 264 -9.81 7.36 44.65
C VAL D 264 -9.41 6.74 43.33
N VAL D 265 -8.59 5.69 43.37
CA VAL D 265 -8.25 4.95 42.17
C VAL D 265 -9.25 3.81 42.06
N ARG D 266 -10.22 3.98 41.16
CA ARG D 266 -11.31 3.02 41.01
C ARG D 266 -10.79 1.62 40.68
N GLY D 267 -11.19 0.65 41.50
CA GLY D 267 -10.75 -0.71 41.37
C GLY D 267 -9.56 -1.08 42.23
N VAL D 268 -8.96 -0.10 42.90
CA VAL D 268 -7.91 -0.31 43.89
C VAL D 268 -8.33 0.21 45.26
N GLY D 269 -8.80 1.46 45.32
CA GLY D 269 -9.27 2.08 46.54
C GLY D 269 -8.47 3.33 46.89
N ASP D 270 -8.45 3.65 48.18
CA ASP D 270 -7.76 4.84 48.65
C ASP D 270 -6.25 4.58 48.65
N ILE D 271 -5.52 5.40 47.90
CA ILE D 271 -4.07 5.25 47.79
C ILE D 271 -3.38 6.21 48.75
N GLY D 272 -2.14 5.85 49.09
CA GLY D 272 -1.27 6.69 49.89
C GLY D 272 -0.45 7.64 49.04
N ASP D 273 0.45 8.34 49.72
CA ASP D 273 1.31 9.31 49.05
C ASP D 273 2.33 8.59 48.18
N VAL D 274 2.87 9.34 47.21
CA VAL D 274 3.86 8.80 46.28
C VAL D 274 5.05 8.22 47.04
N LYS D 275 5.42 6.98 46.70
CA LYS D 275 6.61 6.34 47.26
C LYS D 275 7.78 6.66 46.33
N VAL D 276 8.73 7.45 46.83
CA VAL D 276 9.85 7.90 46.01
C VAL D 276 10.85 6.77 45.83
N ILE D 277 11.41 6.65 44.63
CA ILE D 277 12.42 5.63 44.34
C ILE D 277 13.77 6.22 44.76
N ASP D 278 14.18 5.90 45.99
CA ASP D 278 15.47 6.35 46.52
C ASP D 278 16.56 5.40 46.04
N LEU D 279 17.48 5.93 45.22
CA LEU D 279 18.50 5.09 44.58
C LEU D 279 19.44 4.42 45.58
N GLN D 280 19.45 4.84 46.84
CA GLN D 280 20.36 4.27 47.83
C GLN D 280 19.70 3.27 48.76
N CYS D 281 18.38 3.09 48.69
CA CYS D 281 17.71 2.09 49.50
C CYS D 281 18.04 0.69 48.96
N PRO D 282 17.86 -0.35 49.78
CA PRO D 282 18.13 -1.71 49.29
C PRO D 282 17.18 -2.05 48.14
N LEU D 283 17.72 -2.82 47.19
CA LEU D 283 16.99 -3.07 45.94
C LEU D 283 15.61 -3.65 46.18
N ASN D 284 15.49 -4.59 47.12
CA ASN D 284 14.28 -5.40 47.25
C ASN D 284 13.01 -4.58 47.49
N SER D 285 13.11 -3.29 47.79
CA SER D 285 11.89 -2.50 47.97
C SER D 285 11.27 -2.02 46.65
N LEU D 286 11.99 -2.06 45.54
CA LEU D 286 11.37 -1.80 44.25
C LEU D 286 11.40 -3.00 43.30
N ILE D 287 12.58 -3.59 43.08
CA ILE D 287 12.73 -4.66 42.11
C ILE D 287 11.99 -5.90 42.59
N GLY D 288 11.10 -6.42 41.75
CA GLY D 288 10.36 -7.61 42.07
C GLY D 288 9.03 -7.36 42.76
N ARG D 289 8.79 -6.14 43.22
CA ARG D 289 7.54 -5.83 43.91
C ARG D 289 6.37 -5.90 42.94
N GLN D 290 5.21 -6.30 43.47
CA GLN D 290 4.01 -6.43 42.66
C GLN D 290 3.37 -5.04 42.51
N VAL D 291 2.97 -4.72 41.28
CA VAL D 291 2.35 -3.43 40.99
C VAL D 291 1.02 -3.67 40.28
N CYS D 292 0.20 -2.62 40.24
CA CYS D 292 -1.08 -2.68 39.57
C CYS D 292 -1.35 -1.35 38.86
N LYS D 293 -2.28 -1.40 37.90
CA LYS D 293 -2.58 -0.24 37.07
C LYS D 293 -4.06 -0.23 36.68
N VAL D 294 -4.67 0.95 36.71
CA VAL D 294 -6.03 1.17 36.22
C VAL D 294 -5.97 2.13 35.05
N GLY D 295 -6.23 1.63 33.83
CA GLY D 295 -6.15 2.45 32.65
C GLY D 295 -7.36 2.27 31.75
N ARG D 296 -7.62 3.30 30.95
CA ARG D 296 -8.83 3.35 30.12
C ARG D 296 -8.85 2.28 29.03
N SER D 297 -7.78 1.50 28.85
CA SER D 297 -7.70 0.51 27.78
C SER D 297 -7.72 -0.93 28.29
N SER D 298 -6.95 -1.24 29.33
CA SER D 298 -6.89 -2.59 29.87
C SER D 298 -7.57 -2.73 31.22
N GLY D 299 -8.15 -1.65 31.74
CA GLY D 299 -8.79 -1.71 33.04
C GLY D 299 -7.78 -1.99 34.14
N HIS D 300 -8.12 -2.92 35.02
CA HIS D 300 -7.24 -3.29 36.13
C HIS D 300 -6.36 -4.46 35.74
N THR D 301 -5.04 -4.28 35.82
CA THR D 301 -4.08 -5.34 35.56
C THR D 301 -3.08 -5.39 36.72
N THR D 302 -2.39 -6.54 36.83
CA THR D 302 -1.39 -6.75 37.86
C THR D 302 -0.08 -7.23 37.25
N GLY D 303 1.04 -6.71 37.75
CA GLY D 303 2.35 -7.08 37.24
C GLY D 303 3.48 -6.98 38.24
N THR D 304 4.72 -7.11 37.75
CA THR D 304 5.91 -7.12 38.59
C THR D 304 6.94 -6.14 38.02
N VAL D 305 7.63 -5.42 38.91
CA VAL D 305 8.72 -4.55 38.51
C VAL D 305 9.95 -5.40 38.24
N MET D 306 10.38 -5.47 36.97
CA MET D 306 11.50 -6.32 36.61
C MET D 306 12.85 -5.61 36.64
N ALA D 307 12.91 -4.32 36.30
CA ALA D 307 14.21 -3.64 36.20
C ALA D 307 14.02 -2.13 36.26
N TYR D 308 15.13 -1.43 36.49
CA TYR D 308 15.18 0.03 36.50
C TYR D 308 16.18 0.54 35.47
N ALA D 309 16.01 1.81 35.08
CA ALA D 309 17.01 2.55 34.29
C ALA D 309 17.38 1.83 32.99
N LEU D 310 16.38 1.66 32.13
CA LEU D 310 16.55 0.93 30.87
C LEU D 310 17.33 1.79 29.85
N GLU D 311 18.57 1.39 29.56
CA GLU D 311 19.41 2.10 28.61
C GLU D 311 19.13 1.62 27.19
N TYR D 312 19.15 2.55 26.22
CA TYR D 312 18.94 2.18 24.82
C TYR D 312 19.61 3.22 23.93
N ASN D 313 20.67 2.81 23.21
CA ASN D 313 21.38 3.70 22.28
C ASN D 313 20.87 3.39 20.87
N ASP D 314 19.93 4.21 20.40
CA ASP D 314 19.16 4.04 19.19
C ASP D 314 19.90 4.46 17.90
N GLU D 315 19.14 4.39 16.80
CA GLU D 315 19.67 4.52 15.45
C GLU D 315 20.44 5.82 15.22
N LYS D 316 19.91 6.94 15.73
CA LYS D 316 20.54 8.24 15.54
C LYS D 316 21.70 8.50 16.48
N GLY D 317 21.90 7.69 17.51
CA GLY D 317 23.06 7.83 18.36
C GLY D 317 22.82 8.52 19.69
N ILE D 318 21.57 8.71 20.08
CA ILE D 318 21.23 9.35 21.34
C ILE D 318 20.81 8.27 22.33
N CYS D 319 21.28 8.39 23.57
CA CYS D 319 20.98 7.41 24.61
C CYS D 319 19.71 7.79 25.36
N PHE D 320 18.79 6.83 25.52
CA PHE D 320 17.50 7.05 26.15
C PHE D 320 17.31 6.11 27.34
N PHE D 321 16.91 6.68 28.48
CA PHE D 321 16.63 5.93 29.69
C PHE D 321 15.14 5.90 30.00
N THR D 322 14.65 4.71 30.36
CA THR D 322 13.27 4.51 30.78
C THR D 322 13.29 3.98 32.22
N ASP D 323 12.63 4.71 33.12
CA ASP D 323 12.77 4.47 34.56
C ASP D 323 12.32 3.06 34.96
N ILE D 324 11.04 2.73 34.75
CA ILE D 324 10.46 1.51 35.31
C ILE D 324 10.10 0.54 34.20
N LEU D 325 10.39 -0.75 34.42
CA LEU D 325 10.08 -1.83 33.49
C LEU D 325 9.17 -2.87 34.17
N VAL D 326 7.92 -2.97 33.74
CA VAL D 326 6.94 -3.87 34.34
C VAL D 326 6.58 -4.98 33.36
N VAL D 327 6.45 -6.21 33.85
CA VAL D 327 5.91 -7.33 33.08
C VAL D 327 4.65 -7.83 33.78
N GLY D 328 3.57 -8.01 33.01
CA GLY D 328 2.32 -8.47 33.58
C GLY D 328 2.39 -9.89 34.13
N GLU D 329 1.59 -10.14 35.17
CA GLU D 329 1.50 -11.45 35.79
C GLU D 329 0.71 -12.44 34.93
N ASN D 330 1.00 -13.72 35.15
CA ASN D 330 0.26 -14.82 34.53
C ASN D 330 0.23 -14.71 33.01
N ARG D 331 1.36 -14.32 32.44
CA ARG D 331 1.52 -14.25 30.99
C ARG D 331 0.46 -13.39 30.32
N GLN D 332 0.07 -12.30 30.98
CA GLN D 332 -0.91 -11.39 30.41
C GLN D 332 -0.31 -9.99 30.32
N THR D 333 -0.63 -9.29 29.24
CA THR D 333 -0.05 -7.97 29.03
C THR D 333 -0.43 -7.03 30.16
N PHE D 334 0.55 -6.26 30.61
CA PHE D 334 0.29 -5.33 31.70
C PHE D 334 -0.52 -4.13 31.22
N ASP D 335 -0.32 -3.70 29.97
CA ASP D 335 -1.01 -2.54 29.44
C ASP D 335 -1.23 -2.70 27.94
N LEU D 336 -2.12 -1.87 27.41
CA LEU D 336 -2.40 -1.78 25.99
C LEU D 336 -2.17 -0.35 25.53
N GLU D 337 -2.29 -0.13 24.22
CA GLU D 337 -2.17 1.23 23.72
C GLU D 337 -3.37 2.03 24.22
N GLY D 338 -3.10 3.21 24.75
CA GLY D 338 -4.12 4.04 25.34
C GLY D 338 -4.05 4.10 26.85
N ASP D 339 -3.31 3.18 27.47
CA ASP D 339 -3.13 3.20 28.91
C ASP D 339 -2.12 4.23 29.38
N SER D 340 -1.41 4.89 28.45
CA SER D 340 -0.37 5.84 28.83
C SER D 340 -0.91 6.91 29.76
N GLY D 341 -0.20 7.14 30.87
CA GLY D 341 -0.62 8.07 31.90
C GLY D 341 -1.11 7.39 33.15
N SER D 342 -1.58 6.15 33.05
CA SER D 342 -2.13 5.42 34.19
C SER D 342 -1.15 5.35 35.35
N LEU D 343 -1.71 5.37 36.56
CA LEU D 343 -0.91 5.28 37.78
C LEU D 343 -0.36 3.87 37.99
N ILE D 344 0.95 3.76 38.20
CA ILE D 344 1.58 2.49 38.55
C ILE D 344 1.65 2.40 40.08
N ILE D 345 0.75 1.61 40.66
CA ILE D 345 0.56 1.57 42.11
C ILE D 345 1.20 0.31 42.69
N LEU D 346 1.96 0.48 43.78
CA LEU D 346 2.47 -0.64 44.55
C LEU D 346 1.33 -1.31 45.30
N THR D 347 1.12 -2.61 45.09
CA THR D 347 0.04 -3.30 45.79
C THR D 347 0.35 -3.38 47.27
N SER D 348 -0.70 -3.27 48.09
CA SER D 348 -0.59 -3.44 49.53
C SER D 348 -0.15 -4.86 49.89
N GLN D 349 1.01 -5.03 50.52
CA GLN D 349 1.42 -6.40 50.83
C GLN D 349 1.35 -6.75 52.30
N ASP D 350 0.98 -5.83 53.19
CA ASP D 350 0.58 -6.25 54.55
C ASP D 350 -0.70 -5.56 54.99
N GLY D 351 -1.23 -4.61 54.22
CA GLY D 351 -2.45 -3.88 54.55
C GLY D 351 -2.33 -2.36 54.61
N GLU D 352 -1.15 -1.74 54.50
CA GLU D 352 -1.15 -0.28 54.35
C GLU D 352 -1.68 0.12 52.97
N LYS D 353 -1.96 1.41 52.82
CA LYS D 353 -2.56 1.93 51.60
C LYS D 353 -1.60 1.77 50.40
N PRO D 354 -2.11 1.30 49.26
CA PRO D 354 -1.25 1.14 48.07
C PRO D 354 -0.70 2.49 47.61
N ARG D 355 0.61 2.57 47.50
CA ARG D 355 1.32 3.80 47.13
C ARG D 355 1.71 3.80 45.65
N PRO D 356 1.52 4.92 44.94
CA PRO D 356 1.96 5.00 43.53
C PRO D 356 3.47 5.27 43.40
N ILE D 357 4.10 4.59 42.45
CA ILE D 357 5.52 4.79 42.17
C ILE D 357 5.81 5.37 40.80
N GLY D 358 4.87 5.28 39.84
CA GLY D 358 5.13 5.83 38.54
C GLY D 358 3.86 5.97 37.71
N ILE D 359 4.05 6.44 36.47
CA ILE D 359 2.97 6.50 35.49
C ILE D 359 3.47 5.89 34.19
N ILE D 360 2.55 5.28 33.45
CA ILE D 360 2.90 4.64 32.19
C ILE D 360 3.33 5.67 31.15
N TRP D 361 4.39 5.35 30.42
CA TRP D 361 4.93 6.17 29.35
C TRP D 361 4.28 5.76 28.04
N GLY D 362 3.98 6.75 27.19
CA GLY D 362 3.31 6.50 25.94
C GLY D 362 4.00 5.53 25.01
N GLY D 363 3.39 4.35 24.84
CA GLY D 363 3.92 3.25 24.05
C GLY D 363 4.28 3.54 22.62
N THR D 364 5.58 3.47 22.31
CA THR D 364 6.06 3.68 20.97
C THR D 364 5.49 2.60 20.04
N ALA D 365 5.62 2.82 18.74
CA ALA D 365 5.22 1.83 17.76
C ALA D 365 6.15 0.64 17.90
N ASN D 366 5.58 -0.57 17.99
CA ASN D 366 6.36 -1.77 18.26
C ASN D 366 7.15 -1.71 19.59
N ARG D 367 6.39 -1.59 20.69
CA ARG D 367 7.01 -1.65 22.01
C ARG D 367 7.42 -3.09 22.29
N GLY D 368 8.66 -3.28 22.72
CA GLY D 368 9.26 -4.61 22.80
C GLY D 368 8.60 -5.63 23.74
N ARG D 369 9.19 -6.82 23.65
CA ARG D 369 8.83 -8.05 24.34
C ARG D 369 10.10 -8.66 24.93
N LEU D 370 9.93 -9.55 25.91
CA LEU D 370 11.07 -10.32 26.43
C LEU D 370 10.67 -11.75 26.80
N LYS D 371 11.55 -12.71 26.46
CA LYS D 371 11.37 -14.15 26.72
C LYS D 371 12.02 -14.53 28.06
N LEU D 372 11.29 -15.28 28.90
CA LEU D 372 11.81 -15.67 30.22
C LEU D 372 12.17 -17.15 30.39
N THR D 373 11.33 -18.10 29.89
CA THR D 373 11.63 -19.54 29.89
C THR D 373 11.27 -20.07 28.50
N SER D 374 11.80 -21.25 28.15
CA SER D 374 11.59 -21.80 26.80
C SER D 374 10.11 -22.14 26.50
N ASP D 375 9.40 -22.78 27.43
CA ASP D 375 8.03 -23.22 27.13
C ASP D 375 7.15 -22.09 26.64
N HIS D 376 7.22 -20.92 27.28
CA HIS D 376 6.39 -19.80 26.86
C HIS D 376 7.15 -18.90 25.89
N GLY D 377 6.40 -18.22 25.04
CA GLY D 377 7.00 -17.29 24.11
C GLY D 377 7.37 -15.99 24.81
N PRO D 378 7.60 -14.94 24.03
CA PRO D 378 7.95 -13.64 24.62
C PRO D 378 6.73 -12.99 25.27
N GLU D 379 6.95 -12.41 26.44
CA GLU D 379 5.94 -11.64 27.15
C GLU D 379 6.14 -10.16 26.86
N ASN D 380 5.07 -9.38 27.02
CA ASN D 380 5.15 -7.94 26.79
C ASN D 380 5.61 -7.22 28.05
N TRP D 381 6.43 -6.19 27.87
CA TRP D 381 6.85 -5.33 28.97
C TRP D 381 6.33 -3.91 28.78
N THR D 382 6.13 -3.21 29.90
CA THR D 382 5.55 -1.87 29.93
C THR D 382 6.54 -0.87 30.53
N SER D 383 6.62 0.32 29.95
CA SER D 383 7.55 1.36 30.36
C SER D 383 6.86 2.35 31.30
N GLY D 384 7.51 2.66 32.42
CA GLY D 384 6.98 3.61 33.39
C GLY D 384 7.95 4.75 33.65
N VAL D 385 7.39 5.90 34.04
CA VAL D 385 8.16 7.07 34.43
C VAL D 385 8.14 7.17 35.94
N ASP D 386 9.30 7.50 36.54
CA ASP D 386 9.41 7.62 37.98
C ASP D 386 8.52 8.76 38.49
N LEU D 387 7.47 8.41 39.26
CA LEU D 387 6.53 9.43 39.73
C LEU D 387 7.15 10.37 40.74
N GLY D 388 8.01 9.85 41.63
CA GLY D 388 8.69 10.74 42.57
C GLY D 388 9.48 11.81 41.87
N ARG D 389 10.25 11.42 40.85
CA ARG D 389 11.07 12.37 40.11
C ARG D 389 10.22 13.26 39.20
N LEU D 390 9.12 12.71 38.67
CA LEU D 390 8.30 13.49 37.76
C LEU D 390 7.61 14.62 38.50
N LEU D 391 7.02 14.33 39.66
CA LEU D 391 6.37 15.38 40.43
C LEU D 391 7.36 16.45 40.88
N ASP D 392 8.59 16.05 41.23
CA ASP D 392 9.60 17.04 41.60
C ASP D 392 9.93 17.96 40.43
N ARG D 393 10.08 17.40 39.24
CA ARG D 393 10.48 18.18 38.07
C ARG D 393 9.35 19.09 37.62
N LEU D 394 8.11 18.60 37.69
CA LEU D 394 6.94 19.39 37.34
C LEU D 394 6.48 20.28 38.49
N GLU D 395 7.06 20.12 39.68
CA GLU D 395 6.69 20.91 40.86
C GLU D 395 5.22 20.68 41.21
N LEU D 396 4.87 19.41 41.41
CA LEU D 396 3.52 18.98 41.71
C LEU D 396 3.46 18.23 43.04
N ASP D 397 2.30 18.31 43.70
CA ASP D 397 1.98 17.50 44.87
C ASP D 397 0.72 16.69 44.55
N ILE D 398 0.74 15.41 44.88
CA ILE D 398 -0.40 14.52 44.63
C ILE D 398 -1.39 14.63 45.78
N ILE D 399 -2.68 14.73 45.45
CA ILE D 399 -3.79 14.79 46.40
C ILE D 399 -4.43 13.41 46.49
N ILE D 400 -4.49 12.84 47.69
CA ILE D 400 -4.91 11.43 47.84
C ILE D 400 -6.20 11.25 48.64
N THR D 401 -6.76 12.27 49.28
CA THR D 401 -8.04 12.12 49.97
C THR D 401 -9.02 13.18 49.47
N ASN D 402 -10.30 12.78 49.41
CA ASN D 402 -11.33 13.71 48.95
C ASN D 402 -11.41 14.94 49.85
N GLU D 403 -11.12 14.79 51.14
CA GLU D 403 -11.10 15.94 52.03
C GLU D 403 -9.92 16.85 51.72
N SER D 404 -8.75 16.26 51.49
CA SER D 404 -7.58 17.05 51.11
C SER D 404 -7.81 17.76 49.78
N LEU D 405 -8.58 17.14 48.88
CA LEU D 405 -8.90 17.83 47.63
C LEU D 405 -9.73 19.06 47.89
N GLN D 406 -10.78 18.93 48.71
CA GLN D 406 -11.60 20.09 49.08
C GLN D 406 -10.77 21.16 49.79
N ASP D 407 -9.77 20.77 50.57
CA ASP D 407 -8.91 21.76 51.22
C ASP D 407 -7.99 22.43 50.20
N ALA D 408 -7.37 21.64 49.31
CA ALA D 408 -6.47 22.23 48.32
C ALA D 408 -7.20 23.17 47.38
N VAL D 409 -8.43 22.83 46.98
CA VAL D 409 -9.15 23.69 46.06
C VAL D 409 -9.46 25.03 46.71
N GLN D 410 -9.71 25.05 48.02
CA GLN D 410 -10.08 26.30 48.69
C GLN D 410 -8.96 27.32 48.56
N GLN D 411 -7.79 27.00 49.08
CA GLN D 411 -6.65 27.90 48.98
C GLN D 411 -6.20 27.92 47.52
N GLN D 412 -6.30 29.08 46.88
CA GLN D 412 -5.91 29.21 45.47
C GLN D 412 -5.94 30.66 45.01
N SER E 2 40.05 -23.02 -6.99
CA SER E 2 40.39 -22.89 -8.41
C SER E 2 39.27 -22.22 -9.20
N ALA E 3 38.20 -22.98 -9.46
CA ALA E 3 37.06 -22.46 -10.22
C ALA E 3 36.44 -21.27 -9.51
N ALA E 4 36.23 -20.18 -10.28
CA ALA E 4 35.63 -18.97 -9.73
C ALA E 4 34.16 -18.80 -10.14
N TYR E 5 33.61 -19.75 -10.88
CA TYR E 5 32.28 -19.65 -11.47
C TYR E 5 31.39 -20.78 -10.98
N PHE E 6 30.09 -20.61 -11.18
CA PHE E 6 29.13 -21.67 -10.93
C PHE E 6 29.01 -22.54 -12.18
N LEU E 7 28.80 -23.83 -11.96
CA LEU E 7 28.60 -24.77 -13.05
C LEU E 7 27.17 -25.31 -12.95
N TRP E 8 26.38 -25.02 -13.98
CA TRP E 8 24.99 -25.41 -14.05
C TRP E 8 24.92 -26.91 -14.38
N PRO E 9 23.92 -27.62 -13.88
CA PRO E 9 23.86 -29.07 -14.09
C PRO E 9 23.75 -29.40 -15.56
N THR E 10 24.35 -30.54 -15.94
CA THR E 10 24.34 -31.01 -17.32
C THR E 10 23.22 -32.00 -17.60
N SER E 11 22.11 -31.90 -16.86
CA SER E 11 20.92 -32.71 -17.14
C SER E 11 20.04 -32.02 -18.18
N ASN E 12 20.64 -31.67 -19.33
CA ASN E 12 19.89 -31.08 -20.43
C ASN E 12 19.46 -32.14 -21.44
N LEU E 13 20.43 -32.86 -21.99
CA LEU E 13 20.20 -33.93 -22.94
C LEU E 13 19.17 -33.49 -23.99
N GLN E 14 19.49 -32.35 -24.62
CA GLN E 14 18.57 -31.65 -25.51
C GLN E 14 18.08 -32.52 -26.66
N HIS E 15 16.76 -32.77 -26.64
CA HIS E 15 15.98 -33.52 -27.62
C HIS E 15 16.25 -35.02 -27.53
N CYS E 16 17.11 -35.46 -26.62
CA CYS E 16 17.18 -36.88 -26.30
C CYS E 16 16.10 -37.28 -25.31
N ALA E 17 15.75 -36.39 -24.40
CA ALA E 17 14.62 -36.58 -23.49
C ALA E 17 13.29 -36.10 -24.07
N ALA E 18 13.31 -35.10 -24.95
CA ALA E 18 12.08 -34.53 -25.48
C ALA E 18 11.38 -35.41 -26.51
N GLU E 19 12.13 -36.03 -27.41
CA GLU E 19 11.50 -36.96 -28.35
C GLU E 19 11.36 -38.36 -27.78
N GLY E 20 12.28 -38.79 -26.90
CA GLY E 20 12.12 -40.08 -26.29
C GLY E 20 10.86 -40.15 -25.47
N ARG E 21 10.48 -39.01 -24.87
CA ARG E 21 9.17 -38.90 -24.25
C ARG E 21 8.07 -39.01 -25.30
N ALA E 22 8.20 -38.25 -26.39
CA ALA E 22 7.18 -38.24 -27.44
C ALA E 22 7.00 -39.61 -28.09
N ASN E 23 8.10 -40.30 -28.43
CA ASN E 23 7.94 -41.62 -29.04
C ASN E 23 7.48 -42.65 -28.03
N TYR E 24 7.79 -42.48 -26.75
CA TYR E 24 7.23 -43.42 -25.80
C TYR E 24 5.72 -43.30 -25.82
N PHE E 25 5.22 -42.07 -25.68
CA PHE E 25 3.78 -41.86 -25.71
C PHE E 25 3.22 -42.02 -27.13
N GLY E 26 4.05 -41.76 -28.16
CA GLY E 26 3.60 -41.99 -29.52
C GLY E 26 3.38 -43.47 -29.81
N ASN E 27 4.42 -44.30 -29.63
CA ASN E 27 4.26 -45.73 -29.83
C ASN E 27 3.68 -46.39 -28.57
N LEU E 28 2.54 -45.84 -28.16
CA LEU E 28 1.62 -46.30 -27.12
C LEU E 28 0.20 -46.36 -27.65
N GLN E 29 -0.10 -45.60 -28.69
CA GLN E 29 -1.42 -45.41 -29.27
C GLN E 29 -1.99 -46.72 -29.82
N LYS E 30 -1.14 -47.75 -29.93
CA LYS E 30 -1.42 -49.16 -30.25
C LYS E 30 -2.15 -49.86 -29.09
N GLY E 31 -2.49 -49.06 -28.09
CA GLY E 31 -2.97 -49.20 -26.72
C GLY E 31 -4.48 -49.00 -26.70
N LEU E 32 -4.89 -47.80 -26.34
CA LEU E 32 -6.23 -47.27 -26.06
C LEU E 32 -7.16 -47.66 -27.20
N LEU E 33 -8.53 -47.66 -27.08
CA LEU E 33 -9.49 -48.76 -27.32
C LEU E 33 -9.54 -50.07 -26.54
N PRO E 34 -10.05 -49.98 -25.26
CA PRO E 34 -10.10 -51.06 -24.25
C PRO E 34 -11.18 -52.07 -24.59
N ARG E 35 -11.62 -51.96 -25.84
CA ARG E 35 -12.81 -52.49 -26.50
C ARG E 35 -13.18 -53.93 -26.17
N HIS E 36 -14.49 -54.15 -26.06
CA HIS E 36 -15.47 -53.12 -25.69
C HIS E 36 -15.74 -52.73 -24.19
N PRO E 37 -15.93 -53.74 -23.29
CA PRO E 37 -16.58 -53.43 -22.00
C PRO E 37 -15.83 -52.53 -21.02
N GLY E 38 -16.50 -52.22 -19.91
CA GLY E 38 -15.98 -51.33 -18.90
C GLY E 38 -15.34 -51.92 -17.66
N ARG E 39 -15.69 -53.13 -17.27
CA ARG E 39 -15.09 -53.73 -16.08
C ARG E 39 -13.77 -54.41 -16.41
N LEU E 40 -12.76 -54.16 -15.56
CA LEU E 40 -11.47 -54.80 -15.76
C LEU E 40 -11.19 -55.91 -14.74
N PRO E 41 -10.44 -56.94 -15.15
CA PRO E 41 -10.11 -58.05 -14.24
C PRO E 41 -9.26 -57.63 -13.05
N LYS E 42 -9.56 -58.24 -11.88
CA LYS E 42 -8.86 -57.90 -10.65
C LYS E 42 -7.38 -58.29 -10.65
N GLY E 43 -6.99 -59.26 -11.49
CA GLY E 43 -5.59 -59.68 -11.48
C GLY E 43 -4.65 -58.60 -11.97
N GLN E 44 -5.14 -57.67 -12.79
CA GLN E 44 -4.33 -56.58 -13.32
C GLN E 44 -4.55 -55.27 -12.56
N GLN E 45 -4.96 -55.35 -11.28
CA GLN E 45 -5.12 -54.14 -10.48
C GLN E 45 -3.76 -53.58 -10.13
N ALA E 46 -3.65 -52.24 -10.12
CA ALA E 46 -2.40 -51.60 -9.76
C ALA E 46 -1.98 -51.99 -8.34
N ASN E 47 -0.68 -52.20 -8.15
CA ASN E 47 -0.20 -52.56 -6.82
C ASN E 47 0.94 -51.64 -6.36
N SER E 48 1.73 -51.13 -7.30
CA SER E 48 2.89 -50.32 -6.96
C SER E 48 2.63 -48.83 -7.19
N LEU E 49 3.61 -48.02 -6.79
CA LEU E 49 3.62 -46.61 -7.17
C LEU E 49 3.85 -46.44 -8.66
N LEU E 50 4.74 -47.25 -9.24
CA LEU E 50 5.01 -47.17 -10.68
C LEU E 50 3.75 -47.46 -11.48
N ASP E 51 2.95 -48.44 -11.05
CA ASP E 51 1.70 -48.72 -11.74
C ASP E 51 0.80 -47.49 -11.76
N LEU E 52 0.59 -46.88 -10.60
CA LEU E 52 -0.28 -45.71 -10.54
C LEU E 52 0.25 -44.55 -11.38
N MET E 53 1.57 -44.34 -11.38
CA MET E 53 2.12 -43.19 -12.12
C MET E 53 2.04 -43.39 -13.62
N THR E 54 2.25 -44.62 -14.10
CA THR E 54 2.17 -44.86 -15.54
C THR E 54 0.73 -44.77 -16.04
N ILE E 55 -0.24 -45.13 -15.20
CA ILE E 55 -1.65 -44.95 -15.58
C ILE E 55 -1.98 -43.47 -15.67
N ARG E 56 -1.52 -42.69 -14.67
CA ARG E 56 -1.78 -41.26 -14.68
C ARG E 56 -1.12 -40.59 -15.88
N ALA E 57 0.11 -41.02 -16.20
CA ALA E 57 0.83 -40.43 -17.33
C ALA E 57 0.09 -40.70 -18.63
N PHE E 58 -0.47 -41.90 -18.78
CA PHE E 58 -1.19 -42.23 -20.00
C PHE E 58 -2.40 -41.32 -20.18
N HIS E 59 -3.17 -41.10 -19.12
CA HIS E 59 -4.34 -40.23 -19.19
C HIS E 59 -4.06 -38.83 -18.66
N SER E 60 -2.82 -38.35 -18.81
CA SER E 60 -2.48 -37.03 -18.25
C SER E 60 -3.27 -35.93 -18.94
N LYS E 61 -3.43 -36.01 -20.26
CA LYS E 61 -4.07 -34.93 -21.02
C LYS E 61 -5.53 -34.78 -20.63
N ILE E 62 -6.26 -35.89 -20.56
CA ILE E 62 -7.66 -35.83 -20.16
C ILE E 62 -7.80 -35.46 -18.70
N LEU E 63 -6.88 -35.92 -17.84
CA LEU E 63 -6.96 -35.58 -16.43
C LEU E 63 -6.67 -34.11 -16.18
N ARG E 64 -5.65 -33.56 -16.84
CA ARG E 64 -5.29 -32.16 -16.65
C ARG E 64 -6.35 -31.22 -17.20
N ARG E 65 -7.28 -31.74 -18.02
CA ARG E 65 -8.31 -30.92 -18.64
C ARG E 65 -9.14 -30.18 -17.59
N PHE E 66 -9.64 -30.90 -16.59
CA PHE E 66 -10.50 -30.34 -15.56
C PHE E 66 -9.94 -30.50 -14.14
N SER E 67 -8.66 -30.21 -13.92
CA SER E 67 -8.12 -30.40 -12.59
C SER E 67 -6.89 -29.54 -12.35
N LEU E 68 -6.68 -29.22 -11.06
CA LEU E 68 -5.54 -28.44 -10.60
C LEU E 68 -4.26 -29.25 -10.55
N GLY E 69 -4.35 -30.57 -10.60
CA GLY E 69 -3.20 -31.43 -10.44
C GLY E 69 -3.65 -32.80 -10.04
N THR E 70 -2.67 -33.70 -9.92
CA THR E 70 -2.94 -35.09 -9.60
C THR E 70 -1.84 -35.65 -8.71
N ALA E 71 -2.16 -36.75 -8.03
CA ALA E 71 -1.18 -37.49 -7.24
C ALA E 71 -1.66 -38.93 -7.10
N VAL E 72 -0.73 -39.81 -6.77
CA VAL E 72 -1.00 -41.22 -6.61
C VAL E 72 -1.02 -41.57 -5.13
N GLY E 73 -1.83 -42.57 -4.78
CA GLY E 73 -1.92 -43.02 -3.41
C GLY E 73 -3.06 -44.01 -3.21
N PHE E 74 -3.83 -43.81 -2.15
CA PHE E 74 -5.01 -44.60 -1.87
C PHE E 74 -6.21 -43.68 -2.01
N ARG E 75 -7.36 -44.26 -2.39
CA ARG E 75 -8.57 -43.46 -2.48
C ARG E 75 -8.96 -42.96 -1.09
N ILE E 76 -9.33 -41.69 -1.01
CA ILE E 76 -9.85 -41.13 0.23
C ILE E 76 -11.36 -41.07 0.09
N ARG E 77 -12.07 -41.81 0.93
CA ARG E 77 -13.53 -41.86 0.89
C ARG E 77 -14.04 -41.53 2.29
N LYS E 78 -14.88 -40.50 2.39
CA LYS E 78 -15.41 -39.99 3.66
C LYS E 78 -14.30 -39.49 4.58
N GLY E 79 -13.25 -38.91 3.98
CA GLY E 79 -12.17 -38.30 4.73
C GLY E 79 -11.10 -39.24 5.22
N ASP E 80 -11.30 -40.55 5.10
CA ASP E 80 -10.35 -41.55 5.59
C ASP E 80 -9.70 -42.29 4.44
N LEU E 81 -8.40 -42.54 4.58
CA LEU E 81 -7.68 -43.34 3.60
C LEU E 81 -8.19 -44.78 3.61
N THR E 82 -8.39 -45.33 2.41
CA THR E 82 -8.76 -46.72 2.21
C THR E 82 -7.52 -47.54 1.80
N ASP E 83 -7.73 -48.82 1.47
CA ASP E 83 -6.67 -49.65 0.93
C ASP E 83 -6.80 -49.84 -0.57
N ILE E 84 -7.36 -48.85 -1.26
CA ILE E 84 -7.68 -48.94 -2.68
C ILE E 84 -6.68 -48.10 -3.46
N PRO E 85 -5.83 -48.71 -4.29
CA PRO E 85 -4.92 -47.92 -5.15
C PRO E 85 -5.70 -46.96 -6.04
N ALA E 86 -5.37 -45.67 -5.93
CA ALA E 86 -6.11 -44.65 -6.67
C ALA E 86 -5.19 -43.54 -7.16
N ILE E 87 -5.69 -42.82 -8.15
CA ILE E 87 -5.11 -41.56 -8.64
C ILE E 87 -5.93 -40.42 -8.05
N LEU E 88 -5.30 -39.59 -7.24
CA LEU E 88 -6.04 -38.49 -6.63
C LEU E 88 -6.07 -37.33 -7.61
N VAL E 89 -7.28 -36.88 -7.95
CA VAL E 89 -7.49 -35.75 -8.85
C VAL E 89 -7.93 -34.55 -8.01
N PHE E 90 -7.15 -33.48 -8.08
CA PHE E 90 -7.36 -32.31 -7.25
C PHE E 90 -8.19 -31.27 -8.03
N VAL E 91 -9.42 -31.06 -7.59
CA VAL E 91 -10.29 -30.04 -8.18
C VAL E 91 -10.32 -28.85 -7.24
N ALA E 92 -10.67 -27.68 -7.78
CA ALA E 92 -10.74 -26.50 -6.94
C ALA E 92 -11.90 -26.57 -5.95
N ARG E 93 -13.06 -27.06 -6.39
CA ARG E 93 -14.25 -27.18 -5.54
C ARG E 93 -15.04 -28.40 -5.99
N LYS E 94 -15.26 -29.32 -5.05
CA LYS E 94 -15.90 -30.61 -5.31
C LYS E 94 -17.42 -30.44 -5.23
N VAL E 95 -18.10 -30.55 -6.37
CA VAL E 95 -19.53 -30.35 -6.44
C VAL E 95 -20.23 -31.68 -6.67
N HIS E 96 -21.55 -31.67 -6.51
CA HIS E 96 -22.38 -32.85 -6.70
C HIS E 96 -22.38 -33.26 -8.18
N LYS E 97 -22.60 -34.56 -8.41
CA LYS E 97 -22.65 -35.06 -9.78
C LYS E 97 -23.70 -34.34 -10.62
N LYS E 98 -24.82 -33.93 -10.01
CA LYS E 98 -25.91 -33.29 -10.75
C LYS E 98 -25.48 -32.00 -11.47
N TRP E 99 -24.40 -31.35 -11.05
CA TRP E 99 -24.02 -30.07 -11.61
C TRP E 99 -22.85 -30.16 -12.56
N LEU E 100 -22.48 -31.37 -12.97
CA LEU E 100 -21.39 -31.58 -13.90
C LEU E 100 -21.93 -32.11 -15.21
N ASN E 101 -21.33 -31.67 -16.31
CA ASN E 101 -21.58 -32.41 -17.53
C ASN E 101 -20.74 -33.69 -17.48
N PRO E 102 -21.15 -34.74 -18.19
CA PRO E 102 -20.38 -35.99 -18.14
C PRO E 102 -18.92 -35.79 -18.51
N ALA E 103 -18.61 -34.77 -19.32
CA ALA E 103 -17.22 -34.48 -19.67
C ALA E 103 -16.41 -34.05 -18.44
N GLN E 104 -17.01 -33.23 -17.57
CA GLN E 104 -16.29 -32.75 -16.40
C GLN E 104 -16.16 -33.84 -15.34
N CYS E 105 -17.21 -34.65 -15.17
CA CYS E 105 -17.23 -35.63 -14.09
C CYS E 105 -16.13 -36.67 -14.29
N LEU E 106 -15.29 -36.84 -13.27
CA LEU E 106 -14.21 -37.80 -13.34
C LEU E 106 -14.77 -39.23 -13.28
N PRO E 107 -14.12 -40.16 -13.99
CA PRO E 107 -14.68 -41.52 -14.15
C PRO E 107 -14.54 -42.45 -12.95
N ALA E 108 -13.69 -42.13 -11.99
CA ALA E 108 -13.48 -42.92 -10.77
C ALA E 108 -13.08 -44.38 -11.06
N ILE E 109 -12.59 -44.65 -12.26
CA ILE E 109 -11.84 -45.86 -12.66
C ILE E 109 -11.10 -45.52 -13.94
N LEU E 110 -9.87 -46.00 -14.07
CA LEU E 110 -9.11 -45.77 -15.29
C LEU E 110 -8.21 -46.96 -15.54
N GLU E 111 -8.19 -47.50 -16.76
CA GLU E 111 -7.26 -48.56 -17.10
C GLU E 111 -6.18 -48.01 -18.02
N GLY E 112 -4.93 -48.28 -17.67
CA GLY E 112 -3.81 -47.82 -18.48
C GLY E 112 -3.32 -48.88 -19.46
N PRO E 113 -2.09 -48.70 -19.93
CA PRO E 113 -1.53 -49.66 -20.90
C PRO E 113 -1.39 -51.05 -20.29
N GLY E 114 -1.70 -52.05 -21.09
CA GLY E 114 -1.59 -53.43 -20.62
C GLY E 114 -2.66 -53.83 -19.65
N GLY E 115 -3.76 -53.08 -19.56
CA GLY E 115 -4.87 -53.43 -18.71
C GLY E 115 -4.68 -53.23 -17.23
N VAL E 116 -3.57 -52.64 -16.79
CA VAL E 116 -3.43 -52.30 -15.38
C VAL E 116 -4.34 -51.11 -15.06
N TRP E 117 -5.30 -51.31 -14.17
CA TRP E 117 -6.31 -50.31 -13.86
C TRP E 117 -6.15 -49.77 -12.44
N CYS E 118 -6.82 -48.66 -12.17
CA CYS E 118 -6.83 -48.08 -10.83
C CYS E 118 -8.06 -47.19 -10.67
N ASP E 119 -8.32 -46.82 -9.42
CA ASP E 119 -9.42 -45.92 -9.07
C ASP E 119 -9.03 -44.45 -9.28
N VAL E 120 -10.04 -43.60 -9.36
CA VAL E 120 -9.85 -42.15 -9.47
C VAL E 120 -10.60 -41.48 -8.32
N ASP E 121 -9.85 -40.91 -7.38
CA ASP E 121 -10.43 -40.22 -6.22
C ASP E 121 -10.34 -38.71 -6.41
N VAL E 122 -11.44 -38.01 -6.10
CA VAL E 122 -11.52 -36.56 -6.20
C VAL E 122 -11.26 -35.94 -4.83
N VAL E 123 -10.34 -34.97 -4.77
CA VAL E 123 -10.00 -34.27 -3.53
C VAL E 123 -10.06 -32.78 -3.77
N GLU E 124 -10.80 -32.05 -2.93
CA GLU E 124 -10.81 -30.60 -2.97
C GLU E 124 -9.47 -30.04 -2.51
N PHE E 125 -8.92 -29.09 -3.27
CA PHE E 125 -7.52 -28.72 -3.15
C PHE E 125 -7.38 -27.21 -3.31
N SER E 126 -6.21 -26.70 -2.91
CA SER E 126 -5.90 -25.29 -3.08
C SER E 126 -4.38 -25.09 -2.99
N TYR E 127 -3.96 -23.87 -3.26
CA TYR E 127 -2.55 -23.47 -3.13
C TYR E 127 -2.41 -22.15 -2.35
N GLU E 137 2.65 -17.21 15.32
CA GLU E 137 2.68 -18.34 14.39
C GLU E 137 4.02 -19.08 14.50
N GLN E 138 4.35 -19.53 15.70
CA GLN E 138 5.55 -20.33 15.92
C GLN E 138 5.41 -21.08 17.24
N MET E 139 5.89 -22.32 17.27
CA MET E 139 5.87 -23.11 18.50
C MET E 139 7.04 -22.70 19.39
N PHE E 140 6.73 -22.42 20.65
CA PHE E 140 7.71 -22.04 21.67
C PHE E 140 7.90 -23.20 22.63
N SER E 141 9.09 -23.77 22.65
CA SER E 141 9.39 -24.94 23.47
C SER E 141 10.89 -25.01 23.67
N GLU E 142 11.31 -25.86 24.62
CA GLU E 142 12.74 -26.02 24.84
C GLU E 142 13.41 -26.66 23.64
N LEU E 143 12.72 -27.58 22.97
CA LEU E 143 13.30 -28.20 21.79
C LEU E 143 13.59 -27.14 20.73
N VAL E 144 12.62 -26.26 20.46
CA VAL E 144 12.83 -25.17 19.50
C VAL E 144 13.99 -24.28 19.94
N ASP E 145 14.03 -23.91 21.23
CA ASP E 145 15.13 -23.09 21.71
C ASP E 145 16.47 -23.81 21.54
N LYS E 146 16.51 -25.10 21.84
CA LYS E 146 17.76 -25.85 21.67
C LYS E 146 18.16 -25.90 20.20
N LEU E 147 17.18 -26.15 19.31
CA LEU E 147 17.50 -26.17 17.88
C LEU E 147 17.98 -24.81 17.40
N CYS E 148 17.42 -23.73 17.97
CA CYS E 148 17.73 -22.38 17.54
C CYS E 148 18.93 -21.78 18.25
N GLY E 149 19.79 -22.59 18.82
CA GLY E 149 21.04 -22.10 19.39
C GLY E 149 21.19 -22.26 20.89
N SER E 150 20.18 -22.73 21.64
CA SER E 150 20.35 -22.90 23.06
C SER E 150 20.99 -24.24 23.45
N ASP E 151 21.04 -25.20 22.52
CA ASP E 151 21.66 -26.48 22.81
C ASP E 151 23.19 -26.38 22.69
N GLU E 152 23.87 -27.30 23.37
CA GLU E 152 25.33 -27.39 23.30
C GLU E 152 25.82 -28.22 22.12
N CYS E 153 24.96 -28.51 21.15
CA CYS E 153 25.36 -29.37 20.04
C CYS E 153 24.61 -28.97 18.78
N ILE E 154 25.15 -29.42 17.65
CA ILE E 154 24.55 -29.20 16.34
C ILE E 154 24.14 -30.54 15.76
N GLY E 155 22.89 -30.65 15.35
CA GLY E 155 22.41 -31.89 14.77
C GLY E 155 21.23 -31.67 13.86
N SER E 156 20.43 -32.70 13.64
CA SER E 156 19.23 -32.52 12.83
C SER E 156 18.26 -31.60 13.54
N GLY E 157 17.66 -30.69 12.79
CA GLY E 157 16.76 -29.71 13.34
C GLY E 157 17.41 -28.39 13.70
N SER E 158 18.73 -28.37 13.85
CA SER E 158 19.44 -27.16 14.23
C SER E 158 19.28 -26.09 13.14
N GLN E 159 19.05 -24.86 13.59
CA GLN E 159 18.90 -23.74 12.68
C GLN E 159 20.22 -23.42 12.00
N VAL E 160 20.20 -23.36 10.68
CA VAL E 160 21.37 -22.97 9.90
C VAL E 160 21.00 -21.71 9.12
N ALA E 161 21.99 -20.86 8.90
CA ALA E 161 21.72 -19.54 8.34
C ALA E 161 22.87 -19.05 7.49
N SER E 162 22.53 -18.40 6.39
CA SER E 162 23.44 -17.54 5.65
C SER E 162 23.07 -16.09 5.96
N HIS E 163 23.78 -15.14 5.34
CA HIS E 163 23.52 -13.73 5.63
C HIS E 163 22.04 -13.39 5.47
N GLU E 164 21.38 -13.92 4.44
CA GLU E 164 20.01 -13.48 4.15
C GLU E 164 18.90 -14.50 4.40
N THR E 165 19.21 -15.80 4.51
CA THR E 165 18.17 -16.81 4.61
C THR E 165 18.41 -17.78 5.77
N PHE E 166 17.31 -18.29 6.34
CA PHE E 166 17.33 -19.26 7.41
C PHE E 166 16.78 -20.60 6.93
N GLY E 167 17.34 -21.69 7.43
CA GLY E 167 16.87 -23.02 7.11
C GLY E 167 17.13 -23.99 8.24
N THR E 168 16.77 -25.25 8.00
CA THR E 168 16.95 -26.32 8.98
C THR E 168 17.98 -27.33 8.50
N LEU E 169 18.83 -27.77 9.41
CA LEU E 169 19.78 -28.83 9.10
C LEU E 169 19.05 -30.16 9.09
N GLY E 170 19.02 -30.81 7.92
CA GLY E 170 18.33 -32.09 7.81
C GLY E 170 19.07 -33.30 8.36
N ALA E 171 20.24 -33.60 7.80
CA ALA E 171 20.99 -34.78 8.19
C ALA E 171 22.48 -34.48 8.11
N ILE E 172 23.26 -35.23 8.90
CA ILE E 172 24.71 -35.23 8.79
C ILE E 172 25.10 -36.26 7.75
N VAL E 173 25.87 -35.82 6.74
CA VAL E 173 26.17 -36.66 5.58
C VAL E 173 27.67 -36.64 5.30
N LYS E 174 28.07 -37.52 4.39
CA LYS E 174 29.40 -37.52 3.78
C LYS E 174 29.26 -37.75 2.28
N ARG E 175 30.10 -37.08 1.49
CA ARG E 175 30.08 -37.26 0.04
C ARG E 175 30.61 -38.64 -0.34
N ARG E 176 30.00 -39.26 -1.36
CA ARG E 176 30.45 -40.57 -1.81
C ARG E 176 31.70 -40.52 -2.68
N THR E 177 31.85 -39.47 -3.48
CA THR E 177 32.95 -39.37 -4.43
C THR E 177 34.13 -38.61 -3.83
N GLY E 178 35.27 -38.71 -4.52
CA GLY E 178 36.45 -37.94 -4.16
C GLY E 178 36.89 -37.98 -2.70
N ASN E 179 36.97 -36.79 -2.11
CA ASN E 179 37.52 -36.64 -0.76
C ASN E 179 36.65 -37.31 0.30
N LYS E 180 35.40 -37.64 -0.02
CA LYS E 180 34.46 -38.23 0.94
C LYS E 180 34.32 -37.32 2.16
N GLN E 181 34.22 -36.02 1.89
CA GLN E 181 34.11 -35.02 2.95
C GLN E 181 32.83 -35.18 3.76
N VAL E 182 32.93 -34.94 5.04
CA VAL E 182 31.78 -34.91 5.94
C VAL E 182 31.19 -33.51 5.92
N GLY E 183 29.88 -33.43 5.99
CA GLY E 183 29.17 -32.17 6.05
C GLY E 183 27.72 -32.37 6.45
N PHE E 184 26.81 -31.52 5.98
CA PHE E 184 25.41 -31.68 6.32
C PHE E 184 24.54 -31.37 5.11
N LEU E 185 23.29 -31.83 5.20
CA LEU E 185 22.31 -31.67 4.13
C LEU E 185 21.20 -30.76 4.60
N THR E 186 20.93 -29.71 3.82
CA THR E 186 19.79 -28.83 4.01
C THR E 186 19.27 -28.43 2.64
N ASN E 187 18.26 -27.56 2.61
CA ASN E 187 17.65 -27.11 1.37
C ASN E 187 18.42 -25.94 0.78
N HIS E 188 18.57 -25.95 -0.55
CA HIS E 188 19.49 -25.02 -1.21
C HIS E 188 19.01 -23.58 -1.21
N HIS E 189 17.71 -23.32 -1.04
CA HIS E 189 17.25 -21.93 -1.01
C HIS E 189 17.76 -21.15 0.18
N VAL E 190 18.35 -21.82 1.17
CA VAL E 190 19.07 -21.11 2.22
C VAL E 190 20.44 -20.65 1.75
N ALA E 191 20.93 -21.18 0.63
CA ALA E 191 22.25 -20.87 0.11
C ALA E 191 22.24 -20.08 -1.19
N VAL E 192 21.38 -20.42 -2.15
CA VAL E 192 21.51 -19.93 -3.53
C VAL E 192 21.04 -18.47 -3.61
N ASP E 193 21.94 -17.58 -4.04
CA ASP E 193 21.74 -16.15 -3.92
C ASP E 193 22.55 -15.35 -4.91
N LEU E 194 21.88 -14.59 -5.75
CA LEU E 194 22.59 -13.71 -6.64
C LEU E 194 22.41 -12.24 -6.24
N ASP E 195 21.95 -12.01 -5.01
CA ASP E 195 21.91 -10.69 -4.39
C ASP E 195 23.11 -10.44 -3.48
N TYR E 196 23.80 -11.48 -3.04
CA TYR E 196 24.72 -11.32 -1.92
C TYR E 196 25.64 -12.53 -1.88
N PRO E 197 26.69 -12.47 -1.08
CA PRO E 197 27.56 -13.64 -0.80
C PRO E 197 27.14 -14.62 0.30
N ASN E 198 26.22 -15.55 0.06
CA ASN E 198 25.74 -16.43 1.14
C ASN E 198 26.11 -17.90 0.94
N GLN E 199 27.34 -18.19 0.56
CA GLN E 199 27.66 -19.61 0.56
C GLN E 199 28.07 -20.03 1.96
N LYS E 200 28.55 -19.11 2.76
CA LYS E 200 28.98 -19.39 4.13
C LYS E 200 27.76 -19.63 5.02
N MET E 201 27.71 -20.81 5.66
CA MET E 201 26.65 -21.19 6.57
C MET E 201 27.07 -21.03 8.02
N PHE E 202 26.11 -20.65 8.88
CA PHE E 202 26.39 -20.39 10.29
C PHE E 202 25.29 -20.98 11.16
N HIS E 203 25.64 -21.30 12.41
CA HIS E 203 24.69 -21.68 13.45
C HIS E 203 24.93 -20.85 14.70
N PRO E 204 23.90 -20.21 15.28
CA PRO E 204 22.52 -20.15 14.81
C PRO E 204 22.22 -18.91 13.98
N LEU E 205 23.12 -17.94 13.99
CA LEU E 205 22.90 -16.68 13.29
C LEU E 205 24.11 -16.32 12.45
N PRO E 206 23.89 -15.60 11.35
CA PRO E 206 25.01 -15.08 10.57
C PRO E 206 25.64 -13.88 11.27
N PRO E 207 26.92 -13.60 10.98
CA PRO E 207 27.61 -12.52 11.71
C PRO E 207 26.89 -11.18 11.67
N ASN E 208 26.13 -10.89 10.61
CA ASN E 208 25.44 -9.62 10.53
C ASN E 208 24.24 -9.53 11.49
N LEU E 209 23.68 -10.66 11.90
CA LEU E 209 22.51 -10.67 12.75
C LEU E 209 22.83 -10.97 14.21
N GLY E 210 23.86 -11.76 14.47
CA GLY E 210 24.25 -12.08 15.81
C GLY E 210 25.34 -13.12 15.86
N PRO E 211 25.56 -13.69 17.04
CA PRO E 211 26.66 -14.63 17.21
C PRO E 211 26.39 -15.98 16.53
N GLY E 212 27.47 -16.70 16.28
CA GLY E 212 27.38 -18.01 15.67
C GLY E 212 28.75 -18.55 15.34
N VAL E 213 28.76 -19.76 14.80
CA VAL E 213 29.98 -20.47 14.42
C VAL E 213 29.93 -20.77 12.92
N TYR E 214 31.07 -20.60 12.25
CA TYR E 214 31.13 -20.89 10.82
C TYR E 214 31.11 -22.40 10.61
N LEU E 215 30.04 -22.91 10.01
CA LEU E 215 29.90 -24.34 9.77
C LEU E 215 30.70 -24.81 8.56
N GLY E 216 30.63 -24.07 7.47
CA GLY E 216 31.28 -24.45 6.24
C GLY E 216 30.60 -23.76 5.07
N ALA E 217 31.14 -24.01 3.89
CA ALA E 217 30.64 -23.38 2.67
C ALA E 217 29.90 -24.40 1.81
N VAL E 218 28.77 -23.96 1.24
CA VAL E 218 28.01 -24.79 0.31
C VAL E 218 28.90 -25.25 -0.83
N GLU E 219 28.77 -26.52 -1.21
CA GLU E 219 29.51 -27.09 -2.32
C GLU E 219 28.64 -27.45 -3.51
N ARG E 220 27.58 -28.24 -3.30
CA ARG E 220 26.70 -28.63 -4.40
C ARG E 220 25.24 -28.41 -3.97
N ALA E 221 24.40 -28.16 -4.96
CA ALA E 221 22.97 -27.97 -4.71
C ALA E 221 22.17 -28.33 -5.96
N THR E 222 21.13 -29.14 -5.78
CA THR E 222 20.18 -29.45 -6.83
C THR E 222 18.94 -28.60 -6.66
N SER E 223 18.41 -28.05 -7.76
CA SER E 223 17.14 -27.34 -7.70
C SER E 223 16.01 -28.01 -8.47
N PHE E 224 16.21 -28.30 -9.76
CA PHE E 224 15.21 -29.01 -10.55
C PHE E 224 15.87 -30.17 -11.27
N ILE E 225 15.22 -31.34 -11.25
CA ILE E 225 15.67 -32.51 -11.97
C ILE E 225 14.51 -33.07 -12.77
N THR E 226 14.73 -33.30 -14.06
CA THR E 226 13.68 -33.85 -14.92
C THR E 226 13.19 -35.18 -14.37
N ASP E 227 11.89 -35.44 -14.58
CA ASP E 227 11.27 -36.67 -14.08
C ASP E 227 12.01 -37.92 -14.55
N ASP E 228 12.36 -37.97 -15.84
CA ASP E 228 12.98 -39.18 -16.38
C ASP E 228 14.29 -39.51 -15.68
N VAL E 229 15.01 -38.49 -15.20
CA VAL E 229 16.22 -38.73 -14.42
C VAL E 229 15.86 -39.07 -12.98
N TRP E 230 14.96 -38.29 -12.39
CA TRP E 230 14.62 -38.43 -10.99
C TRP E 230 13.90 -39.75 -10.71
N TYR E 231 12.75 -39.97 -11.36
CA TYR E 231 12.01 -41.20 -11.15
C TYR E 231 12.55 -42.37 -11.96
N GLY E 232 13.14 -42.09 -13.11
CA GLY E 232 13.55 -43.13 -14.04
C GLY E 232 12.54 -43.47 -15.11
N ILE E 233 11.36 -42.83 -15.10
CA ILE E 233 10.32 -43.06 -16.10
C ILE E 233 9.77 -41.71 -16.56
N TYR E 234 8.97 -41.75 -17.63
CA TYR E 234 8.28 -40.56 -18.10
C TYR E 234 6.98 -40.44 -17.30
N ALA E 235 6.97 -39.55 -16.31
CA ALA E 235 5.82 -39.39 -15.42
C ALA E 235 4.72 -38.52 -16.01
N GLY E 236 4.96 -37.85 -17.13
CA GLY E 236 3.95 -37.00 -17.73
C GLY E 236 4.28 -36.69 -19.18
N THR E 237 3.27 -36.20 -19.90
CA THR E 237 3.40 -35.89 -21.33
C THR E 237 4.11 -34.58 -21.62
N ASN E 238 4.17 -33.65 -20.68
CA ASN E 238 4.81 -32.36 -20.96
C ASN E 238 6.31 -32.58 -21.13
N PRO E 239 6.90 -32.09 -22.22
CA PRO E 239 8.36 -32.29 -22.38
C PRO E 239 9.19 -31.41 -21.46
N GLU E 240 8.64 -30.31 -20.96
CA GLU E 240 9.27 -29.52 -19.91
C GLU E 240 8.67 -29.93 -18.57
N THR E 241 9.11 -31.09 -18.07
CA THR E 241 8.63 -31.63 -16.80
C THR E 241 9.80 -31.73 -15.82
N PHE E 242 9.68 -31.05 -14.67
CA PHE E 242 10.75 -31.00 -13.68
C PHE E 242 10.25 -31.46 -12.32
N VAL E 243 11.15 -32.02 -11.53
CA VAL E 243 10.89 -32.43 -10.15
C VAL E 243 11.54 -31.43 -9.21
N ARG E 244 10.78 -30.97 -8.22
CA ARG E 244 11.30 -30.05 -7.21
C ARG E 244 12.16 -30.82 -6.23
N ALA E 245 13.49 -30.72 -6.35
CA ALA E 245 14.41 -31.44 -5.47
C ALA E 245 15.37 -30.43 -4.84
N ASP E 246 14.97 -29.84 -3.70
CA ASP E 246 15.77 -28.83 -3.01
C ASP E 246 16.78 -29.52 -2.09
N GLY E 247 18.02 -29.64 -2.53
CA GLY E 247 19.08 -30.16 -1.69
C GLY E 247 20.32 -29.30 -1.71
N ALA E 248 21.05 -29.33 -0.59
CA ALA E 248 22.30 -28.58 -0.49
C ALA E 248 23.27 -29.34 0.40
N PHE E 249 24.47 -29.60 -0.12
CA PHE E 249 25.53 -30.24 0.62
C PHE E 249 26.55 -29.19 1.04
N ILE E 250 26.73 -29.02 2.34
CA ILE E 250 27.70 -28.09 2.90
C ILE E 250 28.76 -28.89 3.65
N PRO E 251 29.94 -29.09 3.05
CA PRO E 251 31.02 -29.76 3.78
C PRO E 251 31.52 -28.88 4.92
N PHE E 252 31.70 -29.49 6.09
CA PHE E 252 32.15 -28.74 7.26
C PHE E 252 33.52 -28.13 7.02
N ALA E 253 33.71 -26.92 7.55
CA ALA E 253 35.01 -26.27 7.50
C ALA E 253 36.05 -27.12 8.21
N ASP E 254 37.30 -27.00 7.75
CA ASP E 254 38.39 -27.70 8.41
C ASP E 254 38.58 -27.18 9.83
N ASP E 255 38.28 -25.92 10.07
CA ASP E 255 38.38 -25.36 11.42
C ASP E 255 37.27 -25.88 12.32
N PHE E 256 36.14 -26.27 11.75
CA PHE E 256 34.95 -26.59 12.54
C PHE E 256 35.19 -27.79 13.46
N ASP E 257 34.79 -27.63 14.72
CA ASP E 257 34.90 -28.65 15.75
C ASP E 257 33.78 -29.67 15.56
N ILE E 258 34.08 -30.78 14.89
CA ILE E 258 33.08 -31.81 14.59
C ILE E 258 32.71 -32.60 15.85
N SER E 259 33.36 -32.31 16.97
CA SER E 259 32.97 -32.94 18.22
C SER E 259 31.62 -32.46 18.70
N THR E 260 31.18 -31.28 18.24
CA THR E 260 29.91 -30.66 18.60
C THR E 260 28.74 -31.19 17.76
N VAL E 261 29.00 -32.05 16.77
CA VAL E 261 27.95 -32.56 15.90
C VAL E 261 27.38 -33.85 16.48
N THR E 262 26.06 -34.01 16.35
CA THR E 262 25.36 -35.20 16.82
C THR E 262 24.51 -35.78 15.70
N THR E 263 24.64 -37.09 15.50
CA THR E 263 23.82 -37.83 14.55
C THR E 263 22.47 -38.22 15.12
N VAL E 264 22.11 -37.67 16.27
CA VAL E 264 20.84 -37.98 16.91
C VAL E 264 19.82 -36.94 16.45
N VAL E 265 18.59 -37.40 16.21
CA VAL E 265 17.49 -36.51 15.92
C VAL E 265 16.84 -36.17 17.25
N ARG E 266 17.11 -34.98 17.77
CA ARG E 266 16.58 -34.58 19.07
C ARG E 266 15.06 -34.66 19.09
N GLY E 267 14.52 -35.40 20.06
CA GLY E 267 13.11 -35.63 20.17
C GLY E 267 12.60 -36.89 19.48
N VAL E 268 13.46 -37.58 18.74
CA VAL E 268 13.15 -38.87 18.14
C VAL E 268 14.09 -39.97 18.65
N GLY E 269 15.40 -39.70 18.63
CA GLY E 269 16.40 -40.63 19.11
C GLY E 269 17.34 -41.07 18.00
N ASP E 270 17.87 -42.28 18.14
CA ASP E 270 18.78 -42.81 17.14
C ASP E 270 17.99 -43.30 15.94
N ILE E 271 18.27 -42.73 14.77
CA ILE E 271 17.57 -43.09 13.55
C ILE E 271 18.35 -44.15 12.78
N GLY E 272 17.65 -44.87 11.90
CA GLY E 272 18.26 -45.81 10.99
C GLY E 272 18.66 -45.15 9.68
N ASP E 273 19.10 -46.00 8.74
CA ASP E 273 19.52 -45.53 7.43
C ASP E 273 18.32 -45.07 6.60
N VAL E 274 18.61 -44.27 5.57
CA VAL E 274 17.59 -43.76 4.66
C VAL E 274 16.77 -44.92 4.10
N LYS E 275 15.44 -44.80 4.18
CA LYS E 275 14.53 -45.78 3.59
C LYS E 275 14.19 -45.37 2.16
N VAL E 276 14.69 -46.13 1.18
CA VAL E 276 14.53 -45.78 -0.22
C VAL E 276 13.09 -46.03 -0.65
N ILE E 277 12.52 -45.09 -1.39
CA ILE E 277 11.16 -45.23 -1.93
C ILE E 277 11.29 -45.99 -3.26
N ASP E 278 11.12 -47.31 -3.17
CA ASP E 278 11.17 -48.18 -4.35
C ASP E 278 9.79 -48.17 -5.03
N LEU E 279 9.74 -47.65 -6.26
CA LEU E 279 8.46 -47.43 -6.94
C LEU E 279 7.67 -48.70 -7.15
N GLN E 280 8.29 -49.87 -7.07
CA GLN E 280 7.63 -51.15 -7.31
C GLN E 280 7.15 -51.83 -6.03
N CYS E 281 7.44 -51.28 -4.85
CA CYS E 281 6.97 -51.87 -3.61
C CYS E 281 5.46 -51.66 -3.47
N PRO E 282 4.81 -52.46 -2.62
CA PRO E 282 3.37 -52.25 -2.38
C PRO E 282 3.11 -50.88 -1.75
N LEU E 283 1.99 -50.27 -2.15
CA LEU E 283 1.70 -48.90 -1.75
C LEU E 283 1.71 -48.73 -0.24
N ASN E 284 1.13 -49.68 0.50
CA ASN E 284 0.90 -49.52 1.92
C ASN E 284 2.19 -49.34 2.73
N SER E 285 3.36 -49.56 2.12
CA SER E 285 4.60 -49.33 2.84
C SER E 285 5.01 -47.86 2.90
N LEU E 286 4.48 -47.00 2.02
CA LEU E 286 4.67 -45.55 2.14
C LEU E 286 3.37 -44.79 2.36
N ILE E 287 2.37 -45.03 1.52
CA ILE E 287 1.11 -44.28 1.58
C ILE E 287 0.36 -44.64 2.85
N GLY E 288 0.04 -43.63 3.66
CA GLY E 288 -0.67 -43.84 4.90
C GLY E 288 0.21 -44.05 6.11
N ARG E 289 1.49 -44.32 5.92
CA ARG E 289 2.41 -44.49 7.04
C ARG E 289 2.50 -43.21 7.87
N GLN E 290 2.72 -43.36 9.16
CA GLN E 290 2.86 -42.22 10.05
C GLN E 290 4.29 -41.70 10.02
N VAL E 291 4.45 -40.38 9.93
CA VAL E 291 5.77 -39.76 9.90
C VAL E 291 5.87 -38.70 11.00
N CYS E 292 7.11 -38.32 11.30
CA CYS E 292 7.40 -37.26 12.26
C CYS E 292 8.47 -36.34 11.71
N LYS E 293 8.57 -35.14 12.29
CA LYS E 293 9.50 -34.11 11.84
C LYS E 293 10.03 -33.32 13.03
N VAL E 294 11.31 -32.99 12.99
CA VAL E 294 11.92 -32.08 13.95
C VAL E 294 12.53 -30.92 13.17
N GLY E 295 11.91 -29.74 13.29
CA GLY E 295 12.40 -28.56 12.60
C GLY E 295 12.47 -27.35 13.52
N ARG E 296 13.32 -26.40 13.13
CA ARG E 296 13.59 -25.22 13.95
C ARG E 296 12.39 -24.29 14.13
N SER E 297 11.26 -24.54 13.46
CA SER E 297 10.11 -23.64 13.56
C SER E 297 8.91 -24.24 14.30
N SER E 298 8.56 -25.50 14.01
CA SER E 298 7.44 -26.14 14.67
C SER E 298 7.87 -27.23 15.64
N GLY E 299 9.18 -27.41 15.83
CA GLY E 299 9.66 -28.44 16.73
C GLY E 299 9.30 -29.83 16.24
N HIS E 300 8.78 -30.65 17.15
CA HIS E 300 8.40 -32.02 16.82
C HIS E 300 6.93 -32.05 16.42
N THR E 301 6.64 -32.50 15.21
CA THR E 301 5.28 -32.69 14.73
C THR E 301 5.13 -34.10 14.19
N THR E 302 3.88 -34.56 14.11
CA THR E 302 3.58 -35.89 13.62
C THR E 302 2.54 -35.79 12.51
N GLY E 303 2.72 -36.56 11.44
CA GLY E 303 1.77 -36.55 10.34
C GLY E 303 1.66 -37.85 9.56
N THR E 304 0.94 -37.81 8.44
CA THR E 304 0.69 -39.00 7.63
C THR E 304 1.04 -38.73 6.18
N VAL E 305 1.63 -39.71 5.52
CA VAL E 305 1.91 -39.61 4.08
C VAL E 305 0.61 -39.85 3.32
N MET E 306 0.08 -38.81 2.69
CA MET E 306 -1.18 -38.91 1.95
C MET E 306 -1.00 -39.31 0.49
N ALA E 307 0.05 -38.83 -0.18
CA ALA E 307 0.17 -39.09 -1.60
C ALA E 307 1.60 -38.89 -2.05
N TYR E 308 1.91 -39.46 -3.21
CA TYR E 308 3.21 -39.37 -3.87
C TYR E 308 3.05 -38.74 -5.25
N ALA E 309 4.16 -38.21 -5.77
CA ALA E 309 4.24 -37.77 -7.16
C ALA E 309 3.10 -36.83 -7.55
N LEU E 310 3.05 -35.69 -6.87
CA LEU E 310 1.99 -34.69 -7.04
C LEU E 310 2.27 -33.88 -8.30
N GLU E 311 1.43 -34.05 -9.31
CA GLU E 311 1.57 -33.33 -10.57
C GLU E 311 0.91 -31.96 -10.47
N TYR E 312 1.55 -30.95 -11.06
CA TYR E 312 0.99 -29.60 -11.08
C TYR E 312 1.52 -28.90 -12.32
N ASN E 313 0.64 -28.65 -13.28
CA ASN E 313 0.98 -27.94 -14.51
C ASN E 313 0.55 -26.49 -14.39
N ASP E 314 1.49 -25.57 -14.18
CA ASP E 314 1.07 -24.18 -14.09
C ASP E 314 1.00 -23.59 -15.51
N GLU E 315 0.52 -22.34 -15.59
CA GLU E 315 0.20 -21.76 -16.88
C GLU E 315 1.42 -21.30 -17.69
N LYS E 316 2.60 -21.13 -17.07
CA LYS E 316 3.73 -20.86 -17.96
C LYS E 316 4.06 -22.08 -18.80
N GLY E 317 3.43 -23.22 -18.52
CA GLY E 317 3.50 -24.41 -19.34
C GLY E 317 4.44 -25.48 -18.87
N ILE E 318 4.96 -25.38 -17.66
CA ILE E 318 5.90 -26.35 -17.13
C ILE E 318 5.20 -27.26 -16.13
N CYS E 319 5.50 -28.56 -16.20
CA CYS E 319 4.99 -29.54 -15.27
C CYS E 319 5.95 -29.68 -14.10
N PHE E 320 5.43 -29.60 -12.88
CA PHE E 320 6.25 -29.70 -11.68
C PHE E 320 5.75 -30.83 -10.81
N PHE E 321 6.66 -31.70 -10.38
CA PHE E 321 6.35 -32.83 -9.51
C PHE E 321 6.90 -32.61 -8.10
N THR E 322 6.09 -32.93 -7.11
CA THR E 322 6.49 -32.90 -5.71
C THR E 322 6.36 -34.30 -5.13
N ASP E 323 7.48 -34.83 -4.63
CA ASP E 323 7.54 -36.25 -4.29
C ASP E 323 6.50 -36.64 -3.24
N ILE E 324 6.58 -36.05 -2.05
CA ILE E 324 5.80 -36.49 -0.89
C ILE E 324 4.79 -35.42 -0.49
N LEU E 325 3.58 -35.85 -0.12
CA LEU E 325 2.51 -35.00 0.39
C LEU E 325 2.14 -35.45 1.80
N VAL E 326 2.48 -34.65 2.81
CA VAL E 326 2.20 -34.98 4.20
C VAL E 326 1.14 -34.03 4.74
N VAL E 327 0.19 -34.57 5.52
CA VAL E 327 -0.81 -33.80 6.25
C VAL E 327 -0.64 -34.08 7.73
N GLY E 328 -0.55 -33.02 8.54
CA GLY E 328 -0.37 -33.20 9.97
C GLY E 328 -1.56 -33.87 10.62
N GLU E 329 -1.27 -34.63 11.69
CA GLU E 329 -2.25 -35.37 12.47
C GLU E 329 -3.06 -34.44 13.38
N ASN E 330 -4.26 -34.90 13.73
CA ASN E 330 -5.15 -34.18 14.66
C ASN E 330 -5.39 -32.74 14.22
N ARG E 331 -5.57 -32.56 12.91
CA ARG E 331 -5.91 -31.24 12.35
C ARG E 331 -4.92 -30.18 12.81
N GLN E 332 -3.66 -30.55 12.94
CA GLN E 332 -2.61 -29.61 13.33
C GLN E 332 -1.58 -29.59 12.22
N THR E 333 -1.08 -28.39 11.91
CA THR E 333 -0.19 -28.25 10.78
C THR E 333 1.07 -29.08 10.98
N PHE E 334 1.50 -29.75 9.91
CA PHE E 334 2.70 -30.57 10.01
C PHE E 334 3.94 -29.70 10.09
N ASP E 335 3.93 -28.55 9.44
CA ASP E 335 5.10 -27.69 9.43
C ASP E 335 4.66 -26.23 9.33
N LEU E 336 5.60 -25.35 9.65
CA LEU E 336 5.44 -23.91 9.45
C LEU E 336 6.58 -23.44 8.57
N GLU E 337 6.52 -22.17 8.18
CA GLU E 337 7.61 -21.63 7.39
C GLU E 337 8.88 -21.59 8.23
N GLY E 338 9.99 -22.06 7.66
CA GLY E 338 11.24 -22.18 8.37
C GLY E 338 11.64 -23.59 8.72
N ASP E 339 10.72 -24.55 8.63
CA ASP E 339 11.07 -25.95 8.86
C ASP E 339 11.79 -26.57 7.67
N SER E 340 11.89 -25.85 6.56
CA SER E 340 12.45 -26.40 5.33
C SER E 340 13.83 -27.01 5.56
N GLY E 341 13.99 -28.25 5.11
CA GLY E 341 15.19 -29.03 5.34
C GLY E 341 15.02 -30.15 6.33
N SER E 342 14.05 -30.04 7.24
CA SER E 342 13.84 -31.03 8.29
C SER E 342 13.67 -32.42 7.70
N LEU E 343 14.17 -33.42 8.43
CA LEU E 343 14.03 -34.79 7.98
C LEU E 343 12.61 -35.28 8.19
N ILE E 344 12.05 -35.91 7.17
CA ILE E 344 10.74 -36.56 7.26
C ILE E 344 11.02 -38.00 7.67
N ILE E 345 10.80 -38.30 8.94
CA ILE E 345 11.22 -39.56 9.53
C ILE E 345 10.02 -40.49 9.67
N LEU E 346 10.18 -41.73 9.22
CA LEU E 346 9.17 -42.76 9.45
C LEU E 346 9.17 -43.15 10.91
N THR E 347 8.03 -43.03 11.57
CA THR E 347 7.94 -43.37 12.98
C THR E 347 8.10 -44.86 13.19
N SER E 348 8.70 -45.22 14.32
CA SER E 348 8.88 -46.63 14.67
C SER E 348 7.52 -47.25 14.92
N GLN E 349 7.11 -48.16 14.03
CA GLN E 349 5.78 -48.74 14.13
C GLN E 349 5.75 -49.94 15.06
N ASP E 350 6.83 -50.71 15.16
CA ASP E 350 6.89 -51.84 16.08
C ASP E 350 8.12 -51.89 16.96
N GLY E 351 9.15 -51.10 16.67
CA GLY E 351 10.35 -51.14 17.49
C GLY E 351 11.65 -51.03 16.73
N GLU E 352 11.59 -51.07 15.40
CA GLU E 352 12.77 -50.82 14.59
C GLU E 352 13.17 -49.35 14.70
N LYS E 353 14.40 -49.03 14.33
CA LYS E 353 14.84 -47.65 14.40
C LYS E 353 14.09 -46.81 13.37
N PRO E 354 13.63 -45.61 13.73
CA PRO E 354 12.93 -44.76 12.75
C PRO E 354 13.88 -44.35 11.64
N ARG E 355 13.50 -44.68 10.41
CA ARG E 355 14.31 -44.37 9.24
C ARG E 355 13.77 -43.14 8.49
N PRO E 356 14.64 -42.24 8.05
CA PRO E 356 14.19 -41.07 7.28
C PRO E 356 13.86 -41.40 5.84
N ILE E 357 12.78 -40.80 5.33
CA ILE E 357 12.39 -40.99 3.94
C ILE E 357 12.48 -39.71 3.11
N GLY E 358 12.44 -38.53 3.72
CA GLY E 358 12.52 -37.31 2.93
C GLY E 358 12.90 -36.11 3.75
N ILE E 359 13.02 -34.97 3.06
CA ILE E 359 13.22 -33.69 3.71
C ILE E 359 12.15 -32.72 3.20
N ILE E 360 11.76 -31.80 4.08
CA ILE E 360 10.71 -30.83 3.74
C ILE E 360 11.20 -29.88 2.65
N TRP E 361 10.32 -29.57 1.70
CA TRP E 361 10.63 -28.65 0.62
C TRP E 361 10.29 -27.23 1.02
N GLY E 362 11.22 -26.32 0.77
CA GLY E 362 10.99 -24.91 1.05
C GLY E 362 10.78 -24.09 -0.20
N GLY E 363 9.58 -23.53 -0.38
CA GLY E 363 9.35 -22.75 -1.58
C GLY E 363 8.09 -21.91 -1.56
N THR E 364 7.43 -21.81 -2.72
CA THR E 364 6.20 -21.06 -2.91
C THR E 364 4.95 -21.93 -2.90
N ALA E 365 4.90 -22.98 -3.73
CA ALA E 365 3.70 -23.81 -3.76
C ALA E 365 3.77 -24.90 -2.69
N ASN E 366 3.68 -24.44 -1.44
CA ASN E 366 3.65 -25.30 -0.26
C ASN E 366 2.57 -24.89 0.74
N ARG E 367 1.99 -23.70 0.58
CA ARG E 367 1.00 -23.07 1.45
C ARG E 367 -0.44 -23.42 1.09
N GLY E 368 -0.63 -24.54 0.40
CA GLY E 368 -1.96 -24.94 -0.04
C GLY E 368 -2.66 -25.85 0.95
N ARG E 369 -3.97 -25.93 0.81
CA ARG E 369 -4.83 -26.67 1.73
C ARG E 369 -5.69 -27.66 0.94
N LEU E 370 -6.10 -28.72 1.63
CA LEU E 370 -7.02 -29.69 1.06
C LEU E 370 -8.08 -30.03 2.09
N LYS E 371 -9.32 -30.16 1.63
CA LYS E 371 -10.45 -30.48 2.49
C LYS E 371 -10.68 -31.98 2.54
N LEU E 372 -10.70 -32.55 3.72
CA LEU E 372 -10.93 -33.99 3.86
C LEU E 372 -12.33 -34.30 4.35
N THR E 373 -12.87 -33.49 5.23
CA THR E 373 -14.24 -33.67 5.73
C THR E 373 -14.94 -32.32 5.75
N SER E 374 -16.27 -32.38 5.67
CA SER E 374 -17.07 -31.16 5.74
C SER E 374 -17.02 -30.56 7.14
N ASP E 375 -17.00 -31.42 8.16
CA ASP E 375 -17.12 -31.00 9.55
C ASP E 375 -16.23 -29.80 9.89
N HIS E 376 -14.93 -29.92 9.62
CA HIS E 376 -13.99 -28.84 9.79
C HIS E 376 -13.36 -28.52 8.44
N GLY E 377 -12.72 -27.37 8.34
CA GLY E 377 -12.29 -26.87 7.05
C GLY E 377 -11.10 -27.57 6.45
N PRO E 378 -10.40 -26.88 5.53
CA PRO E 378 -9.29 -27.50 4.81
C PRO E 378 -8.02 -27.57 5.65
N GLU E 379 -7.46 -28.77 5.73
CA GLU E 379 -6.21 -28.99 6.45
C GLU E 379 -5.01 -28.61 5.59
N ASN E 380 -3.90 -28.32 6.26
CA ASN E 380 -2.67 -27.91 5.60
C ASN E 380 -1.86 -29.13 5.18
N TRP E 381 -1.25 -29.08 4.01
CA TRP E 381 -0.34 -30.12 3.56
C TRP E 381 1.06 -29.57 3.38
N THR E 382 2.04 -30.47 3.52
CA THR E 382 3.46 -30.14 3.47
C THR E 382 4.11 -30.95 2.36
N SER E 383 5.02 -30.32 1.61
CA SER E 383 5.68 -30.94 0.47
C SER E 383 7.05 -31.50 0.89
N GLY E 384 7.34 -32.72 0.47
CA GLY E 384 8.62 -33.34 0.77
C GLY E 384 9.31 -33.84 -0.48
N VAL E 385 10.64 -33.89 -0.39
CA VAL E 385 11.50 -34.39 -1.47
C VAL E 385 11.97 -35.80 -1.10
N ASP E 386 11.99 -36.69 -2.10
CA ASP E 386 12.40 -38.08 -1.88
C ASP E 386 13.87 -38.10 -1.47
N LEU E 387 14.15 -38.49 -0.22
CA LEU E 387 15.53 -38.47 0.28
C LEU E 387 16.40 -39.50 -0.43
N GLY E 388 15.84 -40.68 -0.73
CA GLY E 388 16.61 -41.68 -1.44
C GLY E 388 17.15 -41.16 -2.77
N ARG E 389 16.28 -40.52 -3.54
CA ARG E 389 16.68 -39.99 -4.84
C ARG E 389 17.57 -38.77 -4.69
N LEU E 390 17.35 -37.97 -3.63
CA LEU E 390 18.16 -36.77 -3.45
C LEU E 390 19.60 -37.15 -3.11
N LEU E 391 19.80 -38.07 -2.17
CA LEU E 391 21.15 -38.50 -1.84
C LEU E 391 21.85 -39.11 -3.05
N ASP E 392 21.09 -39.85 -3.88
CA ASP E 392 21.69 -40.40 -5.09
C ASP E 392 22.16 -39.29 -6.03
N ARG E 393 21.32 -38.27 -6.22
CA ARG E 393 21.66 -37.20 -7.15
C ARG E 393 22.77 -36.31 -6.62
N LEU E 394 22.78 -36.07 -5.30
CA LEU E 394 23.86 -35.31 -4.68
C LEU E 394 25.09 -36.16 -4.38
N GLU E 395 25.01 -37.49 -4.53
CA GLU E 395 26.15 -38.38 -4.27
C GLU E 395 26.58 -38.33 -2.80
N LEU E 396 25.61 -38.52 -1.90
CA LEU E 396 25.81 -38.41 -0.45
C LEU E 396 25.38 -39.69 0.27
N ASP E 397 26.03 -39.95 1.40
CA ASP E 397 25.64 -41.01 2.33
C ASP E 397 25.29 -40.39 3.66
N ILE E 398 24.20 -40.83 4.25
CA ILE E 398 23.76 -40.29 5.54
C ILE E 398 24.50 -41.00 6.67
N ILE E 399 24.99 -40.23 7.64
CA ILE E 399 25.67 -40.76 8.81
C ILE E 399 24.68 -40.79 9.97
N ILE E 400 24.47 -41.97 10.56
CA ILE E 400 23.42 -42.15 11.56
C ILE E 400 23.93 -42.49 12.95
N THR E 401 25.21 -42.80 13.13
CA THR E 401 25.76 -43.04 14.48
C THR E 401 26.94 -42.12 14.72
N ASN E 402 27.07 -41.64 15.95
CA ASN E 402 28.19 -40.74 16.28
C ASN E 402 29.54 -41.41 16.06
N GLU E 403 29.62 -42.73 16.24
CA GLU E 403 30.88 -43.42 15.99
C GLU E 403 31.21 -43.42 14.51
N SER E 404 30.20 -43.67 13.66
CA SER E 404 30.42 -43.60 12.23
C SER E 404 30.85 -42.20 11.80
N LEU E 405 30.41 -41.16 12.52
CA LEU E 405 30.80 -39.81 12.16
C LEU E 405 32.30 -39.59 12.35
N GLN E 406 32.83 -39.92 13.52
CA GLN E 406 34.26 -39.73 13.73
C GLN E 406 35.09 -40.65 12.83
N ASP E 407 34.54 -41.80 12.43
CA ASP E 407 35.28 -42.63 11.48
C ASP E 407 35.36 -41.91 10.14
N ALA E 408 34.24 -41.37 9.65
CA ALA E 408 34.25 -40.62 8.41
C ALA E 408 35.19 -39.41 8.46
N VAL E 409 35.29 -38.75 9.62
CA VAL E 409 36.14 -37.55 9.68
C VAL E 409 37.61 -37.93 9.59
N GLN E 410 37.98 -39.07 10.18
CA GLN E 410 39.38 -39.50 10.21
C GLN E 410 39.85 -40.04 8.87
N GLN E 411 38.93 -40.56 8.06
CA GLN E 411 39.25 -41.20 6.78
C GLN E 411 39.13 -40.24 5.60
N GLN E 412 39.35 -38.95 5.83
CA GLN E 412 39.31 -37.95 4.77
C GLN E 412 40.71 -37.72 4.19
N SER F 2 -36.86 -8.53 -27.77
CA SER F 2 -37.12 -7.35 -28.59
C SER F 2 -36.38 -6.13 -28.04
N ALA F 3 -36.68 -5.75 -26.80
CA ALA F 3 -36.04 -4.61 -26.18
C ALA F 3 -34.57 -4.92 -25.88
N ALA F 4 -33.68 -4.04 -26.33
CA ALA F 4 -32.24 -4.21 -26.13
C ALA F 4 -31.68 -3.31 -25.04
N TYR F 5 -32.52 -2.57 -24.35
CA TYR F 5 -32.10 -1.56 -23.39
C TYR F 5 -32.62 -1.89 -22.00
N PHE F 6 -32.01 -1.25 -21.01
CA PHE F 6 -32.51 -1.31 -19.64
C PHE F 6 -33.57 -0.23 -19.47
N LEU F 7 -34.61 -0.53 -18.69
CA LEU F 7 -35.67 0.42 -18.42
C LEU F 7 -35.59 0.80 -16.95
N TRP F 8 -35.29 2.07 -16.70
CA TRP F 8 -35.13 2.56 -15.35
C TRP F 8 -36.48 2.72 -14.65
N PRO F 9 -36.54 2.47 -13.35
CA PRO F 9 -37.83 2.54 -12.66
C PRO F 9 -38.43 3.93 -12.69
N THR F 10 -39.74 3.99 -12.92
CA THR F 10 -40.54 5.21 -12.93
C THR F 10 -41.31 5.42 -11.63
N SER F 11 -40.85 4.80 -10.53
CA SER F 11 -41.47 5.01 -9.23
C SER F 11 -41.07 6.32 -8.60
N ASN F 12 -40.07 7.01 -9.16
CA ASN F 12 -39.70 8.35 -8.73
C ASN F 12 -40.00 9.16 -9.98
N LEU F 13 -41.25 9.60 -10.10
CA LEU F 13 -41.72 10.33 -11.25
C LEU F 13 -42.10 11.78 -10.97
N GLN F 14 -42.96 11.98 -10.00
CA GLN F 14 -43.62 13.26 -9.78
C GLN F 14 -42.82 14.16 -8.83
N HIS F 15 -42.61 15.42 -9.24
CA HIS F 15 -41.92 16.38 -8.38
C HIS F 15 -42.83 17.02 -7.32
N CYS F 16 -44.16 16.89 -7.41
CA CYS F 16 -44.99 17.32 -6.27
C CYS F 16 -44.90 16.35 -5.11
N ALA F 17 -44.05 15.34 -5.20
CA ALA F 17 -43.80 14.49 -4.04
C ALA F 17 -42.81 15.15 -3.11
N ALA F 18 -41.90 15.96 -3.67
CA ALA F 18 -41.08 16.82 -2.84
C ALA F 18 -41.92 17.93 -2.23
N GLU F 19 -42.92 18.41 -2.97
CA GLU F 19 -43.87 19.38 -2.42
C GLU F 19 -44.88 18.71 -1.50
N GLY F 20 -45.28 17.47 -1.82
CA GLY F 20 -46.20 16.76 -0.95
C GLY F 20 -45.58 16.42 0.39
N ARG F 21 -44.27 16.16 0.40
CA ARG F 21 -43.55 15.96 1.65
C ARG F 21 -43.54 17.23 2.48
N ALA F 22 -43.15 18.36 1.88
CA ALA F 22 -43.13 19.62 2.61
C ALA F 22 -44.51 19.97 3.14
N ASN F 23 -45.55 19.74 2.34
CA ASN F 23 -46.91 20.04 2.77
C ASN F 23 -47.31 19.19 3.97
N TYR F 24 -46.90 17.93 3.97
CA TYR F 24 -47.23 17.04 5.07
C TYR F 24 -46.70 17.57 6.39
N PHE F 25 -45.39 17.85 6.45
CA PHE F 25 -44.80 18.37 7.68
C PHE F 25 -45.29 19.78 7.98
N GLY F 26 -45.75 20.51 6.97
CA GLY F 26 -46.37 21.79 7.24
C GLY F 26 -47.68 21.62 8.00
N ASN F 27 -48.53 20.70 7.52
CA ASN F 27 -49.77 20.38 8.21
C ASN F 27 -49.50 19.93 9.64
N LEU F 28 -48.49 19.08 9.84
CA LEU F 28 -48.13 18.66 11.19
C LEU F 28 -47.63 19.84 12.01
N GLN F 29 -46.74 20.66 11.44
CA GLN F 29 -46.19 21.78 12.19
C GLN F 29 -47.25 22.81 12.53
N LYS F 30 -48.28 22.94 11.69
CA LYS F 30 -49.33 23.91 11.97
C LYS F 30 -50.20 23.46 13.14
N GLY F 31 -50.61 22.20 13.15
CA GLY F 31 -51.45 21.63 14.19
C GLY F 31 -50.67 21.06 15.36
N LEU F 32 -50.07 21.89 16.21
CA LEU F 32 -49.09 21.38 17.17
C LEU F 32 -49.51 21.44 18.62
N LEU F 33 -50.15 22.52 19.13
CA LEU F 33 -50.62 22.51 20.52
C LEU F 33 -49.52 22.26 21.56
N PRO F 34 -48.61 23.22 21.76
CA PRO F 34 -47.34 22.98 22.47
C PRO F 34 -47.39 22.18 23.79
N ARG F 35 -48.44 22.27 24.61
CA ARG F 35 -48.61 21.31 25.71
C ARG F 35 -47.44 21.27 26.71
N HIS F 36 -47.22 22.40 27.38
CA HIS F 36 -46.18 22.44 28.42
C HIS F 36 -46.39 21.48 29.59
N PRO F 37 -47.61 21.24 30.12
CA PRO F 37 -47.71 20.42 31.34
C PRO F 37 -47.12 19.02 31.16
N GLY F 38 -46.66 18.44 32.27
CA GLY F 38 -45.85 17.23 32.24
C GLY F 38 -46.32 15.83 31.87
N ARG F 39 -47.21 15.19 32.64
CA ARG F 39 -47.61 13.83 32.30
C ARG F 39 -48.71 13.82 31.25
N LEU F 40 -48.57 12.94 30.26
CA LEU F 40 -49.32 12.56 29.08
C LEU F 40 -50.22 11.35 29.33
N PRO F 41 -51.46 11.40 28.84
CA PRO F 41 -52.41 10.30 29.04
C PRO F 41 -51.93 8.97 28.47
N LYS F 42 -52.20 7.91 29.23
CA LYS F 42 -51.73 6.57 28.89
C LYS F 42 -52.44 6.06 27.64
N GLY F 43 -53.63 6.58 27.35
CA GLY F 43 -54.38 6.21 26.16
C GLY F 43 -53.76 6.68 24.86
N GLN F 44 -52.96 7.75 24.88
CA GLN F 44 -52.32 8.24 23.68
C GLN F 44 -50.87 7.77 23.55
N GLN F 45 -50.51 6.66 24.19
CA GLN F 45 -49.16 6.11 24.01
C GLN F 45 -49.03 5.51 22.61
N ALA F 46 -47.83 5.64 22.03
CA ALA F 46 -47.58 5.04 20.73
C ALA F 46 -47.80 3.54 20.79
N ASN F 47 -48.43 2.99 19.76
CA ASN F 47 -48.68 1.55 19.75
C ASN F 47 -48.15 0.85 18.50
N SER F 48 -48.18 1.50 17.35
CA SER F 48 -47.82 0.88 16.08
C SER F 48 -46.41 1.27 15.68
N LEU F 49 -45.92 0.61 14.63
CA LEU F 49 -44.69 1.09 13.99
C LEU F 49 -44.95 2.43 13.33
N LEU F 50 -46.15 2.61 12.75
CA LEU F 50 -46.50 3.89 12.14
C LEU F 50 -46.49 5.00 13.17
N ASP F 51 -46.99 4.75 14.37
CA ASP F 51 -46.97 5.77 15.40
C ASP F 51 -45.53 6.18 15.71
N LEU F 52 -44.66 5.19 15.94
CA LEU F 52 -43.26 5.49 16.26
C LEU F 52 -42.56 6.21 15.11
N MET F 53 -42.84 5.81 13.88
CA MET F 53 -42.19 6.43 12.73
C MET F 53 -42.67 7.85 12.51
N THR F 54 -43.95 8.12 12.78
CA THR F 54 -44.47 9.47 12.61
C THR F 54 -43.91 10.41 13.68
N ILE F 55 -43.73 9.91 14.91
CA ILE F 55 -43.10 10.71 15.95
C ILE F 55 -41.65 10.99 15.60
N ARG F 56 -40.92 9.97 15.15
CA ARG F 56 -39.51 10.15 14.81
C ARG F 56 -39.39 11.11 13.63
N ALA F 57 -40.28 11.00 12.65
CA ALA F 57 -40.23 11.90 11.52
C ALA F 57 -40.54 13.33 11.92
N PHE F 58 -41.50 13.53 12.83
CA PHE F 58 -41.87 14.88 13.24
C PHE F 58 -40.71 15.61 13.90
N HIS F 59 -39.99 14.93 14.80
CA HIS F 59 -38.86 15.49 15.51
C HIS F 59 -37.54 15.13 14.84
N SER F 60 -37.58 14.90 13.53
CA SER F 60 -36.42 14.42 12.77
C SER F 60 -35.22 15.31 12.99
N LYS F 61 -35.38 16.61 12.81
CA LYS F 61 -34.25 17.52 12.77
C LYS F 61 -33.55 17.62 14.13
N ILE F 62 -34.33 17.71 15.22
CA ILE F 62 -33.73 17.80 16.56
C ILE F 62 -33.08 16.48 16.96
N LEU F 63 -33.59 15.35 16.48
CA LEU F 63 -32.97 14.06 16.79
C LEU F 63 -31.63 13.92 16.09
N ARG F 64 -31.58 14.26 14.81
CA ARG F 64 -30.36 14.16 14.04
C ARG F 64 -29.37 15.23 14.40
N ARG F 65 -29.66 16.04 15.42
CA ARG F 65 -28.74 17.10 15.80
C ARG F 65 -27.43 16.50 16.31
N PHE F 66 -27.53 15.63 17.32
CA PHE F 66 -26.40 14.93 17.91
C PHE F 66 -26.74 13.45 17.84
N SER F 67 -26.41 12.79 16.73
CA SER F 67 -26.72 11.37 16.60
C SER F 67 -26.08 10.82 15.33
N LEU F 68 -26.01 9.49 15.27
CA LEU F 68 -25.58 8.77 14.08
C LEU F 68 -26.74 8.21 13.27
N GLY F 69 -27.91 8.09 13.87
CA GLY F 69 -29.06 7.51 13.19
C GLY F 69 -30.12 7.16 14.20
N THR F 70 -31.26 6.70 13.68
CA THR F 70 -32.40 6.36 14.52
C THR F 70 -33.14 5.16 13.94
N ALA F 71 -33.93 4.52 14.80
CA ALA F 71 -34.79 3.42 14.42
C ALA F 71 -35.90 3.31 15.46
N VAL F 72 -36.98 2.63 15.07
CA VAL F 72 -38.14 2.46 15.93
C VAL F 72 -38.15 1.03 16.47
N GLY F 73 -38.72 0.87 17.66
CA GLY F 73 -38.81 -0.43 18.28
C GLY F 73 -39.24 -0.35 19.72
N PHE F 74 -38.58 -1.13 20.58
CA PHE F 74 -38.82 -1.10 22.01
C PHE F 74 -37.60 -0.54 22.72
N ARG F 75 -37.84 0.09 23.85
CA ARG F 75 -36.73 0.60 24.65
C ARG F 75 -35.88 -0.55 25.16
N ILE F 76 -34.56 -0.39 25.05
CA ILE F 76 -33.61 -1.36 25.56
C ILE F 76 -33.08 -0.84 26.88
N ARG F 77 -33.32 -1.60 27.96
CA ARG F 77 -32.90 -1.25 29.31
C ARG F 77 -32.02 -2.37 29.83
N LYS F 78 -30.78 -2.04 30.22
CA LYS F 78 -29.84 -3.01 30.79
C LYS F 78 -29.54 -4.13 29.82
N GLY F 79 -29.51 -3.84 28.52
CA GLY F 79 -29.19 -4.82 27.52
C GLY F 79 -30.35 -5.70 27.08
N ASP F 80 -31.48 -5.63 27.76
CA ASP F 80 -32.64 -6.45 27.45
C ASP F 80 -33.76 -5.59 26.87
N LEU F 81 -34.43 -6.11 25.85
CA LEU F 81 -35.57 -5.43 25.27
C LEU F 81 -36.72 -5.37 26.26
N THR F 82 -37.37 -4.21 26.34
CA THR F 82 -38.58 -4.05 27.14
C THR F 82 -39.80 -4.09 26.21
N ASP F 83 -40.98 -3.85 26.79
CA ASP F 83 -42.20 -3.74 26.00
C ASP F 83 -42.65 -2.29 25.85
N ILE F 84 -41.72 -1.34 25.87
CA ILE F 84 -42.06 0.08 25.83
C ILE F 84 -41.80 0.59 24.42
N PRO F 85 -42.82 1.02 23.67
CA PRO F 85 -42.59 1.61 22.34
C PRO F 85 -41.66 2.81 22.46
N ALA F 86 -40.58 2.79 21.70
CA ALA F 86 -39.58 3.84 21.83
C ALA F 86 -38.91 4.08 20.49
N ILE F 87 -38.26 5.24 20.42
CA ILE F 87 -37.39 5.60 19.31
C ILE F 87 -35.97 5.41 19.77
N LEU F 88 -35.22 4.56 19.07
CA LEU F 88 -33.84 4.31 19.43
C LEU F 88 -32.97 5.35 18.74
N VAL F 89 -32.20 6.10 19.52
CA VAL F 89 -31.28 7.09 19.00
C VAL F 89 -29.88 6.52 19.13
N PHE F 90 -29.18 6.42 18.01
CA PHE F 90 -27.87 5.78 17.96
C PHE F 90 -26.78 6.82 18.09
N VAL F 91 -26.05 6.77 19.21
CA VAL F 91 -24.93 7.68 19.47
C VAL F 91 -23.62 6.95 19.28
N ALA F 92 -22.57 7.72 18.93
CA ALA F 92 -21.25 7.14 18.77
C ALA F 92 -20.71 6.59 20.09
N ARG F 93 -20.94 7.30 21.19
CA ARG F 93 -20.51 6.88 22.51
C ARG F 93 -21.52 7.37 23.53
N LYS F 94 -21.98 6.48 24.40
CA LYS F 94 -23.00 6.80 25.39
C LYS F 94 -22.33 7.21 26.69
N VAL F 95 -22.42 8.49 27.04
CA VAL F 95 -21.76 9.01 28.22
C VAL F 95 -22.79 9.29 29.31
N HIS F 96 -22.29 9.51 30.53
CA HIS F 96 -23.16 9.84 31.66
C HIS F 96 -23.84 11.18 31.47
N LYS F 97 -25.01 11.33 32.09
CA LYS F 97 -25.76 12.57 32.01
C LYS F 97 -24.93 13.75 32.51
N LYS F 98 -24.04 13.52 33.48
CA LYS F 98 -23.22 14.58 34.06
C LYS F 98 -22.34 15.27 33.04
N TRP F 99 -22.06 14.64 31.91
CA TRP F 99 -21.15 15.20 30.91
C TRP F 99 -21.90 15.78 29.72
N LEU F 100 -23.21 15.91 29.82
CA LEU F 100 -24.03 16.46 28.75
C LEU F 100 -24.62 17.80 29.19
N ASN F 101 -24.60 18.77 28.28
CA ASN F 101 -25.37 19.99 28.47
C ASN F 101 -26.81 19.73 28.08
N PRO F 102 -27.76 20.53 28.59
CA PRO F 102 -29.17 20.25 28.29
C PRO F 102 -29.48 20.20 26.80
N ALA F 103 -28.73 20.94 25.97
CA ALA F 103 -28.95 20.86 24.53
C ALA F 103 -28.60 19.47 23.98
N GLN F 104 -27.53 18.86 24.48
CA GLN F 104 -27.11 17.57 23.97
C GLN F 104 -27.99 16.44 24.49
N CYS F 105 -28.35 16.48 25.76
CA CYS F 105 -29.02 15.36 26.41
C CYS F 105 -30.37 15.08 25.75
N LEU F 106 -30.54 13.85 25.28
CA LEU F 106 -31.81 13.46 24.70
C LEU F 106 -32.87 13.31 25.81
N PRO F 107 -34.12 13.65 25.51
CA PRO F 107 -35.17 13.48 26.52
C PRO F 107 -35.49 12.00 26.68
N ALA F 108 -36.21 11.69 27.74
CA ALA F 108 -36.64 10.31 27.95
C ALA F 108 -37.97 10.02 27.28
N ILE F 109 -38.78 11.03 27.02
CA ILE F 109 -40.05 10.88 26.34
C ILE F 109 -40.13 11.89 25.20
N LEU F 110 -41.00 11.59 24.24
CA LEU F 110 -41.25 12.49 23.11
C LEU F 110 -42.69 12.32 22.66
N GLU F 111 -43.36 13.44 22.47
CA GLU F 111 -44.74 13.47 21.99
C GLU F 111 -44.81 14.01 20.57
N GLY F 112 -45.47 13.26 19.70
CA GLY F 112 -45.59 13.64 18.31
C GLY F 112 -46.87 14.35 17.97
N PRO F 113 -47.23 14.34 16.68
CA PRO F 113 -48.48 14.97 16.26
C PRO F 113 -49.67 14.25 16.87
N GLY F 114 -50.67 15.02 17.28
CA GLY F 114 -51.87 14.45 17.84
C GLY F 114 -51.71 13.89 19.24
N GLY F 115 -50.62 14.23 19.91
CA GLY F 115 -50.40 13.77 21.27
C GLY F 115 -49.99 12.32 21.44
N VAL F 116 -49.73 11.59 20.36
CA VAL F 116 -49.21 10.23 20.49
C VAL F 116 -47.74 10.33 20.89
N TRP F 117 -47.41 9.78 22.05
CA TRP F 117 -46.08 9.90 22.63
C TRP F 117 -45.38 8.53 22.68
N CYS F 118 -44.07 8.58 22.93
CA CYS F 118 -43.26 7.38 23.06
C CYS F 118 -41.98 7.72 23.80
N ASP F 119 -41.20 6.68 24.11
CA ASP F 119 -39.91 6.83 24.79
C ASP F 119 -38.78 7.07 23.79
N VAL F 120 -37.66 7.57 24.33
CA VAL F 120 -36.45 7.81 23.56
C VAL F 120 -35.31 7.06 24.23
N ASP F 121 -34.84 6.00 23.59
CA ASP F 121 -33.77 5.15 24.10
C ASP F 121 -32.46 5.45 23.40
N VAL F 122 -31.38 5.51 24.17
CA VAL F 122 -30.04 5.75 23.64
C VAL F 122 -29.32 4.42 23.47
N VAL F 123 -28.73 4.21 22.29
CA VAL F 123 -27.96 3.00 22.00
C VAL F 123 -26.63 3.40 21.38
N GLU F 124 -25.54 2.84 21.90
CA GLU F 124 -24.22 3.02 21.30
C GLU F 124 -24.11 2.25 19.99
N PHE F 125 -23.59 2.89 18.94
CA PHE F 125 -23.74 2.40 17.57
C PHE F 125 -22.48 2.70 16.76
N SER F 126 -22.33 1.97 15.65
CA SER F 126 -21.22 2.16 14.72
C SER F 126 -21.60 1.54 13.38
N TYR F 127 -20.73 1.73 12.39
CA TYR F 127 -20.88 1.10 11.08
C TYR F 127 -19.59 0.41 10.64
N GLU F 137 -12.70 -15.41 7.53
CA GLU F 137 -13.58 -16.07 8.49
C GLU F 137 -14.79 -16.71 7.80
N GLN F 138 -14.77 -18.05 7.72
CA GLN F 138 -15.80 -18.80 7.01
C GLN F 138 -16.23 -19.98 7.86
N MET F 139 -17.51 -20.28 7.84
CA MET F 139 -18.04 -21.46 8.52
C MET F 139 -17.92 -22.69 7.62
N PHE F 140 -17.32 -23.74 8.16
CA PHE F 140 -17.14 -25.01 7.46
C PHE F 140 -18.05 -26.03 8.11
N SER F 141 -19.06 -26.49 7.37
CA SER F 141 -20.04 -27.43 7.89
C SER F 141 -20.69 -28.15 6.71
N GLU F 142 -21.41 -29.22 7.02
CA GLU F 142 -22.12 -29.95 5.97
C GLU F 142 -23.20 -29.10 5.33
N LEU F 143 -23.89 -28.29 6.12
CA LEU F 143 -24.94 -27.43 5.56
C LEU F 143 -24.33 -26.42 4.58
N VAL F 144 -23.23 -25.78 4.97
CA VAL F 144 -22.56 -24.85 4.07
C VAL F 144 -22.12 -25.55 2.78
N ASP F 145 -21.51 -26.73 2.92
CA ASP F 145 -21.07 -27.49 1.75
C ASP F 145 -22.25 -27.86 0.86
N LYS F 146 -23.35 -28.29 1.46
CA LYS F 146 -24.53 -28.66 0.68
C LYS F 146 -25.12 -27.45 -0.04
N LEU F 147 -25.16 -26.30 0.65
CA LEU F 147 -25.70 -25.10 0.02
C LEU F 147 -24.85 -24.67 -1.16
N CYS F 148 -23.53 -24.87 -1.06
CA CYS F 148 -22.58 -24.43 -2.07
C CYS F 148 -22.33 -25.46 -3.17
N GLY F 149 -23.24 -26.41 -3.38
CA GLY F 149 -23.13 -27.34 -4.49
C GLY F 149 -22.99 -28.80 -4.12
N SER F 150 -22.84 -29.17 -2.85
CA SER F 150 -22.73 -30.59 -2.52
C SER F 150 -24.08 -31.27 -2.39
N ASP F 151 -25.17 -30.51 -2.27
CA ASP F 151 -26.50 -31.08 -2.19
C ASP F 151 -26.99 -31.44 -3.58
N GLU F 152 -27.94 -32.37 -3.66
CA GLU F 152 -28.53 -32.78 -4.92
C GLU F 152 -29.69 -31.88 -5.35
N CYS F 153 -29.87 -30.73 -4.72
CA CYS F 153 -31.01 -29.89 -5.06
C CYS F 153 -30.64 -28.43 -4.84
N ILE F 154 -31.45 -27.56 -5.44
CA ILE F 154 -31.29 -26.11 -5.35
C ILE F 154 -32.50 -25.55 -4.63
N GLY F 155 -32.25 -24.77 -3.58
CA GLY F 155 -33.33 -24.19 -2.81
C GLY F 155 -32.93 -22.92 -2.09
N SER F 156 -33.63 -22.57 -1.03
CA SER F 156 -33.22 -21.41 -0.24
C SER F 156 -31.90 -21.71 0.42
N GLY F 157 -31.01 -20.71 0.43
CA GLY F 157 -29.65 -20.88 0.92
C GLY F 157 -28.65 -21.31 -0.14
N SER F 158 -29.13 -21.84 -1.26
CA SER F 158 -28.26 -22.30 -2.33
C SER F 158 -27.44 -21.16 -2.89
N GLN F 159 -26.15 -21.44 -3.13
CA GLN F 159 -25.28 -20.45 -3.73
C GLN F 159 -25.66 -20.19 -5.17
N VAL F 160 -25.87 -18.93 -5.52
CA VAL F 160 -26.10 -18.52 -6.91
C VAL F 160 -24.96 -17.61 -7.32
N ALA F 161 -24.62 -17.64 -8.61
CA ALA F 161 -23.44 -16.92 -9.07
C ALA F 161 -23.63 -16.41 -10.50
N SER F 162 -23.22 -15.17 -10.71
CA SER F 162 -22.97 -14.64 -12.04
C SER F 162 -21.47 -14.63 -12.27
N HIS F 163 -21.05 -14.14 -13.44
CA HIS F 163 -19.64 -14.14 -13.80
C HIS F 163 -18.76 -13.51 -12.71
N GLU F 164 -19.21 -12.40 -12.13
CA GLU F 164 -18.36 -11.62 -11.24
C GLU F 164 -18.74 -11.66 -9.76
N THR F 165 -19.99 -12.00 -9.42
CA THR F 165 -20.46 -11.89 -8.05
C THR F 165 -21.15 -13.17 -7.59
N PHE F 166 -21.09 -13.42 -6.28
CA PHE F 166 -21.75 -14.54 -5.62
C PHE F 166 -22.89 -14.04 -4.75
N GLY F 167 -23.97 -14.82 -4.67
CA GLY F 167 -25.05 -14.46 -3.77
C GLY F 167 -25.76 -15.70 -3.28
N THR F 168 -26.80 -15.48 -2.48
CA THR F 168 -27.60 -16.58 -1.93
C THR F 168 -29.00 -16.56 -2.54
N LEU F 169 -29.53 -17.74 -2.84
CA LEU F 169 -30.89 -17.86 -3.33
C LEU F 169 -31.86 -17.70 -2.15
N GLY F 170 -32.64 -16.62 -2.16
CA GLY F 170 -33.55 -16.36 -1.05
C GLY F 170 -34.82 -17.18 -1.02
N ALA F 171 -35.67 -17.07 -2.04
CA ALA F 171 -36.94 -17.78 -2.05
C ALA F 171 -37.24 -18.22 -3.49
N ILE F 172 -38.05 -19.27 -3.60
CA ILE F 172 -38.60 -19.71 -4.87
C ILE F 172 -39.89 -18.93 -5.09
N VAL F 173 -39.98 -18.21 -6.21
CA VAL F 173 -41.10 -17.30 -6.45
C VAL F 173 -41.70 -17.53 -7.83
N LYS F 174 -42.86 -16.91 -8.05
CA LYS F 174 -43.51 -16.80 -9.35
C LYS F 174 -43.96 -15.36 -9.53
N ARG F 175 -43.91 -14.88 -10.78
CA ARG F 175 -44.36 -13.53 -11.07
C ARG F 175 -45.88 -13.46 -11.00
N ARG F 176 -46.41 -12.34 -10.49
CA ARG F 176 -47.85 -12.17 -10.43
C ARG F 176 -48.46 -11.78 -11.77
N THR F 177 -47.74 -11.01 -12.58
CA THR F 177 -48.23 -10.48 -13.84
C THR F 177 -47.85 -11.40 -15.01
N GLY F 178 -48.49 -11.14 -16.15
CA GLY F 178 -48.17 -11.85 -17.38
C GLY F 178 -48.26 -13.35 -17.27
N ASN F 179 -47.24 -14.04 -17.78
CA ASN F 179 -47.27 -15.50 -17.85
C ASN F 179 -46.97 -16.18 -16.52
N LYS F 180 -46.80 -15.43 -15.44
CA LYS F 180 -46.57 -15.96 -14.10
C LYS F 180 -45.40 -16.94 -14.05
N GLN F 181 -44.28 -16.52 -14.66
CA GLN F 181 -43.05 -17.32 -14.67
C GLN F 181 -42.62 -17.70 -13.26
N VAL F 182 -42.20 -18.94 -13.10
CA VAL F 182 -41.60 -19.41 -11.86
C VAL F 182 -40.10 -19.12 -11.90
N GLY F 183 -39.55 -18.73 -10.77
CA GLY F 183 -38.13 -18.44 -10.65
C GLY F 183 -37.70 -18.36 -9.21
N PHE F 184 -36.68 -17.54 -8.94
CA PHE F 184 -36.18 -17.36 -7.59
C PHE F 184 -35.82 -15.91 -7.33
N LEU F 185 -35.70 -15.59 -6.05
CA LEU F 185 -35.42 -14.25 -5.56
C LEU F 185 -34.06 -14.20 -4.87
N THR F 186 -33.24 -13.23 -5.28
CA THR F 186 -32.01 -12.90 -4.58
C THR F 186 -31.88 -11.39 -4.62
N ASN F 187 -30.80 -10.85 -4.08
CA ASN F 187 -30.64 -9.40 -4.02
C ASN F 187 -29.70 -8.92 -5.11
N HIS F 188 -30.11 -7.84 -5.77
CA HIS F 188 -29.61 -7.42 -7.08
C HIS F 188 -28.11 -7.21 -7.16
N HIS F 189 -27.41 -6.91 -6.05
CA HIS F 189 -25.97 -6.71 -6.22
C HIS F 189 -25.24 -7.98 -6.63
N VAL F 190 -25.88 -9.14 -6.52
CA VAL F 190 -25.35 -10.36 -7.15
C VAL F 190 -25.55 -10.37 -8.66
N ALA F 191 -26.52 -9.62 -9.16
CA ALA F 191 -26.90 -9.63 -10.57
C ALA F 191 -26.23 -8.56 -11.42
N VAL F 192 -26.02 -7.36 -10.87
CA VAL F 192 -25.79 -6.19 -11.72
C VAL F 192 -24.42 -6.25 -12.40
N ASP F 193 -24.30 -5.43 -13.44
CA ASP F 193 -23.42 -5.58 -14.58
C ASP F 193 -22.91 -4.18 -14.84
N LEU F 194 -22.35 -3.98 -16.02
CA LEU F 194 -21.50 -2.92 -16.50
C LEU F 194 -20.01 -2.91 -16.23
N ASP F 195 -19.48 -3.88 -15.54
CA ASP F 195 -18.10 -4.16 -15.82
C ASP F 195 -18.05 -5.28 -16.83
N TYR F 196 -19.16 -5.99 -16.94
CA TYR F 196 -19.19 -7.29 -17.58
C TYR F 196 -20.65 -7.67 -17.79
N PRO F 197 -20.94 -8.57 -18.71
CA PRO F 197 -22.33 -9.04 -18.89
C PRO F 197 -22.82 -10.00 -17.81
N ASN F 198 -23.28 -9.43 -16.70
CA ASN F 198 -23.76 -10.20 -15.56
C ASN F 198 -25.27 -10.33 -15.64
N GLN F 199 -25.74 -11.27 -16.45
CA GLN F 199 -27.16 -11.56 -16.44
C GLN F 199 -27.42 -13.03 -16.18
N LYS F 200 -26.56 -13.92 -16.70
CA LYS F 200 -26.75 -15.35 -16.48
C LYS F 200 -26.33 -15.72 -15.06
N MET F 201 -27.24 -16.35 -14.33
CA MET F 201 -26.99 -16.83 -12.98
C MET F 201 -26.73 -18.33 -13.01
N PHE F 202 -25.88 -18.80 -12.10
CA PHE F 202 -25.50 -20.21 -12.08
C PHE F 202 -25.43 -20.73 -10.64
N HIS F 203 -25.65 -22.05 -10.51
CA HIS F 203 -25.43 -22.78 -9.27
C HIS F 203 -24.54 -23.96 -9.58
N PRO F 204 -23.44 -24.16 -8.84
CA PRO F 204 -22.95 -23.23 -7.81
C PRO F 204 -21.89 -22.23 -8.31
N LEU F 205 -21.33 -22.45 -9.50
CA LEU F 205 -20.25 -21.61 -9.99
C LEU F 205 -20.51 -21.15 -11.42
N PRO F 206 -19.99 -19.99 -11.79
CA PRO F 206 -20.08 -19.55 -13.19
C PRO F 206 -19.06 -20.29 -14.05
N PRO F 207 -19.32 -20.40 -15.36
CA PRO F 207 -18.42 -21.19 -16.23
C PRO F 207 -16.97 -20.77 -16.19
N ASN F 208 -16.68 -19.48 -15.94
CA ASN F 208 -15.30 -19.03 -15.88
C ASN F 208 -14.57 -19.53 -14.65
N LEU F 209 -15.29 -19.88 -13.58
CA LEU F 209 -14.66 -20.31 -12.34
C LEU F 209 -14.71 -21.82 -12.13
N GLY F 210 -15.76 -22.49 -12.62
CA GLY F 210 -15.89 -23.91 -12.46
C GLY F 210 -17.23 -24.44 -12.94
N PRO F 211 -17.56 -25.66 -12.56
CA PRO F 211 -18.78 -26.30 -13.06
C PRO F 211 -20.04 -25.70 -12.43
N GLY F 212 -21.15 -25.89 -13.11
CA GLY F 212 -22.43 -25.44 -12.60
C GLY F 212 -23.50 -25.63 -13.66
N VAL F 213 -24.72 -25.26 -13.28
CA VAL F 213 -25.89 -25.36 -14.14
C VAL F 213 -26.46 -23.97 -14.34
N TYR F 214 -26.91 -23.67 -15.56
CA TYR F 214 -27.50 -22.37 -15.87
C TYR F 214 -28.91 -22.30 -15.28
N LEU F 215 -29.09 -21.43 -14.28
CA LEU F 215 -30.41 -21.30 -13.65
C LEU F 215 -31.34 -20.46 -14.50
N GLY F 216 -30.85 -19.35 -15.04
CA GLY F 216 -31.68 -18.44 -15.80
C GLY F 216 -31.06 -17.06 -15.81
N ALA F 217 -31.76 -16.14 -16.47
CA ALA F 217 -31.27 -14.77 -16.64
C ALA F 217 -32.11 -13.78 -15.83
N VAL F 218 -31.42 -12.84 -15.20
CA VAL F 218 -32.09 -11.79 -14.43
C VAL F 218 -33.11 -11.06 -15.29
N GLU F 219 -34.28 -10.79 -14.71
CA GLU F 219 -35.33 -10.03 -15.36
C GLU F 219 -35.60 -8.69 -14.69
N ARG F 220 -35.85 -8.70 -13.38
CA ARG F 220 -36.16 -7.49 -12.63
C ARG F 220 -35.17 -7.31 -11.49
N ALA F 221 -35.00 -6.07 -11.06
CA ALA F 221 -34.18 -5.78 -9.89
C ALA F 221 -34.58 -4.41 -9.34
N THR F 222 -34.82 -4.35 -8.03
CA THR F 222 -35.04 -3.09 -7.34
C THR F 222 -33.80 -2.74 -6.53
N SER F 223 -33.36 -1.48 -6.60
CA SER F 223 -32.26 -1.03 -5.76
C SER F 223 -32.65 0.01 -4.71
N PHE F 224 -33.27 1.11 -5.14
CA PHE F 224 -33.73 2.14 -4.23
C PHE F 224 -35.16 2.49 -4.56
N ILE F 225 -35.99 2.60 -3.54
CA ILE F 225 -37.38 3.04 -3.69
C ILE F 225 -37.65 4.10 -2.63
N THR F 226 -38.21 5.24 -3.04
CA THR F 226 -38.48 6.32 -2.10
C THR F 226 -39.40 5.83 -0.97
N ASP F 227 -39.21 6.42 0.21
CA ASP F 227 -39.97 6.02 1.38
C ASP F 227 -41.48 6.14 1.16
N ASP F 228 -41.93 7.24 0.54
CA ASP F 228 -43.36 7.44 0.35
C ASP F 228 -43.98 6.33 -0.48
N VAL F 229 -43.21 5.73 -1.38
CA VAL F 229 -43.70 4.59 -2.14
C VAL F 229 -43.59 3.31 -1.33
N TRP F 230 -42.43 3.07 -0.73
CA TRP F 230 -42.17 1.82 -0.01
C TRP F 230 -43.07 1.69 1.22
N TYR F 231 -42.97 2.65 2.15
CA TYR F 231 -43.77 2.60 3.37
C TYR F 231 -45.20 3.08 3.16
N GLY F 232 -45.43 3.98 2.21
CA GLY F 232 -46.74 4.59 2.07
C GLY F 232 -46.91 5.87 2.86
N ILE F 233 -45.88 6.28 3.61
CA ILE F 233 -45.89 7.49 4.41
C ILE F 233 -44.58 8.23 4.19
N TYR F 234 -44.51 9.47 4.69
CA TYR F 234 -43.28 10.25 4.69
C TYR F 234 -42.50 9.90 5.95
N ALA F 235 -41.45 9.09 5.80
CA ALA F 235 -40.65 8.63 6.91
C ALA F 235 -39.59 9.63 7.36
N GLY F 236 -39.34 10.69 6.58
CA GLY F 236 -38.37 11.68 6.97
C GLY F 236 -38.59 12.96 6.22
N THR F 237 -37.96 14.04 6.71
CA THR F 237 -38.17 15.36 6.12
C THR F 237 -37.32 15.60 4.88
N ASN F 238 -36.27 14.81 4.66
CA ASN F 238 -35.40 15.03 3.52
C ASN F 238 -36.14 14.69 2.23
N PRO F 239 -36.16 15.58 1.23
CA PRO F 239 -36.84 15.25 -0.02
C PRO F 239 -36.09 14.22 -0.86
N GLU F 240 -34.79 14.02 -0.64
CA GLU F 240 -34.06 12.89 -1.22
C GLU F 240 -33.98 11.77 -0.19
N THR F 241 -35.07 11.04 -0.02
CA THR F 241 -35.10 9.93 0.93
C THR F 241 -35.35 8.63 0.18
N PHE F 242 -34.45 7.66 0.32
CA PHE F 242 -34.57 6.37 -0.35
C PHE F 242 -34.50 5.21 0.63
N VAL F 243 -35.14 4.10 0.25
CA VAL F 243 -35.15 2.86 1.00
C VAL F 243 -34.23 1.84 0.33
N ARG F 244 -33.37 1.20 1.12
CA ARG F 244 -32.51 0.14 0.62
C ARG F 244 -33.36 -1.11 0.41
N ALA F 245 -33.61 -1.44 -0.87
CA ALA F 245 -34.63 -2.38 -1.33
C ALA F 245 -34.03 -3.46 -2.25
N ASP F 246 -32.91 -4.06 -1.84
CA ASP F 246 -32.20 -5.02 -2.68
C ASP F 246 -33.04 -6.26 -3.00
N GLY F 247 -33.41 -6.42 -4.27
CA GLY F 247 -34.11 -7.60 -4.74
C GLY F 247 -33.89 -7.83 -6.22
N ALA F 248 -33.89 -9.10 -6.62
CA ALA F 248 -33.69 -9.46 -8.02
C ALA F 248 -34.46 -10.73 -8.33
N PHE F 249 -35.23 -10.72 -9.42
CA PHE F 249 -36.01 -11.86 -9.86
C PHE F 249 -35.33 -12.50 -11.06
N ILE F 250 -34.96 -13.77 -10.95
CA ILE F 250 -34.37 -14.53 -12.04
C ILE F 250 -35.32 -15.66 -12.44
N PRO F 251 -36.07 -15.50 -13.52
CA PRO F 251 -36.94 -16.59 -13.97
C PRO F 251 -36.11 -17.75 -14.51
N PHE F 252 -36.47 -18.97 -14.08
CA PHE F 252 -35.73 -20.17 -14.48
C PHE F 252 -35.73 -20.33 -16.00
N ALA F 253 -34.58 -20.75 -16.52
CA ALA F 253 -34.46 -21.08 -17.94
C ALA F 253 -35.44 -22.18 -18.32
N ASP F 254 -35.86 -22.16 -19.59
CA ASP F 254 -36.72 -23.23 -20.09
C ASP F 254 -35.99 -24.56 -20.10
N ASP F 255 -34.66 -24.54 -20.27
CA ASP F 255 -33.89 -25.78 -20.24
C ASP F 255 -33.81 -26.33 -18.82
N PHE F 256 -33.89 -25.47 -17.81
CA PHE F 256 -33.59 -25.84 -16.44
C PHE F 256 -34.55 -26.91 -15.92
N ASP F 257 -33.97 -27.93 -15.28
CA ASP F 257 -34.70 -29.06 -14.70
C ASP F 257 -35.29 -28.62 -13.36
N ILE F 258 -36.57 -28.23 -13.36
CA ILE F 258 -37.24 -27.74 -12.16
C ILE F 258 -37.50 -28.89 -11.20
N SER F 259 -37.17 -30.12 -11.62
CA SER F 259 -37.29 -31.26 -10.72
C SER F 259 -36.27 -31.18 -9.59
N THR F 260 -35.16 -30.49 -9.81
CA THR F 260 -34.09 -30.37 -8.83
C THR F 260 -34.33 -29.26 -7.81
N VAL F 261 -35.41 -28.48 -7.92
CA VAL F 261 -35.70 -27.38 -7.00
C VAL F 261 -36.56 -27.90 -5.84
N THR F 262 -36.27 -27.38 -4.65
CA THR F 262 -37.01 -27.72 -3.43
C THR F 262 -37.46 -26.41 -2.77
N THR F 263 -38.75 -26.35 -2.40
CA THR F 263 -39.33 -25.20 -1.71
C THR F 263 -39.07 -25.23 -0.20
N VAL F 264 -38.20 -26.10 0.27
CA VAL F 264 -37.89 -26.28 1.68
C VAL F 264 -36.69 -25.41 2.04
N VAL F 265 -36.72 -24.82 3.23
CA VAL F 265 -35.57 -24.11 3.75
C VAL F 265 -34.77 -25.14 4.54
N ARG F 266 -33.69 -25.61 3.94
CA ARG F 266 -32.85 -26.64 4.52
C ARG F 266 -32.34 -26.21 5.89
N GLY F 267 -32.61 -27.02 6.91
CA GLY F 267 -32.23 -26.69 8.27
C GLY F 267 -33.29 -25.96 9.07
N VAL F 268 -34.40 -25.57 8.44
CA VAL F 268 -35.54 -24.98 9.13
C VAL F 268 -36.79 -25.83 8.94
N GLY F 269 -37.08 -26.23 7.70
CA GLY F 269 -38.23 -27.06 7.39
C GLY F 269 -39.18 -26.36 6.43
N ASP F 270 -40.45 -26.74 6.52
CA ASP F 270 -41.49 -26.15 5.67
C ASP F 270 -41.86 -24.77 6.20
N ILE F 271 -41.74 -23.75 5.34
CA ILE F 271 -42.04 -22.38 5.75
C ILE F 271 -43.46 -22.03 5.33
N GLY F 272 -44.04 -21.05 6.02
CA GLY F 272 -45.33 -20.50 5.66
C GLY F 272 -45.21 -19.35 4.69
N ASP F 273 -46.36 -18.73 4.40
CA ASP F 273 -46.40 -17.60 3.49
C ASP F 273 -45.75 -16.38 4.14
N VAL F 274 -45.37 -15.42 3.30
CA VAL F 274 -44.74 -14.19 3.77
C VAL F 274 -45.62 -13.51 4.80
N LYS F 275 -45.02 -13.17 5.95
CA LYS F 275 -45.70 -12.41 6.99
C LYS F 275 -45.45 -10.93 6.71
N VAL F 276 -46.49 -10.23 6.26
CA VAL F 276 -46.38 -8.83 5.86
C VAL F 276 -46.25 -7.95 7.10
N ILE F 277 -45.34 -6.98 7.05
CA ILE F 277 -45.12 -6.05 8.16
C ILE F 277 -46.13 -4.92 8.02
N ASP F 278 -47.29 -5.08 8.69
CA ASP F 278 -48.31 -4.03 8.71
C ASP F 278 -47.94 -3.01 9.78
N LEU F 279 -47.68 -1.77 9.35
CA LEU F 279 -47.16 -0.75 10.25
C LEU F 279 -48.11 -0.40 11.40
N GLN F 280 -49.38 -0.79 11.33
CA GLN F 280 -50.35 -0.44 12.36
C GLN F 280 -50.62 -1.55 13.37
N CYS F 281 -50.06 -2.74 13.17
CA CYS F 281 -50.19 -3.83 14.12
C CYS F 281 -49.34 -3.53 15.36
N PRO F 282 -49.60 -4.21 16.48
CA PRO F 282 -48.80 -3.96 17.68
C PRO F 282 -47.35 -4.38 17.48
N LEU F 283 -46.44 -3.61 18.08
CA LEU F 283 -45.02 -3.79 17.81
C LEU F 283 -44.55 -5.19 18.13
N ASN F 284 -45.02 -5.77 19.23
CA ASN F 284 -44.47 -7.02 19.74
C ASN F 284 -44.57 -8.17 18.75
N SER F 285 -45.33 -8.02 17.65
CA SER F 285 -45.36 -9.08 16.66
C SER F 285 -44.14 -9.07 15.75
N LEU F 286 -43.42 -7.96 15.65
CA LEU F 286 -42.12 -7.95 14.97
C LEU F 286 -40.95 -7.64 15.89
N ILE F 287 -41.03 -6.54 16.65
CA ILE F 287 -39.93 -6.12 17.51
C ILE F 287 -39.73 -7.12 18.63
N GLY F 288 -38.52 -7.67 18.74
CA GLY F 288 -38.19 -8.63 19.76
C GLY F 288 -38.41 -10.08 19.36
N ARG F 289 -39.13 -10.33 18.28
CA ARG F 289 -39.32 -11.69 17.82
C ARG F 289 -38.00 -12.31 17.41
N GLN F 290 -37.89 -13.63 17.62
CA GLN F 290 -36.70 -14.37 17.22
C GLN F 290 -36.76 -14.75 15.75
N VAL F 291 -35.66 -14.55 15.03
CA VAL F 291 -35.59 -14.91 13.62
C VAL F 291 -34.39 -15.84 13.42
N CYS F 292 -34.41 -16.53 12.27
CA CYS F 292 -33.31 -17.39 11.88
C CYS F 292 -33.02 -17.17 10.40
N LYS F 293 -31.84 -17.60 9.97
CA LYS F 293 -31.36 -17.40 8.61
C LYS F 293 -30.52 -18.59 8.15
N VAL F 294 -30.67 -18.98 6.89
CA VAL F 294 -29.83 -20.00 6.26
C VAL F 294 -29.13 -19.37 5.06
N GLY F 295 -27.81 -19.20 5.16
CA GLY F 295 -27.05 -18.58 4.10
C GLY F 295 -25.77 -19.35 3.80
N ARG F 296 -25.28 -19.15 2.58
CA ARG F 296 -24.13 -19.88 2.07
C ARG F 296 -22.82 -19.55 2.76
N SER F 297 -22.79 -18.55 3.62
CA SER F 297 -21.58 -18.16 4.33
C SER F 297 -21.61 -18.48 5.82
N SER F 298 -22.71 -18.25 6.51
CA SER F 298 -22.77 -18.52 7.93
C SER F 298 -23.64 -19.72 8.26
N GLY F 299 -24.23 -20.35 7.25
CA GLY F 299 -25.09 -21.50 7.48
C GLY F 299 -26.32 -21.08 8.23
N HIS F 300 -26.69 -21.86 9.24
CA HIS F 300 -27.87 -21.55 10.05
C HIS F 300 -27.46 -20.71 11.25
N THR F 301 -28.07 -19.54 11.37
CA THR F 301 -27.86 -18.65 12.50
C THR F 301 -29.22 -18.24 13.07
N THR F 302 -29.22 -17.80 14.32
CA THR F 302 -30.43 -17.37 15.00
C THR F 302 -30.21 -15.99 15.60
N GLY F 303 -31.20 -15.11 15.46
CA GLY F 303 -31.09 -13.77 16.00
C GLY F 303 -32.39 -13.13 16.41
N THR F 304 -32.36 -11.84 16.73
CA THR F 304 -33.51 -11.11 17.24
C THR F 304 -33.74 -9.83 16.44
N VAL F 305 -35.00 -9.50 16.19
CA VAL F 305 -35.34 -8.23 15.56
C VAL F 305 -35.26 -7.13 16.63
N MET F 306 -34.26 -6.26 16.49
CA MET F 306 -34.05 -5.19 17.47
C MET F 306 -34.80 -3.91 17.14
N ALA F 307 -34.96 -3.58 15.86
CA ALA F 307 -35.55 -2.31 15.48
C ALA F 307 -36.03 -2.36 14.05
N TYR F 308 -36.91 -1.42 13.73
CA TYR F 308 -37.44 -1.21 12.38
C TYR F 308 -37.07 0.19 11.90
N ALA F 309 -37.10 0.37 10.58
CA ALA F 309 -36.99 1.68 9.94
C ALA F 309 -35.73 2.45 10.36
N LEU F 310 -34.58 1.85 10.04
CA LEU F 310 -33.28 2.42 10.42
C LEU F 310 -32.93 3.60 9.50
N GLU F 311 -32.93 4.80 10.06
CA GLU F 311 -32.61 6.04 9.37
C GLU F 311 -31.10 6.30 9.36
N TYR F 312 -30.59 6.80 8.23
CA TYR F 312 -29.17 7.16 8.14
C TYR F 312 -28.96 8.26 7.11
N ASN F 313 -28.59 9.45 7.59
CA ASN F 313 -28.28 10.60 6.74
C ASN F 313 -26.77 10.66 6.51
N ASP F 314 -26.32 10.24 5.32
CA ASP F 314 -24.90 10.08 5.01
C ASP F 314 -24.22 11.40 4.61
N GLU F 315 -22.93 11.29 4.27
CA GLU F 315 -22.05 12.43 4.06
C GLU F 315 -22.43 13.26 2.83
N LYS F 316 -23.22 12.72 1.91
CA LYS F 316 -23.64 13.43 0.71
C LYS F 316 -25.00 14.12 0.83
N GLY F 317 -25.76 13.87 1.89
CA GLY F 317 -26.98 14.60 2.14
C GLY F 317 -28.27 13.88 1.79
N ILE F 318 -28.22 12.58 1.50
CA ILE F 318 -29.39 11.77 1.16
C ILE F 318 -29.75 10.89 2.36
N CYS F 319 -31.05 10.79 2.65
CA CYS F 319 -31.57 10.00 3.76
C CYS F 319 -31.88 8.58 3.27
N PHE F 320 -31.33 7.59 3.99
CA PHE F 320 -31.50 6.17 3.63
C PHE F 320 -32.15 5.40 4.78
N PHE F 321 -33.16 4.60 4.44
CA PHE F 321 -33.87 3.75 5.38
C PHE F 321 -33.59 2.27 5.14
N THR F 322 -33.34 1.53 6.23
CA THR F 322 -33.17 0.08 6.20
C THR F 322 -34.26 -0.58 7.04
N ASP F 323 -35.05 -1.45 6.43
CA ASP F 323 -36.28 -1.93 7.06
C ASP F 323 -36.01 -2.64 8.39
N ILE F 324 -35.25 -3.74 8.37
CA ILE F 324 -35.12 -4.61 9.53
C ILE F 324 -33.68 -4.59 10.03
N LEU F 325 -33.53 -4.54 11.35
CA LEU F 325 -32.24 -4.59 12.02
C LEU F 325 -32.20 -5.81 12.95
N VAL F 326 -31.33 -6.77 12.65
CA VAL F 326 -31.23 -8.02 13.39
C VAL F 326 -29.87 -8.11 14.06
N VAL F 327 -29.85 -8.58 15.31
CA VAL F 327 -28.64 -8.89 16.05
C VAL F 327 -28.64 -10.38 16.39
N GLY F 328 -27.53 -11.06 16.12
CA GLY F 328 -27.46 -12.48 16.41
C GLY F 328 -27.52 -12.77 17.89
N GLU F 329 -28.08 -13.93 18.22
CA GLU F 329 -28.25 -14.35 19.61
C GLU F 329 -26.92 -14.79 20.22
N ASN F 330 -26.84 -14.69 21.54
CA ASN F 330 -25.73 -15.20 22.35
C ASN F 330 -24.37 -14.68 21.88
N ARG F 331 -24.31 -13.37 21.60
CA ARG F 331 -23.06 -12.71 21.24
C ARG F 331 -22.37 -13.36 20.04
N GLN F 332 -23.15 -13.87 19.08
CA GLN F 332 -22.60 -14.44 17.86
C GLN F 332 -23.17 -13.70 16.66
N THR F 333 -22.34 -13.50 15.63
CA THR F 333 -22.75 -12.74 14.47
C THR F 333 -23.92 -13.42 13.77
N PHE F 334 -24.89 -12.61 13.34
CA PHE F 334 -26.05 -13.17 12.65
C PHE F 334 -25.71 -13.58 11.22
N ASP F 335 -24.81 -12.87 10.56
CA ASP F 335 -24.46 -13.19 9.18
C ASP F 335 -23.01 -12.81 8.93
N LEU F 336 -22.50 -13.27 7.79
CA LEU F 336 -21.19 -12.89 7.28
C LEU F 336 -21.35 -12.37 5.87
N GLU F 337 -20.24 -11.89 5.30
CA GLU F 337 -20.27 -11.43 3.92
C GLU F 337 -20.59 -12.60 3.00
N GLY F 338 -21.52 -12.39 2.09
CA GLY F 338 -21.99 -13.45 1.25
C GLY F 338 -23.36 -13.99 1.62
N ASP F 339 -23.85 -13.68 2.81
CA ASP F 339 -25.17 -14.16 3.16
C ASP F 339 -26.28 -13.37 2.49
N SER F 340 -25.94 -12.29 1.79
CA SER F 340 -26.95 -11.40 1.22
C SER F 340 -27.88 -12.15 0.28
N GLY F 341 -29.19 -11.95 0.49
CA GLY F 341 -30.24 -12.66 -0.23
C GLY F 341 -30.95 -13.70 0.62
N SER F 342 -30.28 -14.23 1.65
CA SER F 342 -30.85 -15.24 2.52
C SER F 342 -32.16 -14.76 3.14
N LEU F 343 -33.09 -15.70 3.32
CA LEU F 343 -34.39 -15.35 3.90
C LEU F 343 -34.25 -15.16 5.41
N ILE F 344 -34.85 -14.09 5.93
CA ILE F 344 -34.93 -13.82 7.35
C ILE F 344 -36.26 -14.38 7.83
N ILE F 345 -36.23 -15.53 8.49
CA ILE F 345 -37.43 -16.28 8.81
C ILE F 345 -37.79 -16.09 10.28
N LEU F 346 -39.06 -15.79 10.55
CA LEU F 346 -39.56 -15.77 11.91
C LEU F 346 -39.63 -17.20 12.46
N THR F 347 -38.95 -17.45 13.57
CA THR F 347 -39.01 -18.78 14.15
C THR F 347 -40.40 -19.05 14.69
N SER F 348 -40.81 -20.31 14.61
CA SER F 348 -42.11 -20.73 15.14
C SER F 348 -42.15 -20.49 16.64
N GLN F 349 -43.09 -19.65 17.09
CA GLN F 349 -43.13 -19.38 18.52
C GLN F 349 -44.13 -20.26 19.27
N ASP F 350 -45.22 -20.72 18.64
CA ASP F 350 -46.13 -21.64 19.31
C ASP F 350 -46.49 -22.87 18.47
N GLY F 351 -45.73 -23.17 17.41
CA GLY F 351 -46.00 -24.32 16.56
C GLY F 351 -46.49 -24.05 15.16
N GLU F 352 -46.76 -22.81 14.77
CA GLU F 352 -47.06 -22.56 13.37
C GLU F 352 -45.80 -22.74 12.53
N LYS F 353 -45.98 -22.84 11.22
CA LYS F 353 -44.81 -22.96 10.36
C LYS F 353 -44.04 -21.64 10.36
N PRO F 354 -42.71 -21.68 10.40
CA PRO F 354 -41.93 -20.43 10.40
C PRO F 354 -42.13 -19.65 9.11
N ARG F 355 -42.55 -18.38 9.27
CA ARG F 355 -42.87 -17.49 8.15
C ARG F 355 -41.70 -16.56 7.85
N PRO F 356 -41.33 -16.37 6.59
CA PRO F 356 -40.26 -15.42 6.27
C PRO F 356 -40.78 -13.99 6.28
N ILE F 357 -39.97 -13.08 6.83
CA ILE F 357 -40.33 -11.67 6.86
C ILE F 357 -39.40 -10.78 6.03
N GLY F 358 -38.18 -11.22 5.73
CA GLY F 358 -37.29 -10.39 4.94
C GLY F 358 -36.11 -11.15 4.37
N ILE F 359 -35.26 -10.42 3.65
CA ILE F 359 -34.01 -10.96 3.13
C ILE F 359 -32.86 -10.05 3.56
N ILE F 360 -31.69 -10.66 3.75
CA ILE F 360 -30.50 -9.92 4.16
C ILE F 360 -30.03 -8.97 3.05
N TRP F 361 -29.70 -7.75 3.45
CA TRP F 361 -29.21 -6.73 2.54
C TRP F 361 -27.69 -6.72 2.45
N GLY F 362 -27.19 -6.50 1.23
CA GLY F 362 -25.76 -6.42 0.93
C GLY F 362 -25.42 -5.08 0.30
N GLY F 363 -24.47 -4.32 0.86
CA GLY F 363 -24.19 -2.98 0.36
C GLY F 363 -23.01 -2.23 0.96
N THR F 364 -23.08 -0.89 1.01
CA THR F 364 -21.96 -0.11 1.56
C THR F 364 -22.04 -0.02 3.08
N ALA F 365 -23.14 0.49 3.61
CA ALA F 365 -23.31 0.49 5.06
C ALA F 365 -23.95 -0.84 5.49
N ASN F 366 -23.21 -1.92 5.17
CA ASN F 366 -23.75 -3.27 5.42
C ASN F 366 -24.11 -3.47 6.88
N ARG F 367 -23.12 -3.39 7.75
CA ARG F 367 -23.35 -3.71 9.15
C ARG F 367 -22.20 -3.25 10.05
N GLY F 368 -22.54 -2.60 11.16
CA GLY F 368 -21.54 -2.14 12.09
C GLY F 368 -21.72 -2.86 13.41
N ARG F 369 -21.59 -2.16 14.52
CA ARG F 369 -21.70 -2.80 15.82
C ARG F 369 -22.61 -1.97 16.72
N LEU F 370 -23.23 -2.64 17.69
CA LEU F 370 -24.01 -1.95 18.70
C LEU F 370 -23.73 -2.58 20.06
N LYS F 371 -23.60 -1.73 21.07
CA LYS F 371 -23.28 -2.13 22.42
C LYS F 371 -24.54 -2.33 23.24
N LEU F 372 -24.69 -3.51 23.84
CA LEU F 372 -25.85 -3.82 24.66
C LEU F 372 -25.54 -3.87 26.15
N THR F 373 -24.37 -4.39 26.52
CA THR F 373 -23.95 -4.44 27.91
C THR F 373 -22.50 -4.00 28.00
N SER F 374 -22.12 -3.48 29.17
CA SER F 374 -20.74 -3.06 29.37
C SER F 374 -19.79 -4.25 29.34
N ASP F 375 -20.20 -5.36 29.96
CA ASP F 375 -19.34 -6.55 30.01
C ASP F 375 -19.19 -7.18 28.63
N HIS F 376 -20.31 -7.45 27.96
CA HIS F 376 -20.24 -8.00 26.61
C HIS F 376 -19.84 -6.87 25.67
N GLY F 377 -18.87 -7.12 24.80
CA GLY F 377 -18.42 -6.06 23.93
C GLY F 377 -19.46 -5.69 22.89
N PRO F 378 -19.06 -4.99 21.84
CA PRO F 378 -20.02 -4.63 20.80
C PRO F 378 -20.38 -5.85 19.98
N GLU F 379 -21.66 -5.98 19.68
CA GLU F 379 -22.19 -7.06 18.88
C GLU F 379 -22.51 -6.57 17.47
N ASN F 380 -22.55 -7.50 16.52
CA ASN F 380 -22.83 -7.16 15.13
C ASN F 380 -24.33 -7.14 14.88
N TRP F 381 -24.76 -6.20 14.05
CA TRP F 381 -26.16 -6.13 13.63
C TRP F 381 -26.23 -6.29 12.12
N THR F 382 -27.31 -6.90 11.64
CA THR F 382 -27.50 -7.24 10.23
C THR F 382 -28.71 -6.49 9.67
N SER F 383 -28.61 -6.07 8.40
CA SER F 383 -29.68 -5.32 7.76
C SER F 383 -30.56 -6.25 6.93
N GLY F 384 -31.87 -6.10 7.06
CA GLY F 384 -32.81 -6.87 6.27
C GLY F 384 -33.77 -5.97 5.52
N VAL F 385 -34.24 -6.47 4.37
CA VAL F 385 -35.22 -5.79 3.53
C VAL F 385 -36.59 -6.39 3.77
N ASP F 386 -37.62 -5.55 3.89
CA ASP F 386 -38.97 -6.01 4.15
C ASP F 386 -39.48 -6.90 3.02
N LEU F 387 -39.68 -8.19 3.29
CA LEU F 387 -40.07 -9.10 2.23
C LEU F 387 -41.50 -8.83 1.75
N GLY F 388 -42.40 -8.48 2.66
CA GLY F 388 -43.76 -8.17 2.26
C GLY F 388 -43.79 -7.05 1.23
N ARG F 389 -43.05 -5.98 1.51
CA ARG F 389 -42.98 -4.83 0.61
C ARG F 389 -42.15 -5.13 -0.62
N LEU F 390 -41.12 -5.97 -0.51
CA LEU F 390 -40.28 -6.28 -1.65
C LEU F 390 -41.03 -7.10 -2.70
N LEU F 391 -41.79 -8.11 -2.26
CA LEU F 391 -42.56 -8.90 -3.21
C LEU F 391 -43.61 -8.04 -3.91
N ASP F 392 -44.21 -7.09 -3.20
CA ASP F 392 -45.18 -6.20 -3.84
C ASP F 392 -44.53 -5.35 -4.92
N ARG F 393 -43.33 -4.82 -4.65
CA ARG F 393 -42.68 -3.94 -5.60
C ARG F 393 -42.17 -4.70 -6.82
N LEU F 394 -41.65 -5.91 -6.62
CA LEU F 394 -41.21 -6.74 -7.73
C LEU F 394 -42.36 -7.51 -8.37
N GLU F 395 -43.55 -7.47 -7.76
CA GLU F 395 -44.72 -8.18 -8.27
C GLU F 395 -44.47 -9.69 -8.31
N LEU F 396 -44.09 -10.23 -7.15
CA LEU F 396 -43.76 -11.63 -7.00
C LEU F 396 -44.63 -12.28 -5.93
N ASP F 397 -44.86 -13.59 -6.10
CA ASP F 397 -45.52 -14.43 -5.10
C ASP F 397 -44.55 -15.52 -4.69
N ILE F 398 -44.44 -15.76 -3.39
CA ILE F 398 -43.52 -16.78 -2.89
C ILE F 398 -44.19 -18.15 -2.96
N ILE F 399 -43.47 -19.15 -3.46
CA ILE F 399 -43.93 -20.54 -3.53
C ILE F 399 -43.32 -21.29 -2.36
N ILE F 400 -44.18 -21.91 -1.53
CA ILE F 400 -43.72 -22.53 -0.29
C ILE F 400 -43.90 -24.04 -0.24
N THR F 401 -44.59 -24.66 -1.18
CA THR F 401 -44.74 -26.12 -1.19
C THR F 401 -44.29 -26.68 -2.54
N ASN F 402 -43.68 -27.88 -2.48
CA ASN F 402 -43.23 -28.51 -3.72
C ASN F 402 -44.38 -28.78 -4.68
N GLU F 403 -45.59 -29.03 -4.16
CA GLU F 403 -46.73 -29.23 -5.06
C GLU F 403 -47.15 -27.92 -5.72
N SER F 404 -47.17 -26.82 -4.95
CA SER F 404 -47.49 -25.53 -5.55
C SER F 404 -46.46 -25.14 -6.60
N LEU F 405 -45.21 -25.56 -6.41
CA LEU F 405 -44.19 -25.33 -7.43
C LEU F 405 -44.52 -26.11 -8.70
N GLN F 406 -44.82 -27.41 -8.55
CA GLN F 406 -45.17 -28.22 -9.72
C GLN F 406 -46.43 -27.69 -10.40
N ASP F 407 -47.38 -27.20 -9.62
CA ASP F 407 -48.59 -26.60 -10.18
C ASP F 407 -48.26 -25.30 -10.91
N ALA F 408 -47.45 -24.44 -10.28
CA ALA F 408 -47.09 -23.18 -10.92
C ALA F 408 -46.31 -23.42 -12.20
N VAL F 409 -45.47 -24.47 -12.22
CA VAL F 409 -44.71 -24.80 -13.42
C VAL F 409 -45.65 -25.17 -14.56
N GLN F 410 -46.68 -25.97 -14.26
CA GLN F 410 -47.62 -26.41 -15.29
C GLN F 410 -48.52 -25.29 -15.80
N GLN F 411 -48.76 -24.24 -15.01
CA GLN F 411 -49.60 -23.13 -15.47
C GLN F 411 -48.68 -21.94 -15.73
N GLN F 412 -48.29 -21.77 -16.99
CA GLN F 412 -47.49 -20.62 -17.38
C GLN F 412 -48.00 -19.97 -18.65
PG ATP G . -14.25 37.74 -13.39
O1G ATP G . -15.23 36.59 -13.29
O2G ATP G . -13.26 37.81 -12.26
O3G ATP G . -13.62 37.91 -14.75
PB ATP G . -15.65 39.66 -11.84
O1B ATP G . -16.34 40.96 -12.14
O2B ATP G . -14.46 39.67 -10.90
O3B ATP G . -15.19 39.04 -13.26
PA ATP G . -16.62 37.76 -9.96
O1A ATP G . -17.27 38.52 -8.82
O2A ATP G . -15.21 37.28 -9.81
O3A ATP G . -16.75 38.60 -11.34
O5' ATP G . -17.55 36.49 -10.27
C5' ATP G . -18.96 36.53 -10.11
C4' ATP G . -19.49 35.27 -10.78
O4' ATP G . -19.13 34.13 -10.00
C3' ATP G . -21.00 35.21 -10.94
O3' ATP G . -21.42 35.71 -12.21
C2' ATP G . -21.29 33.73 -10.89
O2' ATP G . -21.37 33.25 -12.23
C1' ATP G . -20.12 33.11 -10.13
N9 ATP G . -20.58 32.69 -8.79
C8 ATP G . -21.21 33.47 -7.90
N7 ATP G . -21.51 32.79 -6.76
C5 ATP G . -21.05 31.53 -6.92
C6 ATP G . -21.04 30.30 -6.11
N6 ATP G . -21.59 30.30 -4.87
N1 ATP G . -20.47 29.21 -6.63
C2 ATP G . -19.93 29.21 -7.86
N3 ATP G . -19.91 30.29 -8.66
C4 ATP G . -20.45 31.46 -8.26
MG MG H . -13.09 37.70 -10.14
PG ATP I . 36.13 21.34 -6.47
O1G ATP I . 35.51 21.40 -5.09
O2G ATP I . 36.04 19.98 -7.10
O3G ATP I . 35.75 22.47 -7.39
PB ATP I . 38.72 20.50 -5.67
O1B ATP I . 40.11 21.09 -5.67
O2B ATP I . 38.45 19.24 -6.44
O3B ATP I . 37.68 21.64 -6.16
PA ATP I . 37.77 18.89 -3.54
O1A ATP I . 38.98 18.18 -2.97
O2A ATP I . 36.85 18.18 -4.49
O3A ATP I . 38.27 20.30 -4.14
O5' ATP I . 36.87 19.41 -2.32
C5' ATP I . 37.43 19.80 -1.08
C4' ATP I . 36.31 20.45 -0.28
O4' ATP I . 35.35 19.46 0.10
C3' ATP I . 36.78 21.10 1.01
O3' ATP I . 37.06 22.48 0.77
C2' ATP I . 35.57 20.97 1.93
O2' ATP I . 34.79 22.16 1.86
C1' ATP I . 34.78 19.79 1.36
N9 ATP I . 34.90 18.62 2.28
C8 ATP I . 36.04 18.10 2.76
N7 ATP I . 35.79 17.05 3.59
C5 ATP I . 34.46 16.89 3.64
C6 ATP I . 33.52 15.95 4.33
N6 ATP I . 33.95 14.96 5.13
N1 ATP I . 32.20 16.13 4.12
C2 ATP I . 31.74 17.11 3.31
N3 ATP I . 32.53 17.99 2.66
C4 ATP I . 33.87 17.93 2.79
MG MG J . 36.46 17.76 -6.46
PG ATP K . 4.85 -2.83 -42.06
O1G ATP K . 5.47 -3.91 -41.21
O2G ATP K . 3.49 -2.38 -41.61
O3G ATP K . 5.79 -1.68 -42.38
PB ATP K . 3.34 -4.48 -43.82
O1B ATP K . 3.44 -4.89 -45.26
O2B ATP K . 2.07 -3.86 -43.31
O3B ATP K . 4.63 -3.56 -43.48
PA ATP K . 2.70 -6.31 -41.80
O1A ATP K . 1.73 -7.29 -42.41
O2A ATP K . 2.21 -5.16 -40.98
O3A ATP K . 3.68 -5.79 -42.96
O5' ATP K . 3.73 -7.15 -40.89
C5' ATP K . 4.08 -8.47 -41.25
C4' ATP K . 5.25 -8.85 -40.35
O4' ATP K . 4.79 -8.99 -39.01
C3' ATP K . 5.92 -10.16 -40.72
O3' ATP K . 6.98 -9.92 -41.64
C2' ATP K . 6.43 -10.65 -39.39
O2' ATP K . 7.80 -10.27 -39.22
C1' ATP K . 5.56 -9.98 -38.34
N9 ATP K . 4.65 -10.97 -37.71
C8 ATP K . 3.81 -11.79 -38.36
N7 ATP K . 3.13 -12.57 -37.48
C5 ATP K . 3.55 -12.25 -36.24
C6 ATP K . 3.25 -12.69 -34.86
N6 ATP K . 2.34 -13.66 -34.61
N1 ATP K . 3.91 -12.09 -33.84
C2 ATP K . 4.82 -11.11 -34.07
N3 ATP K . 5.14 -10.67 -35.30
C4 ATP K . 4.55 -11.19 -36.40
MG MG L . 1.36 -3.29 -41.23
PG ATP M . 19.44 -18.48 32.92
O1G ATP M . 20.11 -18.61 31.57
O2G ATP M . 18.85 -17.12 33.19
O3G ATP M . 18.49 -19.59 33.29
PB ATP M . 21.65 -17.42 34.34
O1B ATP M . 22.61 -17.94 35.38
O2B ATP M . 20.82 -16.20 34.65
O3B ATP M . 20.69 -18.65 33.93
PA ATP M . 22.51 -15.76 32.24
O1A ATP M . 23.58 -14.85 32.80
O2A ATP M . 21.08 -15.26 32.15
O3A ATP M . 22.52 -17.18 33.01
O5' ATP M . 22.96 -16.22 30.77
C5' ATP M . 24.33 -16.40 30.45
C4' ATP M . 24.31 -17.11 29.10
O4' ATP M . 23.88 -16.19 28.10
C3' ATP M . 25.67 -17.60 28.65
O3' ATP M . 25.91 -18.95 29.05
C2' ATP M . 25.57 -17.55 27.15
O2' ATP M . 25.11 -18.83 26.71
C1' ATP M . 24.51 -16.49 26.85
N9 ATP M . 25.19 -15.28 26.31
C8 ATP M . 26.21 -14.62 26.90
N7 ATP M . 26.62 -13.56 26.15
C5 ATP M . 25.85 -13.54 25.05
C6 ATP M . 25.75 -12.67 23.86
N6 ATP M . 26.58 -11.62 23.70
N1 ATP M . 24.80 -12.97 22.95
C2 ATP M . 23.97 -14.03 23.11
N3 ATP M . 24.02 -14.86 24.17
C4 ATP M . 24.91 -14.67 25.17
MG MG N . 19.48 -15.16 33.47
PG ATP O . -15.94 -39.08 -0.77
O1G ATP O . -16.63 -38.07 -1.67
O2G ATP O . -14.42 -39.08 -0.73
O3G ATP O . -16.65 -39.32 0.55
PB ATP O . -15.42 -40.97 -2.80
O1B ATP O . -16.26 -42.03 -3.49
O2B ATP O . -13.92 -41.07 -2.52
O3B ATP O . -16.26 -40.42 -1.56
PA ATP O . -14.62 -39.26 -4.84
O1A ATP O . -14.21 -40.20 -5.98
O2A ATP O . -13.61 -38.72 -3.86
O3A ATP O . -15.72 -40.01 -4.00
O5' ATP O . -15.62 -38.12 -5.38
C5' ATP O . -16.40 -38.35 -6.54
C4' ATP O . -17.39 -37.21 -6.57
O4' ATP O . -16.67 -36.01 -6.85
C3' ATP O . -18.47 -37.33 -7.65
O3' ATP O . -19.66 -37.92 -7.14
C2' ATP O . -18.75 -35.88 -8.01
O2' ATP O . -19.90 -35.40 -7.31
C1' ATP O . -17.50 -35.12 -7.60
N9 ATP O . -16.73 -34.70 -8.79
C8 ATP O . -16.29 -35.51 -9.78
N7 ATP O . -15.62 -34.81 -10.72
C5 ATP O . -15.61 -33.52 -10.35
C6 ATP O . -15.07 -32.26 -10.90
N6 ATP O . -14.39 -32.23 -12.07
N1 ATP O . -15.29 -31.12 -10.19
C2 ATP O . -15.96 -31.14 -9.02
N3 ATP O . -16.48 -32.25 -8.47
C4 ATP O . -16.34 -33.46 -9.08
MG MG P . -12.52 -38.81 -2.02
PG ATP Q . -30.10 1.81 29.86
O1G ATP Q . -29.13 2.96 29.86
O2G ATP Q . -30.52 1.31 28.51
O3G ATP Q . -29.71 0.70 30.80
PB ATP Q . -32.51 3.29 29.69
O1B ATP Q . -33.66 3.58 30.62
O2B ATP Q . -32.80 2.57 28.40
O3B ATP Q . -31.42 2.46 30.52
PA ATP Q . -31.48 5.24 27.92
O1A ATP Q . -32.61 6.16 27.51
O2A ATP Q . -31.05 4.11 27.02
O3A ATP Q . -31.76 4.68 29.41
O5' ATP Q . -30.19 6.16 28.18
C5' ATP Q . -30.31 7.48 28.66
C4' ATP Q . -28.89 7.91 29.02
O4' ATP Q . -28.13 8.05 27.82
C3' ATP Q . -28.81 9.25 29.74
O3' ATP Q . -28.83 9.10 31.16
C2' ATP Q . -27.47 9.78 29.31
O2' ATP Q . -26.51 9.40 30.30
C1' ATP Q . -27.17 9.09 27.99
N9 ATP Q . -27.32 10.08 26.88
C8 ATP Q . -28.39 10.87 26.68
N7 ATP Q . -28.21 11.67 25.60
C5 ATP Q . -27.00 11.39 25.08
C6 ATP Q . -26.19 11.88 23.94
N6 ATP Q . -26.64 12.84 23.10
N1 ATP Q . -24.97 11.32 23.75
C2 ATP Q . -24.51 10.37 24.58
N3 ATP Q . -25.18 9.89 25.64
C4 ATP Q . -26.41 10.36 25.95
MG MG R . -31.29 2.09 26.36
#